data_8VUW
#
_entry.id   8VUW
#
_cell.length_a   1.00
_cell.length_b   1.00
_cell.length_c   1.00
_cell.angle_alpha   90.00
_cell.angle_beta   90.00
_cell.angle_gamma   90.00
#
_symmetry.space_group_name_H-M   'P 1'
#
loop_
_entity.id
_entity.type
_entity.pdbx_description
1 polymer 'Erwinia chrysanthemi ligand-gated ion channel'
2 non-polymer '(1R)-2-{[(S)-{[(2S)-2,3-dihydroxypropyl]oxy}(hydroxy)phosphoryl]oxy}-1-[(hexadecanoyloxy)methyl]ethyl (9Z)-octadec-9-enoate'
3 non-polymer 2-AMINO-ETHANETHIOL
#
_entity_poly.entity_id   1
_entity_poly.type   'polypeptide(L)'
_entity_poly.pdbx_seq_one_letter_code
;APADNAADARPVDVSVSIFINKIYGVNTLEQTYKVDGYIVAQWTGKPRKTPGDKPLIVENTQIERWINNGLWVPALEFIN
VVGSPDTGNKRLMLFPDGRVIYNARFLGSFSNDMDFRLFPFDRQQFVLELEPFSYNNQQLRFSDIQVYTENIDNEEIDEW
WIRGKASTHISDIRYDHLSSVQPNQNEFSRITVRIDAVRNPSYYLWSFILPLGLIIAASWSVFWLESFSERLQTSFTLML
TVVAYAFYTSNILGRLPYTTYIDQMIIAGYGSIFAAILLIIFAHHRQANGVEDDLLIQRSRLAFPLGFLAIGCVLVIRFF
TL
;
_entity_poly.pdbx_strand_id   A,B,C,D,E
#
loop_
_chem_comp.id
_chem_comp.type
_chem_comp.name
_chem_comp.formula
PGW non-polymer '(1R)-2-{[(S)-{[(2S)-2,3-dihydroxypropyl]oxy}(hydroxy)phosphoryl]oxy}-1-[(hexadecanoyloxy)methyl]ethyl (9Z)-octadec-9-enoate' 'C40 H77 O10 P'
#
# COMPACT_ATOMS: atom_id res chain seq x y z
N PRO A 11 30.61 21.61 29.94
CA PRO A 11 30.14 20.93 28.73
C PRO A 11 30.96 21.32 27.51
N VAL A 12 30.62 20.78 26.35
CA VAL A 12 31.27 21.15 25.09
C VAL A 12 30.24 21.83 24.20
N ASP A 13 30.69 22.85 23.48
CA ASP A 13 29.81 23.63 22.64
C ASP A 13 29.74 23.00 21.25
N VAL A 14 28.57 22.53 20.87
CA VAL A 14 28.36 21.90 19.57
C VAL A 14 27.52 22.85 18.72
N SER A 15 28.09 23.32 17.63
CA SER A 15 27.43 24.25 16.71
C SER A 15 26.89 23.45 15.53
N VAL A 16 25.60 23.53 15.30
CA VAL A 16 24.91 22.68 14.32
C VAL A 16 24.52 23.54 13.12
N SER A 17 24.64 22.96 11.93
CA SER A 17 24.14 23.56 10.70
C SER A 17 23.31 22.50 9.98
N ILE A 18 22.02 22.77 9.80
CA ILE A 18 21.13 21.83 9.12
C ILE A 18 20.79 22.41 7.77
N PHE A 19 21.20 21.73 6.71
CA PHE A 19 20.86 22.12 5.35
C PHE A 19 19.73 21.21 4.89
N ILE A 20 18.57 21.79 4.59
CA ILE A 20 17.43 21.02 4.14
C ILE A 20 17.49 20.94 2.62
N ASN A 21 17.82 19.75 2.11
CA ASN A 21 17.86 19.57 0.66
C ASN A 21 16.46 19.65 0.08
N LYS A 22 15.52 18.90 0.64
CA LYS A 22 14.15 18.89 0.15
C LYS A 22 13.21 18.38 1.24
N ILE A 23 11.96 18.84 1.18
CA ILE A 23 10.88 18.29 1.97
C ILE A 23 9.87 17.70 0.99
N TYR A 24 9.54 16.43 1.18
CA TYR A 24 8.71 15.71 0.24
C TYR A 24 7.88 14.70 1.01
N GLY A 25 6.89 14.14 0.32
CA GLY A 25 6.07 13.10 0.92
C GLY A 25 5.30 13.55 2.14
N VAL A 26 4.72 14.75 2.08
CA VAL A 26 3.98 15.29 3.21
C VAL A 26 2.67 14.53 3.31
N ASN A 27 2.64 13.55 4.20
CA ASN A 27 1.51 12.65 4.34
C ASN A 27 0.64 13.19 5.47
N THR A 28 -0.57 13.64 5.13
CA THR A 28 -1.48 14.17 6.13
C THR A 28 -2.34 13.09 6.77
N LEU A 29 -2.27 11.85 6.28
CA LEU A 29 -3.00 10.75 6.91
C LEU A 29 -2.44 10.46 8.30
N GLU A 30 -1.12 10.29 8.41
CA GLU A 30 -0.47 10.13 9.70
C GLU A 30 0.33 11.35 10.12
N GLN A 31 0.15 12.48 9.43
CA GLN A 31 0.75 13.77 9.78
C GLN A 31 2.28 13.69 9.82
N THR A 32 2.86 13.04 8.82
CA THR A 32 4.30 12.94 8.70
C THR A 32 4.77 13.58 7.40
N TYR A 33 6.05 13.88 7.35
CA TYR A 33 6.66 14.52 6.19
C TYR A 33 8.10 14.05 6.13
N LYS A 34 8.58 13.74 4.93
CA LYS A 34 9.92 13.22 4.78
C LYS A 34 10.86 14.38 4.48
N VAL A 35 11.87 14.54 5.33
CA VAL A 35 12.86 15.61 5.20
C VAL A 35 14.21 14.96 4.90
N ASP A 36 14.85 15.44 3.85
CA ASP A 36 16.19 15.03 3.45
C ASP A 36 17.12 16.21 3.63
N GLY A 37 18.33 15.95 4.10
CA GLY A 37 19.26 17.05 4.29
C GLY A 37 20.59 16.59 4.82
N TYR A 38 21.38 17.56 5.21
CA TYR A 38 22.70 17.35 5.80
C TYR A 38 22.76 18.04 7.15
N ILE A 39 23.43 17.41 8.10
CA ILE A 39 23.65 17.98 9.43
C ILE A 39 25.14 18.05 9.68
N VAL A 40 25.61 19.22 10.11
CA VAL A 40 27.01 19.50 10.35
C VAL A 40 27.14 19.95 11.80
N ALA A 41 27.66 19.07 12.66
CA ALA A 41 27.88 19.40 14.06
C ALA A 41 29.37 19.62 14.29
N GLN A 42 29.73 20.79 14.80
CA GLN A 42 31.12 21.21 14.95
C GLN A 42 31.40 21.50 16.41
N TRP A 43 32.42 20.86 16.96
CA TRP A 43 32.86 21.15 18.33
C TRP A 43 34.37 21.23 18.33
N THR A 44 34.95 21.53 19.49
CA THR A 44 36.39 21.64 19.62
C THR A 44 36.89 20.69 20.70
N GLY A 45 37.98 20.00 20.41
CA GLY A 45 38.60 19.12 21.38
C GLY A 45 40.08 19.39 21.54
N LYS A 46 40.82 18.39 22.00
CA LYS A 46 42.27 18.52 22.12
C LYS A 46 42.91 18.54 20.74
N PRO A 47 44.01 19.28 20.58
CA PRO A 47 44.68 19.33 19.28
C PRO A 47 45.28 17.99 18.89
N ARG A 48 45.32 17.74 17.59
CA ARG A 48 45.78 16.46 17.06
C ARG A 48 46.67 16.70 15.86
N LYS A 49 47.38 15.66 15.45
CA LYS A 49 48.27 15.68 14.30
C LYS A 49 47.66 14.89 13.15
N THR A 50 47.72 15.46 11.96
CA THR A 50 47.16 14.90 10.74
C THR A 50 48.25 14.80 9.70
N PRO A 51 48.09 13.93 8.68
CA PRO A 51 49.04 13.92 7.55
C PRO A 51 49.10 15.26 6.84
N GLY A 52 50.25 15.92 6.91
CA GLY A 52 50.36 17.30 6.51
C GLY A 52 49.84 18.21 7.60
N ASP A 53 49.10 19.25 7.21
CA ASP A 53 48.37 20.05 8.17
C ASP A 53 46.95 20.36 7.70
N LYS A 54 46.51 19.73 6.62
CA LYS A 54 45.13 19.87 6.17
C LYS A 54 44.21 19.15 7.15
N PRO A 55 42.95 19.58 7.23
CA PRO A 55 41.95 18.77 7.96
C PRO A 55 41.80 17.40 7.32
N LEU A 56 41.71 16.38 8.16
CA LEU A 56 41.65 15.00 7.70
C LEU A 56 40.19 14.58 7.59
N ILE A 57 39.82 14.03 6.44
CA ILE A 57 38.46 13.59 6.18
C ILE A 57 38.39 12.09 6.37
N VAL A 58 37.54 11.65 7.29
CA VAL A 58 37.30 10.24 7.54
C VAL A 58 35.90 9.93 7.03
N GLU A 59 35.80 9.05 6.04
CA GLU A 59 34.51 8.79 5.40
C GLU A 59 33.67 7.87 6.29
N ASN A 60 32.59 7.37 5.74
CA ASN A 60 31.76 6.44 6.47
C ASN A 60 32.57 5.22 6.76
N THR A 61 32.10 4.36 7.65
CA THR A 61 32.79 3.08 7.95
C THR A 61 34.11 3.27 8.67
N GLN A 62 34.73 4.42 8.52
CA GLN A 62 35.98 4.70 9.19
C GLN A 62 35.78 5.55 10.42
N ILE A 63 34.61 6.15 10.61
CA ILE A 63 34.40 6.87 11.85
C ILE A 63 34.43 5.89 13.02
N GLU A 64 33.97 4.66 12.80
CA GLU A 64 33.97 3.64 13.86
C GLU A 64 35.39 3.33 14.32
N ARG A 65 36.36 3.28 13.40
CA ARG A 65 37.74 3.03 13.78
C ARG A 65 38.30 4.13 14.65
N TRP A 66 37.96 5.38 14.33
CA TRP A 66 38.42 6.51 15.14
C TRP A 66 37.71 6.56 16.49
N ILE A 67 36.45 6.14 16.55
CA ILE A 67 35.75 6.09 17.82
C ILE A 67 36.30 4.98 18.71
N ASN A 68 36.65 3.83 18.10
CA ASN A 68 37.30 2.76 18.86
C ASN A 68 38.69 3.17 19.31
N ASN A 69 39.35 4.03 18.54
CA ASN A 69 40.62 4.59 18.98
C ASN A 69 40.46 5.47 20.21
N GLY A 70 39.31 6.13 20.36
CA GLY A 70 39.03 6.88 21.55
C GLY A 70 38.49 8.28 21.31
N LEU A 71 38.22 8.61 20.05
CA LEU A 71 37.73 9.93 19.72
C LEU A 71 36.26 10.07 20.12
N TRP A 72 35.92 11.21 20.70
CA TRP A 72 34.58 11.48 21.21
C TRP A 72 33.71 11.98 20.06
N VAL A 73 32.75 11.16 19.64
CA VAL A 73 31.76 11.56 18.64
C VAL A 73 30.37 11.36 19.25
N PRO A 74 29.61 12.43 19.46
CA PRO A 74 28.26 12.28 20.03
C PRO A 74 27.28 11.70 19.03
N ALA A 75 26.27 11.03 19.56
CA ALA A 75 25.20 10.45 18.76
C ALA A 75 24.00 11.39 18.86
N LEU A 76 23.87 12.28 17.89
CA LEU A 76 22.72 13.17 17.83
C LEU A 76 21.57 12.46 17.14
N GLU A 77 20.40 12.50 17.75
CA GLU A 77 19.23 11.80 17.25
C GLU A 77 18.12 12.80 16.98
N PHE A 78 17.15 12.35 16.20
CA PHE A 78 15.96 13.15 15.90
C PHE A 78 14.81 12.66 16.75
N ILE A 79 14.15 13.59 17.44
CA ILE A 79 13.16 13.22 18.43
C ILE A 79 11.81 12.92 17.78
N ASN A 80 11.38 13.78 16.87
CA ASN A 80 10.06 13.67 16.27
C ASN A 80 10.06 12.79 15.01
N VAL A 81 10.98 11.85 14.92
CA VAL A 81 11.09 11.02 13.73
C VAL A 81 10.15 9.82 13.84
N VAL A 82 9.65 9.37 12.68
CA VAL A 82 8.84 8.17 12.56
C VAL A 82 9.69 7.11 11.90
N GLY A 83 9.82 5.96 12.55
CA GLY A 83 10.79 4.98 12.11
C GLY A 83 12.20 5.37 12.53
N SER A 84 13.16 4.66 11.99
CA SER A 84 14.54 5.07 12.18
C SER A 84 15.00 5.87 10.98
N PRO A 85 15.73 6.96 11.18
CA PRO A 85 16.14 7.79 10.04
C PRO A 85 17.16 7.09 9.17
N ASP A 86 17.01 7.22 7.86
CA ASP A 86 18.00 6.71 6.93
C ASP A 86 19.22 7.62 6.93
N THR A 87 20.37 7.09 7.32
CA THR A 87 21.61 7.85 7.32
C THR A 87 22.39 7.44 6.09
N GLY A 88 22.66 8.41 5.22
CA GLY A 88 23.46 8.15 4.05
C GLY A 88 24.93 8.13 4.40
N ASN A 89 25.75 8.85 3.63
CA ASN A 89 27.15 8.96 3.98
C ASN A 89 27.32 9.84 5.21
N LYS A 90 28.36 9.57 5.98
CA LYS A 90 28.75 10.43 7.08
C LYS A 90 30.26 10.64 7.03
N ARG A 91 30.69 11.88 7.09
CA ARG A 91 32.10 12.22 7.13
C ARG A 91 32.43 12.85 8.47
N LEU A 92 33.69 12.71 8.85
CA LEU A 92 34.23 13.22 10.10
C LEU A 92 35.50 13.95 9.75
N MET A 93 35.48 15.28 9.86
CA MET A 93 36.56 16.12 9.39
C MET A 93 37.27 16.71 10.61
N LEU A 94 38.53 16.30 10.80
CA LEU A 94 39.31 16.63 11.98
C LEU A 94 40.33 17.71 11.65
N PHE A 95 40.60 18.57 12.61
CA PHE A 95 41.52 19.65 12.35
C PHE A 95 42.79 19.51 13.18
N PRO A 96 43.93 20.01 12.67
CA PRO A 96 45.13 20.09 13.51
C PRO A 96 44.95 20.94 14.75
N ASP A 97 44.17 22.03 14.68
CA ASP A 97 43.96 22.88 15.84
C ASP A 97 43.01 22.26 16.86
N GLY A 98 42.35 21.17 16.51
CA GLY A 98 41.61 20.38 17.49
C GLY A 98 40.11 20.34 17.29
N ARG A 99 39.56 21.05 16.32
CA ARG A 99 38.12 21.07 16.13
C ARG A 99 37.68 19.89 15.28
N VAL A 100 36.55 19.31 15.66
CA VAL A 100 35.99 18.12 15.04
C VAL A 100 34.67 18.49 14.40
N ILE A 101 34.44 17.99 13.20
CA ILE A 101 33.23 18.28 12.44
C ILE A 101 32.61 16.95 12.01
N TYR A 102 31.34 16.76 12.31
CA TYR A 102 30.63 15.54 11.94
C TYR A 102 29.52 15.95 11.00
N ASN A 103 29.65 15.59 9.73
CA ASN A 103 28.65 15.89 8.72
C ASN A 103 27.98 14.59 8.31
N ALA A 104 26.66 14.61 8.17
CA ALA A 104 25.94 13.38 7.88
C ALA A 104 24.67 13.71 7.13
N ARG A 105 24.36 12.92 6.11
CA ARG A 105 23.15 13.08 5.33
C ARG A 105 22.03 12.32 6.03
N PHE A 106 21.02 13.03 6.51
CA PHE A 106 19.86 12.42 7.13
C PHE A 106 18.69 12.40 6.17
N LEU A 107 17.88 11.35 6.28
CA LEU A 107 16.62 11.25 5.55
C LEU A 107 15.63 10.62 6.50
N GLY A 108 14.63 11.38 6.93
CA GLY A 108 13.75 10.92 7.98
C GLY A 108 12.31 11.27 7.72
N SER A 109 11.42 10.41 8.20
CA SER A 109 10.00 10.72 8.26
C SER A 109 9.73 11.36 9.61
N PHE A 110 9.48 12.65 9.62
CA PHE A 110 9.27 13.40 10.85
C PHE A 110 7.79 13.68 11.03
N SER A 111 7.33 13.63 12.27
CA SER A 111 5.94 13.87 12.61
C SER A 111 5.79 15.19 13.34
N ASN A 112 4.73 15.91 13.01
CA ASN A 112 4.33 17.10 13.76
C ASN A 112 2.83 17.05 13.97
N ASP A 113 2.38 17.62 15.09
CA ASP A 113 0.95 17.72 15.37
C ASP A 113 0.34 18.75 14.44
N MET A 114 -0.46 18.30 13.49
CA MET A 114 -1.06 19.16 12.48
C MET A 114 -2.53 19.38 12.79
N ASP A 115 -2.97 20.64 12.67
CA ASP A 115 -4.35 21.03 12.91
C ASP A 115 -5.00 21.36 11.58
N PHE A 116 -6.03 20.59 11.22
CA PHE A 116 -6.69 20.72 9.93
C PHE A 116 -8.08 21.35 10.04
N ARG A 117 -8.28 22.23 11.02
CA ARG A 117 -9.60 22.84 11.18
C ARG A 117 -9.94 23.81 10.06
N LEU A 118 -8.94 24.25 9.30
CA LEU A 118 -9.12 25.09 8.12
C LEU A 118 -8.42 24.36 6.99
N PHE A 119 -9.09 23.36 6.38
CA PHE A 119 -8.35 22.38 5.58
C PHE A 119 -7.83 22.91 4.25
N PRO A 120 -8.64 23.48 3.35
CA PRO A 120 -8.02 23.98 2.11
C PRO A 120 -7.12 25.16 2.37
N PHE A 121 -7.48 25.99 3.33
CA PHE A 121 -6.79 27.24 3.61
C PHE A 121 -6.02 27.00 4.90
N ASP A 122 -4.91 26.28 4.79
CA ASP A 122 -4.28 25.63 5.93
C ASP A 122 -2.86 26.12 6.14
N ARG A 123 -2.51 26.34 7.40
CA ARG A 123 -1.16 26.71 7.80
C ARG A 123 -0.67 25.65 8.77
N GLN A 124 0.45 25.00 8.43
CA GLN A 124 1.09 24.01 9.28
C GLN A 124 2.54 24.40 9.44
N GLN A 125 3.29 23.59 10.18
CA GLN A 125 4.73 23.80 10.23
C GLN A 125 5.44 22.46 10.36
N PHE A 126 6.52 22.32 9.62
CA PHE A 126 7.37 21.14 9.66
C PHE A 126 8.44 21.35 10.72
N VAL A 127 8.53 20.43 11.67
CA VAL A 127 9.38 20.57 12.84
C VAL A 127 10.46 19.51 12.82
N LEU A 128 11.71 19.92 12.98
CA LEU A 128 12.84 19.01 13.15
C LEU A 128 13.36 19.19 14.57
N GLU A 129 13.29 18.13 15.37
CA GLU A 129 13.76 18.17 16.75
C GLU A 129 15.00 17.31 16.87
N LEU A 130 16.12 17.94 17.23
CA LEU A 130 17.42 17.31 17.29
C LEU A 130 17.96 17.37 18.71
N GLU A 131 18.50 16.25 19.19
CA GLU A 131 18.87 16.17 20.59
C GLU A 131 19.97 15.14 20.78
N PRO A 132 20.93 15.39 21.67
CA PRO A 132 21.92 14.35 21.99
C PRO A 132 21.24 13.17 22.67
N PHE A 133 21.67 11.97 22.28
CA PHE A 133 21.02 10.79 22.83
C PHE A 133 21.48 10.52 24.26
N SER A 134 22.76 10.76 24.53
CA SER A 134 23.39 10.34 25.78
C SER A 134 23.72 11.50 26.71
N TYR A 135 24.20 12.60 26.17
CA TYR A 135 24.81 13.66 26.97
C TYR A 135 23.79 14.75 27.26
N ASN A 136 23.65 15.09 28.53
CA ASN A 136 22.82 16.21 28.95
C ASN A 136 23.59 17.52 28.77
N ASN A 137 22.93 18.65 29.07
CA ASN A 137 23.55 19.94 28.77
C ASN A 137 24.70 20.28 29.71
N GLN A 138 24.91 19.51 30.77
CA GLN A 138 26.13 19.64 31.55
C GLN A 138 27.34 19.02 30.85
N GLN A 139 27.12 18.16 29.85
CA GLN A 139 28.20 17.55 29.09
C GLN A 139 28.18 17.90 27.61
N LEU A 140 27.08 18.43 27.08
CA LEU A 140 27.03 18.82 25.67
C LEU A 140 25.96 19.90 25.55
N ARG A 141 26.38 21.11 25.21
CA ARG A 141 25.47 22.22 25.02
C ARG A 141 25.50 22.65 23.55
N PHE A 142 24.32 22.83 22.97
CA PHE A 142 24.22 23.35 21.60
C PHE A 142 24.44 24.85 21.65
N SER A 143 25.58 25.30 21.14
CA SER A 143 25.92 26.72 21.22
C SER A 143 25.02 27.56 20.32
N ASP A 144 24.87 27.18 19.06
CA ASP A 144 23.98 27.86 18.14
C ASP A 144 23.64 26.92 16.99
N ILE A 145 22.57 27.26 16.29
CA ILE A 145 22.23 26.60 15.03
C ILE A 145 21.82 27.66 14.00
N GLN A 146 22.33 27.49 12.78
CA GLN A 146 21.83 28.18 11.61
C GLN A 146 21.33 27.12 10.63
N VAL A 147 20.08 27.23 10.21
CA VAL A 147 19.50 26.32 9.24
C VAL A 147 19.55 26.97 7.87
N TYR A 148 20.19 26.29 6.92
CA TYR A 148 20.40 26.81 5.58
C TYR A 148 19.34 26.18 4.69
N THR A 149 18.13 26.69 4.80
CA THR A 149 17.02 26.21 3.98
C THR A 149 16.80 27.06 2.73
N GLU A 150 17.88 27.38 2.01
CA GLU A 150 17.72 28.21 0.82
C GLU A 150 17.21 27.41 -0.37
N ASN A 151 17.30 26.09 -0.31
CA ASN A 151 16.91 25.27 -1.44
C ASN A 151 15.38 25.21 -1.56
N ILE A 152 14.67 25.33 -0.45
CA ILE A 152 13.20 25.28 -0.45
C ILE A 152 12.61 26.54 0.19
N ASP A 153 13.38 27.65 0.22
CA ASP A 153 13.02 28.81 1.02
C ASP A 153 11.70 29.43 0.57
N ASN A 154 11.49 29.53 -0.74
CA ASN A 154 10.25 30.04 -1.31
C ASN A 154 9.91 29.11 -2.48
N GLU A 155 9.23 28.02 -2.17
CA GLU A 155 9.06 26.94 -3.13
C GLU A 155 7.84 26.11 -2.74
N GLU A 156 7.05 25.75 -3.73
CA GLU A 156 5.93 24.84 -3.55
C GLU A 156 6.41 23.42 -3.78
N ILE A 157 6.18 22.54 -2.81
CA ILE A 157 6.72 21.19 -2.95
C ILE A 157 5.68 20.26 -3.58
N ASP A 158 4.57 20.03 -2.91
CA ASP A 158 3.43 19.32 -3.52
C ASP A 158 2.19 20.19 -3.54
N GLU A 159 1.70 20.59 -2.37
CA GLU A 159 0.63 21.58 -2.29
C GLU A 159 0.92 22.55 -1.14
N TRP A 160 2.16 22.61 -0.67
CA TRP A 160 2.57 23.46 0.43
C TRP A 160 3.55 24.50 -0.08
N TRP A 161 3.22 25.76 0.09
CA TRP A 161 4.19 26.84 -0.08
C TRP A 161 4.99 26.98 1.20
N ILE A 162 6.30 27.11 1.06
CA ILE A 162 7.15 27.38 2.21
C ILE A 162 7.28 28.89 2.35
N ARG A 163 6.67 29.44 3.40
CA ARG A 163 6.65 30.88 3.64
C ARG A 163 7.54 31.24 4.80
N GLY A 164 8.35 32.28 4.61
CA GLY A 164 9.22 32.76 5.67
C GLY A 164 10.49 31.95 5.80
N LYS A 165 11.24 32.29 6.85
CA LYS A 165 12.46 31.58 7.18
C LYS A 165 12.17 30.47 8.18
N ALA A 166 13.14 29.58 8.36
CA ALA A 166 13.03 28.50 9.32
C ALA A 166 13.45 29.05 10.68
N SER A 167 12.48 29.18 11.59
CA SER A 167 12.79 29.67 12.93
C SER A 167 13.50 28.58 13.72
N THR A 168 14.62 28.95 14.34
CA THR A 168 15.48 28.02 15.05
C THR A 168 15.47 28.35 16.52
N HIS A 169 15.24 27.34 17.36
CA HIS A 169 15.22 27.54 18.80
C HIS A 169 16.10 26.49 19.46
N ILE A 170 16.78 26.88 20.52
CA ILE A 170 17.53 25.97 21.36
C ILE A 170 16.95 26.01 22.75
N SER A 171 16.37 24.90 23.18
CA SER A 171 15.71 24.79 24.47
C SER A 171 16.38 23.67 25.26
N ASP A 172 15.84 23.40 26.44
CA ASP A 172 16.34 22.34 27.30
C ASP A 172 15.17 21.57 27.86
N ILE A 173 15.20 20.25 27.71
CA ILE A 173 14.09 19.38 28.04
C ILE A 173 14.49 18.53 29.24
N ARG A 174 13.71 18.61 30.31
CA ARG A 174 13.94 17.77 31.48
C ARG A 174 13.30 16.41 31.26
N TYR A 175 14.06 15.35 31.52
CA TYR A 175 13.59 13.99 31.33
C TYR A 175 13.43 13.32 32.69
N ASP A 176 12.19 12.98 33.05
CA ASP A 176 11.94 12.36 34.33
C ASP A 176 12.36 10.90 34.37
N HIS A 177 12.40 10.22 33.22
CA HIS A 177 12.80 8.81 33.22
C HIS A 177 14.28 8.63 33.49
N LEU A 178 15.09 9.66 33.27
CA LEU A 178 16.52 9.63 33.54
C LEU A 178 16.87 10.20 34.90
N SER A 179 15.85 10.51 35.73
CA SER A 179 16.13 11.12 37.02
C SER A 179 16.73 10.12 38.01
N SER A 180 16.35 8.85 37.92
CA SER A 180 16.94 7.85 38.81
C SER A 180 18.36 7.50 38.40
N VAL A 181 18.63 7.42 37.10
CA VAL A 181 19.95 7.04 36.64
C VAL A 181 20.91 8.22 36.60
N GLN A 182 20.40 9.44 36.42
CA GLN A 182 21.17 10.66 36.56
C GLN A 182 20.42 11.52 37.56
N PRO A 183 20.93 11.69 38.78
CA PRO A 183 20.12 12.22 39.88
C PRO A 183 19.63 13.65 39.70
N ASN A 184 20.54 14.58 39.40
CA ASN A 184 20.19 15.99 39.33
C ASN A 184 20.58 16.63 38.01
N GLN A 185 21.01 15.82 37.04
CA GLN A 185 21.38 16.33 35.72
C GLN A 185 20.76 15.42 34.67
N ASN A 186 19.49 15.69 34.35
CA ASN A 186 18.76 14.96 33.32
C ASN A 186 18.19 15.89 32.26
N GLU A 187 18.63 17.13 32.25
CA GLU A 187 18.10 18.14 31.33
C GLU A 187 18.97 18.15 30.08
N PHE A 188 18.35 17.95 28.92
CA PHE A 188 19.07 17.73 27.67
C PHE A 188 18.87 18.94 26.78
N SER A 189 19.95 19.39 26.14
CA SER A 189 19.83 20.46 25.16
C SER A 189 19.10 19.96 23.92
N ARG A 190 18.26 20.80 23.32
CA ARG A 190 17.47 20.39 22.16
C ARG A 190 17.41 21.54 21.18
N ILE A 191 17.45 21.22 19.89
CA ILE A 191 17.26 22.18 18.82
C ILE A 191 15.94 21.88 18.13
N THR A 192 15.09 22.88 18.00
CA THR A 192 13.85 22.77 17.25
C THR A 192 13.90 23.70 16.05
N VAL A 193 13.66 23.15 14.86
CA VAL A 193 13.65 23.90 13.62
C VAL A 193 12.23 23.88 13.09
N ARG A 194 11.61 25.05 12.98
CA ARG A 194 10.25 25.17 12.47
C ARG A 194 10.30 25.80 11.09
N ILE A 195 9.68 25.14 10.12
CA ILE A 195 9.52 25.65 8.77
C ILE A 195 8.04 25.78 8.52
N ASP A 196 7.54 27.01 8.45
CA ASP A 196 6.11 27.24 8.27
C ASP A 196 5.72 26.95 6.83
N ALA A 197 4.59 26.29 6.65
CA ALA A 197 4.06 25.96 5.33
C ALA A 197 2.60 26.34 5.26
N VAL A 198 2.17 26.82 4.10
CA VAL A 198 0.79 27.20 3.85
C VAL A 198 0.26 26.32 2.71
N ARG A 199 -0.87 25.69 2.94
CA ARG A 199 -1.41 24.79 1.92
C ARG A 199 -1.92 25.57 0.71
N ASN A 200 -1.75 24.99 -0.47
CA ASN A 200 -2.31 25.55 -1.69
C ASN A 200 -3.74 25.05 -1.81
N PRO A 201 -4.75 25.91 -1.74
CA PRO A 201 -6.14 25.45 -1.83
C PRO A 201 -6.65 25.30 -3.25
N SER A 202 -5.80 25.50 -4.26
CA SER A 202 -6.26 25.60 -5.64
C SER A 202 -6.89 24.30 -6.12
N TYR A 203 -6.26 23.17 -5.80
CA TYR A 203 -6.77 21.87 -6.26
C TYR A 203 -8.15 21.58 -5.72
N TYR A 204 -8.37 21.89 -4.44
CA TYR A 204 -9.69 21.70 -3.86
C TYR A 204 -10.68 22.71 -4.41
N LEU A 205 -10.19 23.88 -4.86
CA LEU A 205 -11.08 24.88 -5.42
C LEU A 205 -11.62 24.45 -6.78
N TRP A 206 -10.75 24.01 -7.69
CA TRP A 206 -11.24 23.61 -8.99
C TRP A 206 -11.71 22.16 -9.05
N SER A 207 -11.41 21.37 -8.01
CA SER A 207 -11.65 19.94 -8.06
C SER A 207 -12.77 19.47 -7.15
N PHE A 208 -13.00 20.13 -6.04
CA PHE A 208 -14.10 19.71 -5.18
C PHE A 208 -15.09 20.82 -4.90
N ILE A 209 -14.62 22.06 -4.73
CA ILE A 209 -15.53 23.17 -4.47
C ILE A 209 -16.39 23.45 -5.70
N LEU A 210 -15.80 23.40 -6.88
CA LEU A 210 -16.56 23.64 -8.10
C LEU A 210 -17.62 22.59 -8.42
N PRO A 211 -17.35 21.26 -8.40
CA PRO A 211 -18.46 20.33 -8.66
C PRO A 211 -19.55 20.37 -7.60
N LEU A 212 -19.18 20.55 -6.34
CA LEU A 212 -20.20 20.65 -5.28
C LEU A 212 -20.99 21.94 -5.42
N GLY A 213 -20.36 23.01 -5.89
CA GLY A 213 -21.09 24.24 -6.15
C GLY A 213 -22.10 24.09 -7.28
N LEU A 214 -21.69 23.42 -8.38
CA LEU A 214 -22.66 23.14 -9.44
C LEU A 214 -23.77 22.20 -8.98
N ILE A 215 -23.47 21.25 -8.10
CA ILE A 215 -24.51 20.36 -7.58
C ILE A 215 -25.51 21.13 -6.74
N ILE A 216 -25.01 22.00 -5.85
CA ILE A 216 -25.90 22.78 -4.98
C ILE A 216 -26.70 23.78 -5.81
N ALA A 217 -26.10 24.36 -6.86
CA ALA A 217 -26.83 25.26 -7.72
C ALA A 217 -27.89 24.53 -8.55
N ALA A 218 -27.61 23.29 -8.96
CA ALA A 218 -28.61 22.51 -9.67
C ALA A 218 -29.78 22.16 -8.77
N SER A 219 -29.50 21.90 -7.49
CA SER A 219 -30.58 21.63 -6.56
C SER A 219 -31.33 22.90 -6.17
N TRP A 220 -30.69 24.06 -6.35
CA TRP A 220 -31.46 25.30 -6.33
C TRP A 220 -32.37 25.36 -7.54
N SER A 221 -31.89 24.88 -8.68
CA SER A 221 -32.64 24.95 -9.93
C SER A 221 -33.80 23.98 -9.98
N VAL A 222 -33.82 22.94 -9.15
CA VAL A 222 -34.94 22.01 -9.22
C VAL A 222 -36.21 22.61 -8.62
N PHE A 223 -36.08 23.68 -7.82
CA PHE A 223 -37.27 24.43 -7.36
C PHE A 223 -38.02 25.07 -8.52
N TRP A 224 -37.33 25.42 -9.59
CA TRP A 224 -37.95 26.11 -10.71
C TRP A 224 -38.77 25.19 -11.60
N LEU A 225 -38.84 23.91 -11.27
CA LEU A 225 -39.65 22.97 -12.04
C LEU A 225 -41.12 23.06 -11.63
N GLU A 226 -41.97 22.46 -12.44
CA GLU A 226 -43.42 22.48 -12.22
C GLU A 226 -43.98 21.14 -11.80
N SER A 227 -43.42 20.04 -12.29
CA SER A 227 -43.95 18.71 -12.02
C SER A 227 -43.29 18.11 -10.79
N PHE A 228 -44.12 17.45 -9.97
CA PHE A 228 -43.62 16.79 -8.76
C PHE A 228 -42.80 15.55 -9.06
N SER A 229 -42.95 14.93 -10.24
CA SER A 229 -42.19 13.73 -10.55
C SER A 229 -40.71 14.02 -10.75
N GLU A 230 -40.36 15.28 -11.00
CA GLU A 230 -38.98 15.68 -11.22
C GLU A 230 -38.40 16.46 -10.05
N ARG A 231 -39.22 16.97 -9.16
CA ARG A 231 -38.67 17.82 -8.09
C ARG A 231 -38.20 17.01 -6.91
N LEU A 232 -38.59 15.75 -6.83
CA LEU A 232 -38.22 14.95 -5.68
C LEU A 232 -37.18 13.92 -6.04
N GLN A 233 -37.30 13.33 -7.22
N GLN A 233 -37.30 13.33 -7.22
CA GLN A 233 -36.34 12.33 -7.67
CA GLN A 233 -36.34 12.34 -7.66
C GLN A 233 -34.99 12.97 -7.89
C GLN A 233 -34.99 12.96 -7.89
N THR A 234 -34.98 14.12 -8.55
CA THR A 234 -33.73 14.81 -8.79
C THR A 234 -33.13 15.14 -7.45
N SER A 235 -33.91 15.78 -6.61
CA SER A 235 -33.43 16.14 -5.29
C SER A 235 -32.77 14.96 -4.62
N PHE A 236 -33.38 13.78 -4.72
CA PHE A 236 -32.81 12.64 -4.02
C PHE A 236 -31.51 12.18 -4.67
N THR A 237 -31.42 12.26 -6.00
CA THR A 237 -30.17 11.93 -6.67
C THR A 237 -29.06 12.88 -6.26
N LEU A 238 -29.36 14.19 -6.21
CA LEU A 238 -28.37 15.17 -5.79
C LEU A 238 -28.02 15.01 -4.31
N MET A 239 -29.00 14.68 -3.48
CA MET A 239 -28.74 14.43 -2.07
C MET A 239 -27.78 13.28 -1.88
N LEU A 240 -28.03 12.16 -2.55
CA LEU A 240 -27.15 11.00 -2.37
C LEU A 240 -25.80 11.23 -3.04
N THR A 241 -25.74 12.07 -4.07
CA THR A 241 -24.44 12.46 -4.64
C THR A 241 -23.62 13.26 -3.64
N VAL A 242 -24.26 14.18 -2.90
CA VAL A 242 -23.55 14.92 -1.87
C VAL A 242 -23.18 13.99 -0.70
N VAL A 243 -24.06 13.05 -0.36
CA VAL A 243 -23.85 12.14 0.76
C VAL A 243 -22.67 11.20 0.47
N ALA A 244 -22.50 10.82 -0.80
CA ALA A 244 -21.37 10.01 -1.21
C ALA A 244 -20.02 10.70 -1.05
N TYR A 245 -20.01 12.02 -0.84
CA TYR A 245 -18.78 12.78 -0.68
C TYR A 245 -18.39 12.95 0.78
N ALA A 246 -18.97 12.16 1.68
CA ALA A 246 -18.70 12.29 3.11
C ALA A 246 -17.26 11.97 3.46
N PHE A 247 -16.69 10.95 2.82
CA PHE A 247 -15.36 10.46 3.15
C PHE A 247 -14.30 11.03 2.22
N TYR A 248 -14.53 12.24 1.69
CA TYR A 248 -13.55 12.87 0.82
C TYR A 248 -12.33 13.33 1.60
N THR A 249 -12.55 13.99 2.73
CA THR A 249 -11.44 14.48 3.54
C THR A 249 -10.73 13.37 4.31
N SER A 250 -11.44 12.30 4.65
CA SER A 250 -10.83 11.19 5.37
C SER A 250 -9.86 10.41 4.49
N ASN A 251 -9.95 10.56 3.17
CA ASN A 251 -8.92 10.04 2.28
C ASN A 251 -7.71 10.95 2.20
N ILE A 252 -7.89 12.25 2.43
CA ILE A 252 -6.80 13.22 2.40
C ILE A 252 -6.21 13.42 3.79
N LEU A 253 -7.07 13.72 4.77
CA LEU A 253 -6.65 13.83 6.15
C LEU A 253 -6.95 12.51 6.86
N GLY A 254 -6.79 12.47 8.16
CA GLY A 254 -7.17 11.32 8.94
C GLY A 254 -8.65 11.30 9.21
N ARG A 255 -9.04 10.44 10.14
CA ARG A 255 -10.42 10.45 10.65
C ARG A 255 -10.50 11.44 11.81
N LEU A 256 -10.53 12.71 11.43
CA LEU A 256 -10.39 13.78 12.41
C LEU A 256 -11.69 13.97 13.19
N PRO A 257 -11.58 14.25 14.50
CA PRO A 257 -12.79 14.47 15.30
C PRO A 257 -13.51 15.77 14.99
N TYR A 258 -12.83 16.76 14.42
CA TYR A 258 -13.43 18.04 14.09
C TYR A 258 -13.79 18.09 12.62
N THR A 259 -14.59 19.09 12.27
CA THR A 259 -14.99 19.32 10.89
C THR A 259 -14.14 20.42 10.27
N THR A 260 -13.65 20.15 9.07
CA THR A 260 -12.86 21.09 8.28
C THR A 260 -13.81 22.05 7.56
N TYR A 261 -13.32 22.76 6.56
CA TYR A 261 -14.24 23.61 5.79
C TYR A 261 -14.93 22.82 4.69
N ILE A 262 -14.24 21.83 4.13
CA ILE A 262 -14.79 21.01 3.06
C ILE A 262 -15.97 20.20 3.56
N ASP A 263 -15.81 19.53 4.69
CA ASP A 263 -16.87 18.68 5.20
C ASP A 263 -18.02 19.46 5.83
N GLN A 264 -17.77 20.65 6.37
CA GLN A 264 -18.87 21.54 6.72
C GLN A 264 -19.64 21.98 5.50
N MET A 265 -18.96 22.22 4.38
CA MET A 265 -19.69 22.51 3.15
C MET A 265 -20.50 21.30 2.70
N ILE A 266 -19.98 20.09 2.91
CA ILE A 266 -20.71 18.87 2.57
C ILE A 266 -21.95 18.72 3.45
N ILE A 267 -21.80 19.00 4.75
CA ILE A 267 -22.94 18.92 5.68
C ILE A 267 -23.97 20.02 5.39
N ALA A 268 -23.50 21.20 4.97
CA ALA A 268 -24.42 22.23 4.51
C ALA A 268 -25.17 21.79 3.27
N GLY A 269 -24.49 21.03 2.39
CA GLY A 269 -25.18 20.40 1.28
C GLY A 269 -26.24 19.40 1.73
N TYR A 270 -25.91 18.59 2.75
CA TYR A 270 -26.88 17.65 3.31
C TYR A 270 -28.12 18.36 3.77
N GLY A 271 -27.92 19.39 4.60
CA GLY A 271 -29.05 20.13 5.15
C GLY A 271 -29.84 20.87 4.09
N SER A 272 -29.16 21.39 3.07
CA SER A 272 -29.85 22.10 2.01
C SER A 272 -30.73 21.16 1.19
N ILE A 273 -30.19 20.01 0.77
CA ILE A 273 -31.00 19.12 -0.06
C ILE A 273 -32.10 18.49 0.79
N PHE A 274 -31.81 18.19 2.05
CA PHE A 274 -32.82 17.60 2.92
C PHE A 274 -33.93 18.60 3.22
N ALA A 275 -33.59 19.86 3.45
CA ALA A 275 -34.61 20.88 3.67
C ALA A 275 -35.44 21.10 2.41
N ALA A 276 -34.80 21.06 1.24
CA ALA A 276 -35.52 21.13 -0.02
C ALA A 276 -36.50 19.97 -0.17
N ILE A 277 -36.04 18.75 0.12
CA ILE A 277 -36.86 17.56 -0.02
C ILE A 277 -38.04 17.61 0.94
N LEU A 278 -37.78 17.98 2.21
CA LEU A 278 -38.84 18.07 3.20
C LEU A 278 -39.85 19.17 2.84
N LEU A 279 -39.36 20.30 2.35
CA LEU A 279 -40.25 21.40 1.98
C LEU A 279 -41.16 21.00 0.82
N ILE A 280 -40.60 20.36 -0.21
CA ILE A 280 -41.40 19.98 -1.37
C ILE A 280 -42.39 18.87 -1.00
N ILE A 281 -41.96 17.92 -0.16
CA ILE A 281 -42.87 16.86 0.29
C ILE A 281 -44.01 17.43 1.12
N PHE A 282 -43.71 18.37 2.01
CA PHE A 282 -44.74 19.02 2.79
C PHE A 282 -45.71 19.81 1.92
N ALA A 283 -45.19 20.50 0.90
CA ALA A 283 -46.06 21.24 -0.02
C ALA A 283 -47.00 20.32 -0.77
N HIS A 284 -46.49 19.19 -1.27
CA HIS A 284 -47.37 18.26 -1.95
C HIS A 284 -48.33 17.54 -1.00
N HIS A 285 -47.96 17.39 0.27
CA HIS A 285 -48.87 16.76 1.22
C HIS A 285 -49.99 17.72 1.62
N ARG A 286 -49.70 19.01 1.74
CA ARG A 286 -50.76 19.97 1.99
C ARG A 286 -51.52 20.35 0.72
N GLN A 287 -51.02 19.94 -0.45
CA GLN A 287 -51.72 20.14 -1.70
C GLN A 287 -52.70 19.02 -2.05
N ALA A 288 -53.28 18.36 -1.05
CA ALA A 288 -54.11 17.19 -1.30
C ALA A 288 -55.52 17.57 -1.75
N ASN A 289 -56.22 18.38 -0.95
CA ASN A 289 -57.68 18.54 -1.09
C ASN A 289 -58.08 19.67 -2.04
N GLY A 290 -57.28 19.96 -3.05
CA GLY A 290 -57.67 20.97 -4.02
C GLY A 290 -56.47 21.51 -4.77
N VAL A 291 -56.62 22.73 -5.29
CA VAL A 291 -55.47 23.40 -5.90
C VAL A 291 -54.45 23.78 -4.82
N GLU A 292 -54.92 24.29 -3.68
CA GLU A 292 -54.16 24.42 -2.42
C GLU A 292 -52.83 25.13 -2.60
N ASP A 293 -52.84 26.19 -3.42
CA ASP A 293 -51.62 26.90 -3.78
C ASP A 293 -51.51 28.18 -2.97
N ASP A 294 -50.38 28.36 -2.29
CA ASP A 294 -50.11 29.58 -1.55
C ASP A 294 -49.01 30.37 -2.26
N LEU A 295 -49.06 31.70 -2.10
CA LEU A 295 -48.15 32.58 -2.82
C LEU A 295 -46.74 32.55 -2.25
N LEU A 296 -46.55 31.97 -1.06
CA LEU A 296 -45.25 32.04 -0.40
C LEU A 296 -44.32 30.92 -0.83
N ILE A 297 -44.81 29.68 -0.89
CA ILE A 297 -43.96 28.52 -1.17
C ILE A 297 -43.49 28.55 -2.62
N GLN A 298 -44.36 28.95 -3.55
CA GLN A 298 -43.99 29.05 -4.95
C GLN A 298 -42.92 30.11 -5.21
N ARG A 299 -42.78 31.09 -4.32
CA ARG A 299 -41.77 32.13 -4.44
C ARG A 299 -40.55 31.87 -3.57
N SER A 300 -40.51 30.71 -2.90
CA SER A 300 -39.37 30.33 -2.07
C SER A 300 -38.24 29.71 -2.88
N ARG A 301 -38.39 29.65 -4.22
CA ARG A 301 -37.32 29.17 -5.08
C ARG A 301 -36.13 30.14 -5.06
N LEU A 302 -36.39 31.43 -4.89
CA LEU A 302 -35.32 32.42 -4.86
C LEU A 302 -34.82 32.72 -3.46
N ALA A 303 -35.62 32.42 -2.42
CA ALA A 303 -35.24 32.70 -1.05
C ALA A 303 -34.34 31.63 -0.45
N PHE A 304 -34.24 30.47 -1.08
CA PHE A 304 -33.43 29.36 -0.56
C PHE A 304 -31.94 29.49 -0.92
N PRO A 305 -31.54 29.84 -2.17
CA PRO A 305 -30.12 30.12 -2.40
C PRO A 305 -29.60 31.31 -1.61
N LEU A 306 -30.45 32.32 -1.34
CA LEU A 306 -30.04 33.42 -0.48
C LEU A 306 -29.77 32.93 0.93
N GLY A 307 -30.59 31.99 1.42
CA GLY A 307 -30.32 31.40 2.72
C GLY A 307 -29.03 30.61 2.76
N PHE A 308 -28.74 29.86 1.69
CA PHE A 308 -27.49 29.12 1.65
C PHE A 308 -26.28 30.06 1.55
N LEU A 309 -26.43 31.15 0.80
CA LEU A 309 -25.35 32.14 0.73
C LEU A 309 -25.14 32.83 2.06
N ALA A 310 -26.21 33.10 2.81
CA ALA A 310 -26.07 33.67 4.15
C ALA A 310 -25.38 32.69 5.11
N ILE A 311 -25.72 31.41 5.01
CA ILE A 311 -25.07 30.38 5.83
C ILE A 311 -23.59 30.28 5.47
N GLY A 312 -23.27 30.31 4.17
CA GLY A 312 -21.89 30.29 3.76
C GLY A 312 -21.12 31.51 4.22
N CYS A 313 -21.76 32.69 4.16
CA CYS A 313 -21.11 33.92 4.59
C CYS A 313 -20.87 33.93 6.09
N VAL A 314 -21.82 33.42 6.88
CA VAL A 314 -21.62 33.41 8.33
C VAL A 314 -20.64 32.31 8.73
N LEU A 315 -20.45 31.29 7.89
CA LEU A 315 -19.38 30.34 8.15
C LEU A 315 -18.01 30.91 7.78
N VAL A 316 -17.93 31.69 6.70
CA VAL A 316 -16.67 32.33 6.33
C VAL A 316 -16.28 33.41 7.33
N ILE A 317 -17.26 34.16 7.86
CA ILE A 317 -16.97 35.35 8.67
C ILE A 317 -16.27 34.99 9.98
N ARG A 318 -16.37 33.74 10.44
CA ARG A 318 -15.57 33.31 11.57
C ARG A 318 -14.10 33.24 11.21
N PHE A 319 -13.78 32.79 10.00
CA PHE A 319 -12.40 32.82 9.51
C PHE A 319 -11.97 34.25 9.21
N PHE A 320 -12.90 35.08 8.75
CA PHE A 320 -12.60 36.47 8.41
C PHE A 320 -12.24 37.29 9.65
N THR A 321 -12.72 36.89 10.82
CA THR A 321 -12.36 37.57 12.07
C THR A 321 -11.38 36.73 12.88
N PRO B 11 19.39 -14.37 41.46
CA PRO B 11 19.23 -13.58 40.24
C PRO B 11 19.74 -12.16 40.42
N VAL B 12 19.62 -11.32 39.39
CA VAL B 12 20.00 -9.92 39.45
C VAL B 12 18.75 -9.08 39.29
N ASP B 13 18.68 -7.98 40.05
CA ASP B 13 17.51 -7.12 40.04
C ASP B 13 17.69 -6.07 38.95
N VAL B 14 16.81 -6.10 37.96
CA VAL B 14 16.84 -5.15 36.85
C VAL B 14 15.65 -4.22 37.00
N SER B 15 15.92 -2.94 37.19
CA SER B 15 14.89 -1.93 37.35
C SER B 15 14.71 -1.21 36.02
N VAL B 16 13.49 -1.23 35.50
CA VAL B 16 13.20 -0.74 34.16
C VAL B 16 12.44 0.57 34.26
N SER B 17 12.75 1.50 33.36
CA SER B 17 11.99 2.74 33.19
C SER B 17 11.68 2.88 31.72
N ILE B 18 10.40 2.89 31.37
CA ILE B 18 9.97 3.03 29.98
C ILE B 18 9.35 4.40 29.82
N PHE B 19 9.98 5.23 28.99
CA PHE B 19 9.46 6.54 28.66
C PHE B 19 8.82 6.44 27.29
N ILE B 20 7.51 6.68 27.21
CA ILE B 20 6.78 6.62 25.96
C ILE B 20 6.83 8.00 25.32
N ASN B 21 7.62 8.14 24.26
CA ASN B 21 7.68 9.43 23.56
C ASN B 21 6.36 9.72 22.86
N LYS B 22 5.85 8.76 22.08
CA LYS B 22 4.59 8.93 21.37
C LYS B 22 4.03 7.58 20.99
N ILE B 23 2.70 7.54 20.88
CA ILE B 23 1.98 6.41 20.30
C ILE B 23 1.30 6.92 19.04
N TYR B 24 1.56 6.25 17.92
CA TYR B 24 1.09 6.73 16.63
C TYR B 24 0.81 5.51 15.76
N GLY B 25 0.13 5.76 14.65
CA GLY B 25 -0.14 4.70 13.69
C GLY B 25 -0.99 3.58 14.24
N VAL B 26 -2.02 3.92 15.00
CA VAL B 26 -2.88 2.90 15.60
C VAL B 26 -3.73 2.29 14.50
N ASN B 27 -3.30 1.15 14.00
CA ASN B 27 -3.93 0.50 12.87
C ASN B 27 -4.90 -0.54 13.43
N THR B 28 -6.19 -0.32 13.21
CA THR B 28 -7.20 -1.24 13.67
C THR B 28 -7.49 -2.36 12.68
N LEU B 29 -6.91 -2.31 11.49
CA LEU B 29 -7.06 -3.40 10.53
C LEU B 29 -6.38 -4.67 11.03
N GLU B 30 -5.12 -4.56 11.43
CA GLU B 30 -4.42 -5.67 12.06
C GLU B 30 -4.20 -5.49 13.55
N GLN B 31 -4.89 -4.52 14.15
CA GLN B 31 -4.89 -4.29 15.60
C GLN B 31 -3.48 -4.06 16.15
N THR B 32 -2.71 -3.23 15.44
CA THR B 32 -1.36 -2.87 15.86
C THR B 32 -1.28 -1.37 16.08
N TYR B 33 -0.25 -0.96 16.81
CA TYR B 33 -0.03 0.42 17.13
C TYR B 33 1.47 0.62 17.27
N LYS B 34 1.99 1.71 16.73
CA LYS B 34 3.42 1.96 16.76
C LYS B 34 3.77 2.80 17.98
N VAL B 35 4.63 2.26 18.83
CA VAL B 35 5.06 2.94 20.06
C VAL B 35 6.53 3.26 19.92
N ASP B 36 6.88 4.53 20.16
CA ASP B 36 8.24 5.01 20.19
C ASP B 36 8.58 5.42 21.61
N GLY B 37 9.80 5.14 22.04
CA GLY B 37 10.16 5.52 23.38
C GLY B 37 11.59 5.14 23.71
N TYR B 38 11.90 5.26 24.99
CA TYR B 38 13.20 4.91 25.55
C TYR B 38 13.00 3.90 26.66
N ILE B 39 13.90 2.95 26.77
CA ILE B 39 13.91 1.96 27.83
C ILE B 39 15.24 2.05 28.58
N VAL B 40 15.16 2.13 29.90
CA VAL B 40 16.33 2.28 30.77
C VAL B 40 16.31 1.12 31.75
N ALA B 41 17.18 0.14 31.55
CA ALA B 41 17.28 -1.00 32.45
C ALA B 41 18.54 -0.85 33.30
N GLN B 42 18.37 -0.85 34.61
CA GLN B 42 19.45 -0.58 35.55
C GLN B 42 19.64 -1.78 36.47
N TRP B 43 20.87 -2.29 36.54
CA TRP B 43 21.18 -3.37 37.47
C TRP B 43 22.51 -3.04 38.13
N THR B 44 22.94 -3.90 39.04
CA THR B 44 24.20 -3.70 39.74
C THR B 44 25.09 -4.91 39.55
N GLY B 45 26.37 -4.66 39.28
CA GLY B 45 27.34 -5.72 39.17
C GLY B 45 28.57 -5.49 40.02
N LYS B 46 29.69 -6.10 39.64
CA LYS B 46 30.93 -5.89 40.36
C LYS B 46 31.46 -4.47 40.10
N PRO B 47 32.11 -3.85 41.08
CA PRO B 47 32.66 -2.51 40.88
C PRO B 47 33.76 -2.49 39.83
N ARG B 48 33.86 -1.36 39.14
CA ARG B 48 34.81 -1.20 38.04
C ARG B 48 35.46 0.17 38.12
N LYS B 49 36.53 0.34 37.36
CA LYS B 49 37.27 1.59 37.29
C LYS B 49 37.02 2.26 35.95
N THR B 50 36.78 3.57 35.99
CA THR B 50 36.47 4.38 34.83
C THR B 50 37.47 5.54 34.77
N PRO B 51 37.66 6.14 33.58
CA PRO B 51 38.48 7.37 33.51
C PRO B 51 37.92 8.49 34.38
N GLY B 52 38.68 8.86 35.40
CA GLY B 52 38.17 9.72 36.45
C GLY B 52 37.33 8.91 37.43
N ASP B 53 36.21 9.47 37.87
CA ASP B 53 35.24 8.71 38.64
C ASP B 53 33.82 8.96 38.16
N LYS B 54 33.65 9.67 37.05
CA LYS B 54 32.33 9.85 36.47
C LYS B 54 31.85 8.54 35.87
N PRO B 55 30.53 8.33 35.77
CA PRO B 55 30.01 7.21 35.00
C PRO B 55 30.44 7.31 33.54
N LEU B 56 30.84 6.18 32.97
CA LEU B 56 31.35 6.13 31.62
C LEU B 56 30.22 5.81 30.67
N ILE B 57 30.08 6.61 29.61
CA ILE B 57 29.02 6.44 28.62
C ILE B 57 29.63 5.75 27.40
N VAL B 58 29.09 4.59 27.06
CA VAL B 58 29.48 3.84 25.88
C VAL B 58 28.34 3.93 24.89
N GLU B 59 28.59 4.53 23.74
CA GLU B 59 27.53 4.78 22.77
C GLU B 59 27.19 3.49 22.03
N ASN B 60 26.41 3.62 20.98
CA ASN B 60 26.09 2.47 20.16
C ASN B 60 27.36 1.95 19.55
N THR B 61 27.35 0.76 19.00
CA THR B 61 28.53 0.19 18.32
C THR B 61 29.67 -0.16 19.25
N GLN B 62 29.71 0.50 20.40
CA GLN B 62 30.76 0.22 21.37
C GLN B 62 30.26 -0.68 22.49
N ILE B 63 28.95 -0.88 22.60
CA ILE B 63 28.49 -1.83 23.60
C ILE B 63 28.99 -3.22 23.25
N GLU B 64 29.10 -3.53 21.95
CA GLU B 64 29.58 -4.83 21.51
C GLU B 64 31.01 -5.09 21.96
N ARG B 65 31.86 -4.06 21.94
CA ARG B 65 33.23 -4.23 22.41
C ARG B 65 33.29 -4.55 23.89
N TRP B 66 32.43 -3.91 24.69
CA TRP B 66 32.40 -4.20 26.12
C TRP B 66 31.79 -5.55 26.41
N ILE B 67 30.84 -6.00 25.59
CA ILE B 67 30.27 -7.33 25.78
C ILE B 67 31.29 -8.41 25.39
N ASN B 68 32.07 -8.16 24.33
CA ASN B 68 33.14 -9.09 23.98
C ASN B 68 34.24 -9.09 25.03
N ASN B 69 34.43 -7.96 25.71
CA ASN B 69 35.36 -7.92 26.84
C ASN B 69 34.87 -8.81 27.97
N GLY B 70 33.56 -8.95 28.15
CA GLY B 70 33.02 -9.86 29.13
C GLY B 70 31.94 -9.28 30.01
N LEU B 71 31.50 -8.07 29.70
CA LEU B 71 30.46 -7.41 30.48
C LEU B 71 29.11 -8.03 30.19
N TRP B 72 28.32 -8.25 31.24
CA TRP B 72 27.02 -8.89 31.13
C TRP B 72 25.97 -7.84 30.77
N VAL B 73 25.44 -7.93 29.55
CA VAL B 73 24.34 -7.07 29.13
C VAL B 73 23.19 -7.95 28.67
N PRO B 74 22.06 -7.96 29.35
CA PRO B 74 20.94 -8.79 28.93
C PRO B 74 20.26 -8.26 27.67
N ALA B 75 19.66 -9.17 26.92
CA ALA B 75 18.91 -8.84 25.72
C ALA B 75 17.44 -8.87 26.08
N LEU B 76 16.89 -7.69 26.40
CA LEU B 76 15.48 -7.56 26.68
C LEU B 76 14.72 -7.39 25.37
N GLU B 77 13.67 -8.18 25.20
CA GLU B 77 12.90 -8.18 23.97
C GLU B 77 11.46 -7.82 24.27
N PHE B 78 10.74 -7.44 23.22
CA PHE B 78 9.32 -7.13 23.30
C PHE B 78 8.52 -8.31 22.78
N ILE B 79 7.55 -8.76 23.57
CA ILE B 79 6.85 -10.01 23.26
C ILE B 79 5.75 -9.77 22.24
N ASN B 80 4.95 -8.72 22.45
CA ASN B 80 3.79 -8.47 21.61
C ASN B 80 4.12 -7.61 20.40
N VAL B 81 5.36 -7.65 19.92
CA VAL B 81 5.76 -6.80 18.81
C VAL B 81 5.43 -7.48 17.48
N VAL B 82 5.15 -6.67 16.48
CA VAL B 82 4.92 -7.12 15.11
C VAL B 82 6.12 -6.69 14.29
N GLY B 83 6.77 -7.65 13.64
CA GLY B 83 8.04 -7.37 13.01
C GLY B 83 9.16 -7.35 14.04
N SER B 84 10.32 -6.90 13.61
CA SER B 84 11.40 -6.67 14.56
C SER B 84 11.42 -5.21 14.94
N PRO B 85 11.61 -4.87 16.23
CA PRO B 85 11.57 -3.47 16.64
C PRO B 85 12.77 -2.70 16.11
N ASP B 86 12.51 -1.48 15.66
CA ASP B 86 13.60 -0.61 15.24
C ASP B 86 14.30 -0.05 16.48
N THR B 87 15.57 -0.36 16.63
CA THR B 87 16.37 0.13 17.74
C THR B 87 17.21 1.29 17.24
N GLY B 88 17.00 2.46 17.82
CA GLY B 88 17.79 3.63 17.45
C GLY B 88 19.14 3.58 18.15
N ASN B 89 19.54 4.69 18.76
CA ASN B 89 20.76 4.68 19.53
C ASN B 89 20.58 3.88 20.80
N LYS B 90 21.66 3.27 21.27
CA LYS B 90 21.68 2.63 22.58
C LYS B 90 22.94 3.05 23.30
N ARG B 91 22.79 3.49 24.55
CA ARG B 91 23.92 3.84 25.39
C ARG B 91 24.00 2.88 26.56
N LEU B 92 25.21 2.73 27.08
CA LEU B 92 25.52 1.85 28.19
C LEU B 92 26.35 2.68 29.16
N MET B 93 25.77 3.01 30.31
CA MET B 93 26.34 3.93 31.25
C MET B 93 26.78 3.16 32.49
N LEU B 94 28.09 3.09 32.70
CA LEU B 94 28.71 2.27 33.73
C LEU B 94 29.13 3.13 34.90
N PHE B 95 29.05 2.57 36.10
CA PHE B 95 29.41 3.37 37.25
C PHE B 95 30.64 2.81 37.94
N PRO B 96 31.42 3.66 38.61
CA PRO B 96 32.51 3.15 39.46
C PRO B 96 32.04 2.25 40.59
N ASP B 97 30.86 2.53 41.17
CA ASP B 97 30.35 1.70 42.25
C ASP B 97 29.80 0.37 41.77
N GLY B 98 29.65 0.19 40.45
CA GLY B 98 29.37 -1.11 39.88
C GLY B 98 28.03 -1.24 39.20
N ARG B 99 27.19 -0.22 39.20
CA ARG B 99 25.88 -0.33 38.59
C ARG B 99 25.95 -0.02 37.10
N VAL B 100 25.20 -0.79 36.33
CA VAL B 100 25.20 -0.72 34.87
C VAL B 100 23.82 -0.27 34.43
N ILE B 101 23.77 0.62 33.45
CA ILE B 101 22.53 1.18 32.95
C ILE B 101 22.54 1.01 31.43
N TYR B 102 21.49 0.41 30.89
CA TYR B 102 21.36 0.22 29.46
C TYR B 102 20.13 1.01 29.01
N ASN B 103 20.36 2.08 28.26
CA ASN B 103 19.30 2.90 27.74
C ASN B 103 19.24 2.72 26.23
N ALA B 104 18.03 2.60 25.69
CA ALA B 104 17.91 2.32 24.27
C ALA B 104 16.59 2.88 23.77
N ARG B 105 16.62 3.49 22.59
CA ARG B 105 15.41 4.00 21.96
C ARG B 105 14.77 2.89 21.16
N PHE B 106 13.57 2.49 21.56
CA PHE B 106 12.83 1.48 20.82
C PHE B 106 11.73 2.13 19.99
N LEU B 107 11.47 1.52 18.85
CA LEU B 107 10.35 1.92 18.00
C LEU B 107 9.76 0.62 17.45
N GLY B 108 8.55 0.28 17.87
CA GLY B 108 7.99 -1.01 17.54
C GLY B 108 6.53 -0.94 17.19
N SER B 109 6.12 -1.84 16.30
CA SER B 109 4.71 -2.08 16.03
C SER B 109 4.24 -3.17 16.99
N PHE B 110 3.45 -2.79 17.98
CA PHE B 110 2.99 -3.72 19.00
C PHE B 110 1.54 -4.08 18.72
N SER B 111 1.20 -5.34 18.99
CA SER B 111 -0.15 -5.85 18.77
C SER B 111 -0.82 -6.11 20.12
N ASN B 112 -2.11 -5.78 20.18
CA ASN B 112 -2.94 -6.16 21.31
C ASN B 112 -4.28 -6.67 20.77
N ASP B 113 -4.87 -7.59 21.51
CA ASP B 113 -6.20 -8.10 21.15
C ASP B 113 -7.24 -7.02 21.42
N MET B 114 -7.80 -6.46 20.37
CA MET B 114 -8.74 -5.36 20.47
C MET B 114 -10.16 -5.85 20.21
N ASP B 115 -11.09 -5.42 21.04
CA ASP B 115 -12.50 -5.79 20.94
C ASP B 115 -13.28 -4.58 20.44
N PHE B 116 -13.89 -4.71 19.27
CA PHE B 116 -14.59 -3.60 18.62
C PHE B 116 -16.11 -3.78 18.65
N ARG B 117 -16.64 -4.42 19.70
CA ARG B 117 -18.08 -4.63 19.77
C ARG B 117 -18.84 -3.34 20.02
N LEU B 118 -18.16 -2.30 20.47
CA LEU B 118 -18.74 -0.97 20.66
C LEU B 118 -17.83 -0.02 19.87
N PHE B 119 -18.03 0.08 18.55
CA PHE B 119 -16.97 0.64 17.70
C PHE B 119 -16.77 2.14 17.84
N PRO B 120 -17.79 3.00 17.66
CA PRO B 120 -17.50 4.43 17.84
C PRO B 120 -17.17 4.76 19.27
N PHE B 121 -17.82 4.07 20.20
CA PHE B 121 -17.74 4.36 21.62
C PHE B 121 -16.89 3.26 22.21
N ASP B 122 -15.59 3.33 21.99
CA ASP B 122 -14.69 2.20 22.13
C ASP B 122 -13.61 2.44 23.18
N ARG B 123 -13.35 1.42 23.98
CA ARG B 123 -12.27 1.45 24.95
C ARG B 123 -11.33 0.30 24.63
N GLN B 124 -10.07 0.62 24.40
CA GLN B 124 -9.03 -0.37 24.13
C GLN B 124 -7.87 -0.10 25.09
N GLN B 125 -6.82 -0.90 24.98
CA GLN B 125 -5.62 -0.59 25.72
C GLN B 125 -4.39 -1.02 24.93
N PHE B 126 -3.38 -0.17 24.94
CA PHE B 126 -2.12 -0.43 24.30
C PHE B 126 -1.20 -1.12 25.31
N VAL B 127 -0.68 -2.28 24.93
CA VAL B 127 0.06 -3.15 25.82
C VAL B 127 1.49 -3.27 25.33
N LEU B 128 2.45 -3.04 26.22
CA LEU B 128 3.87 -3.27 25.97
C LEU B 128 4.32 -4.41 26.86
N GLU B 129 4.75 -5.52 26.26
CA GLU B 129 5.19 -6.69 27.00
C GLU B 129 6.70 -6.83 26.81
N LEU B 130 7.44 -6.74 27.90
CA LEU B 130 8.90 -6.74 27.90
C LEU B 130 9.40 -7.92 28.71
N GLU B 131 10.40 -8.63 28.16
CA GLU B 131 10.81 -9.87 28.77
C GLU B 131 12.26 -10.18 28.41
N PRO B 132 13.05 -10.73 29.33
CA PRO B 132 14.39 -11.18 28.96
C PRO B 132 14.33 -12.32 27.97
N PHE B 133 15.21 -12.28 26.99
CA PHE B 133 15.17 -13.30 25.95
C PHE B 133 15.76 -14.61 26.45
N SER B 134 16.82 -14.54 27.25
CA SER B 134 17.60 -15.71 27.62
C SER B 134 17.44 -16.11 29.08
N TYR B 135 17.37 -15.16 29.99
CA TYR B 135 17.48 -15.42 31.41
C TYR B 135 16.11 -15.53 32.05
N ASN B 136 15.89 -16.61 32.78
CA ASN B 136 14.68 -16.79 33.55
C ASN B 136 14.79 -16.04 34.87
N ASN B 137 13.73 -16.06 35.68
CA ASN B 137 13.71 -15.24 36.89
C ASN B 137 14.64 -15.77 37.98
N GLN B 138 15.20 -16.96 37.83
CA GLN B 138 16.27 -17.39 38.70
C GLN B 138 17.60 -16.71 38.38
N GLN B 139 17.73 -16.12 37.19
CA GLN B 139 18.94 -15.40 36.80
C GLN B 139 18.72 -13.93 36.51
N LEU B 140 17.48 -13.49 36.33
CA LEU B 140 17.22 -12.06 36.09
C LEU B 140 15.79 -11.80 36.54
N ARG B 141 15.62 -11.01 37.59
CA ARG B 141 14.31 -10.64 38.10
C ARG B 141 14.10 -9.15 37.90
N PHE B 142 12.93 -8.78 37.38
CA PHE B 142 12.58 -7.37 37.25
C PHE B 142 12.12 -6.86 38.61
N SER B 143 12.94 -6.03 39.24
CA SER B 143 12.63 -5.56 40.58
C SER B 143 11.41 -4.63 40.59
N ASP B 144 11.41 -3.63 39.73
CA ASP B 144 10.28 -2.73 39.60
C ASP B 144 10.32 -2.05 38.25
N ILE B 145 9.19 -1.49 37.84
CA ILE B 145 9.12 -0.62 36.67
C ILE B 145 8.26 0.60 37.00
N GLN B 146 8.75 1.77 36.60
CA GLN B 146 7.95 2.98 36.52
C GLN B 146 7.93 3.43 35.08
N VAL B 147 6.73 3.60 34.51
CA VAL B 147 6.56 4.09 33.16
C VAL B 147 6.28 5.57 33.20
N TYR B 148 7.11 6.34 32.51
CA TYR B 148 7.03 7.80 32.50
C TYR B 148 6.32 8.20 31.22
N THR B 149 5.00 8.04 31.23
CA THR B 149 4.17 8.40 30.08
C THR B 149 3.57 9.80 30.24
N GLU B 150 4.38 10.78 30.64
CA GLU B 150 3.83 12.12 30.81
C GLU B 150 3.67 12.85 29.50
N ASN B 151 4.31 12.37 28.44
CA ASN B 151 4.28 13.07 27.16
C ASN B 151 2.93 12.86 26.48
N ILE B 152 2.27 11.73 26.74
CA ILE B 152 0.97 11.42 26.13
C ILE B 152 -0.08 11.13 27.20
N ASP B 153 0.14 11.63 28.43
CA ASP B 153 -0.67 11.20 29.58
C ASP B 153 -2.14 11.57 29.42
N ASN B 154 -2.42 12.76 28.92
CA ASN B 154 -3.79 13.21 28.64
C ASN B 154 -3.73 13.91 27.29
N GLU B 155 -3.86 13.13 26.23
CA GLU B 155 -3.58 13.62 24.89
C GLU B 155 -4.30 12.75 23.87
N GLU B 156 -4.91 13.39 22.89
CA GLU B 156 -5.52 12.70 21.76
C GLU B 156 -4.47 12.54 20.67
N ILE B 157 -4.26 11.31 20.22
CA ILE B 157 -3.19 11.09 19.24
C ILE B 157 -3.75 11.15 17.81
N ASP B 158 -4.64 10.24 17.45
CA ASP B 158 -5.37 10.34 16.19
C ASP B 158 -6.87 10.40 16.41
N GLU B 159 -7.44 9.36 17.02
CA GLU B 159 -8.83 9.40 17.47
C GLU B 159 -8.95 8.73 18.83
N TRP B 160 -7.83 8.55 19.54
CA TRP B 160 -7.80 7.91 20.84
C TRP B 160 -7.37 8.92 21.89
N TRP B 161 -8.21 9.11 22.89
CA TRP B 161 -7.82 9.81 24.09
C TRP B 161 -7.10 8.85 25.01
N ILE B 162 -5.97 9.27 25.58
CA ILE B 162 -5.28 8.47 26.58
C ILE B 162 -5.81 8.86 27.95
N ARG B 163 -6.57 7.97 28.58
CA ARG B 163 -7.21 8.22 29.86
C ARG B 163 -6.50 7.44 30.96
N GLY B 164 -6.23 8.11 32.07
CA GLY B 164 -5.62 7.48 33.21
C GLY B 164 -4.11 7.34 33.08
N LYS B 165 -3.55 6.64 34.05
CA LYS B 165 -2.14 6.33 34.06
C LYS B 165 -1.89 4.98 33.40
N ALA B 166 -0.62 4.72 33.10
CA ALA B 166 -0.21 3.45 32.52
C ALA B 166 -0.01 2.47 33.67
N SER B 167 -0.90 1.47 33.76
CA SER B 167 -0.78 0.47 34.80
C SER B 167 0.36 -0.48 34.47
N THR B 168 1.23 -0.71 35.45
CA THR B 168 2.43 -1.50 35.26
C THR B 168 2.34 -2.76 36.11
N HIS B 169 2.59 -3.91 35.50
CA HIS B 169 2.54 -5.18 36.20
C HIS B 169 3.82 -5.95 35.91
N ILE B 170 4.30 -6.67 36.92
CA ILE B 170 5.41 -7.60 36.76
C ILE B 170 4.92 -8.99 37.12
N SER B 171 4.88 -9.87 36.12
CA SER B 171 4.39 -11.21 36.27
C SER B 171 5.50 -12.18 35.90
N ASP B 172 5.18 -13.47 35.92
CA ASP B 172 6.13 -14.51 35.56
C ASP B 172 5.42 -15.53 34.68
N ILE B 173 6.02 -15.82 33.52
CA ILE B 173 5.40 -16.64 32.49
C ILE B 173 6.18 -17.95 32.39
N ARG B 174 5.47 -19.05 32.57
CA ARG B 174 6.10 -20.36 32.41
C ARG B 174 6.10 -20.74 30.93
N TYR B 175 7.24 -21.18 30.44
CA TYR B 175 7.40 -21.56 29.04
C TYR B 175 7.61 -23.06 28.93
N ASP B 176 6.65 -23.75 28.31
CA ASP B 176 6.74 -25.20 28.19
C ASP B 176 7.76 -25.63 27.15
N HIS B 177 8.03 -24.79 26.15
CA HIS B 177 9.00 -25.17 25.12
C HIS B 177 10.42 -25.19 25.65
N LEU B 178 10.69 -24.48 26.74
CA LEU B 178 12.01 -24.46 27.36
C LEU B 178 12.13 -25.45 28.51
N SER B 179 11.12 -26.32 28.69
CA SER B 179 11.15 -27.26 29.81
C SER B 179 12.16 -28.38 29.58
N SER B 180 12.37 -28.79 28.33
CA SER B 180 13.35 -29.83 28.06
C SER B 180 14.78 -29.29 28.16
N VAL B 181 15.00 -28.06 27.70
CA VAL B 181 16.34 -27.50 27.71
C VAL B 181 16.69 -26.88 29.06
N GLN B 182 15.70 -26.41 29.81
CA GLN B 182 15.87 -25.98 31.19
C GLN B 182 14.86 -26.77 32.00
N PRO B 183 15.30 -27.74 32.81
CA PRO B 183 14.37 -28.74 33.37
C PRO B 183 13.31 -28.19 34.31
N ASN B 184 13.72 -27.43 35.33
CA ASN B 184 12.79 -26.96 36.35
C ASN B 184 12.82 -25.45 36.52
N GLN B 185 13.52 -24.74 35.64
CA GLN B 185 13.58 -23.28 35.70
C GLN B 185 13.37 -22.74 34.29
N ASN B 186 12.10 -22.59 33.91
CA ASN B 186 11.72 -22.05 32.61
C ASN B 186 10.77 -20.87 32.76
N GLU B 187 10.62 -20.36 33.97
CA GLU B 187 9.68 -19.28 34.27
C GLU B 187 10.41 -17.96 34.12
N PHE B 188 9.90 -17.08 33.27
CA PHE B 188 10.58 -15.85 32.89
C PHE B 188 9.85 -14.66 33.48
N SER B 189 10.60 -13.70 34.02
CA SER B 189 10.00 -12.47 34.50
C SER B 189 9.51 -11.65 33.32
N ARG B 190 8.37 -10.98 33.47
CA ARG B 190 7.80 -10.20 32.39
C ARG B 190 7.19 -8.92 32.94
N ILE B 191 7.33 -7.84 32.19
CA ILE B 191 6.70 -6.57 32.50
C ILE B 191 5.62 -6.30 31.48
N THR B 192 4.41 -6.01 31.95
CA THR B 192 3.30 -5.61 31.08
C THR B 192 2.91 -4.18 31.42
N VAL B 193 2.89 -3.32 30.41
CA VAL B 193 2.50 -1.92 30.56
C VAL B 193 1.21 -1.72 29.78
N ARG B 194 0.14 -1.35 30.49
CA ARG B 194 -1.15 -1.11 29.86
C ARG B 194 -1.44 0.38 29.88
N ILE B 195 -1.73 0.94 28.72
CA ILE B 195 -2.15 2.32 28.57
C ILE B 195 -3.56 2.29 28.00
N ASP B 196 -4.54 2.66 28.83
CA ASP B 196 -5.93 2.63 28.39
C ASP B 196 -6.22 3.79 27.44
N ALA B 197 -6.97 3.51 26.38
CA ALA B 197 -7.34 4.51 25.40
C ALA B 197 -8.83 4.41 25.12
N VAL B 198 -9.46 5.56 24.92
CA VAL B 198 -10.89 5.65 24.60
C VAL B 198 -11.02 6.29 23.23
N ARG B 199 -11.76 5.65 22.34
CA ARG B 199 -11.90 6.18 21.00
C ARG B 199 -12.74 7.45 20.99
N ASN B 200 -12.38 8.39 20.11
CA ASN B 200 -13.17 9.58 19.89
C ASN B 200 -14.24 9.25 18.87
N PRO B 201 -15.52 9.27 19.24
CA PRO B 201 -16.58 8.92 18.28
C PRO B 201 -17.03 10.08 17.41
N SER B 202 -16.39 11.24 17.51
CA SER B 202 -16.91 12.46 16.90
C SER B 202 -16.93 12.35 15.38
N TYR B 203 -15.86 11.80 14.78
CA TYR B 203 -15.77 11.70 13.33
C TYR B 203 -16.88 10.82 12.77
N TYR B 204 -17.15 9.70 13.43
CA TYR B 204 -18.24 8.84 12.98
C TYR B 204 -19.59 9.49 13.24
N LEU B 205 -19.67 10.38 14.23
CA LEU B 205 -20.92 11.06 14.51
C LEU B 205 -21.27 12.07 13.42
N TRP B 206 -20.34 12.94 13.05
CA TRP B 206 -20.66 13.91 12.00
C TRP B 206 -20.46 13.38 10.60
N SER B 207 -19.80 12.23 10.44
CA SER B 207 -19.40 11.75 9.13
C SER B 207 -20.17 10.54 8.65
N PHE B 208 -20.63 9.67 9.55
CA PHE B 208 -21.41 8.53 9.10
C PHE B 208 -22.77 8.45 9.76
N ILE B 209 -22.87 8.79 11.04
CA ILE B 209 -24.16 8.75 11.72
C ILE B 209 -25.10 9.78 11.16
N LEU B 210 -24.59 10.99 10.88
CA LEU B 210 -25.43 12.04 10.33
C LEU B 210 -25.95 11.77 8.91
N PRO B 211 -25.13 11.37 7.92
CA PRO B 211 -25.73 11.07 6.60
C PRO B 211 -26.69 9.90 6.61
N LEU B 212 -26.39 8.87 7.40
CA LEU B 212 -27.30 7.74 7.50
C LEU B 212 -28.58 8.13 8.21
N GLY B 213 -28.49 9.04 9.18
CA GLY B 213 -29.69 9.55 9.82
C GLY B 213 -30.58 10.34 8.88
N LEU B 214 -29.98 11.21 8.06
CA LEU B 214 -30.76 11.91 7.03
C LEU B 214 -31.33 10.94 5.99
N ILE B 215 -30.62 9.88 5.66
CA ILE B 215 -31.16 8.90 4.70
C ILE B 215 -32.35 8.17 5.30
N ILE B 216 -32.25 7.73 6.56
CA ILE B 216 -33.35 7.04 7.20
C ILE B 216 -34.54 7.96 7.41
N ALA B 217 -34.28 9.24 7.73
CA ALA B 217 -35.37 10.20 7.87
C ALA B 217 -36.03 10.51 6.54
N ALA B 218 -35.26 10.52 5.44
CA ALA B 218 -35.85 10.72 4.13
C ALA B 218 -36.72 9.55 3.73
N SER B 219 -36.32 8.34 4.11
CA SER B 219 -37.14 7.17 3.83
C SER B 219 -38.34 7.10 4.75
N TRP B 220 -38.27 7.76 5.90
CA TRP B 220 -39.50 8.01 6.65
C TRP B 220 -40.40 8.96 5.89
N SER B 221 -39.79 9.96 5.23
CA SER B 221 -40.55 10.98 4.52
C SER B 221 -41.18 10.47 3.23
N VAL B 222 -40.72 9.35 2.68
CA VAL B 222 -41.32 8.89 1.43
C VAL B 222 -42.71 8.28 1.68
N PHE B 223 -43.03 7.92 2.94
CA PHE B 223 -44.39 7.51 3.28
C PHE B 223 -45.40 8.64 3.09
N TRP B 224 -44.96 9.89 3.22
CA TRP B 224 -45.86 11.03 3.14
C TRP B 224 -46.24 11.39 1.71
N LEU B 225 -45.74 10.64 0.72
CA LEU B 225 -46.10 10.88 -0.66
C LEU B 225 -47.44 10.23 -0.99
N GLU B 226 -47.99 10.62 -2.15
CA GLU B 226 -49.28 10.13 -2.59
C GLU B 226 -49.20 9.18 -3.78
N SER B 227 -48.23 9.39 -4.67
CA SER B 227 -48.13 8.59 -5.89
C SER B 227 -47.23 7.39 -5.67
N PHE B 228 -47.65 6.24 -6.21
CA PHE B 228 -46.88 5.01 -6.13
C PHE B 228 -45.60 5.03 -6.96
N SER B 229 -45.52 5.89 -7.98
CA SER B 229 -44.33 5.93 -8.83
C SER B 229 -43.13 6.50 -8.08
N GLU B 230 -43.37 7.22 -6.98
CA GLU B 230 -42.31 7.83 -6.20
C GLU B 230 -42.07 7.13 -4.87
N ARG B 231 -43.00 6.31 -4.41
CA ARG B 231 -42.83 5.72 -3.09
C ARG B 231 -42.02 4.45 -3.12
N LEU B 232 -41.82 3.88 -4.30
CA LEU B 232 -41.09 2.63 -4.39
C LEU B 232 -39.72 2.83 -4.99
N GLN B 233 -39.62 3.70 -5.99
N GLN B 233 -39.62 3.70 -5.99
CA GLN B 233 -38.34 3.96 -6.62
CA GLN B 233 -38.34 3.95 -6.62
C GLN B 233 -37.41 4.65 -5.65
C GLN B 233 -37.41 4.65 -5.65
N THR B 234 -37.92 5.64 -4.93
CA THR B 234 -37.10 6.35 -3.96
C THR B 234 -36.66 5.34 -2.96
N SER B 235 -37.61 4.61 -2.38
CA SER B 235 -37.29 3.61 -1.40
C SER B 235 -36.16 2.73 -1.88
N PHE B 236 -36.19 2.31 -3.13
CA PHE B 236 -35.16 1.40 -3.60
C PHE B 236 -33.81 2.10 -3.73
N THR B 237 -33.81 3.36 -4.15
CA THR B 237 -32.58 4.13 -4.19
C THR B 237 -31.97 4.29 -2.81
N LEU B 238 -32.80 4.62 -1.81
CA LEU B 238 -32.31 4.76 -0.45
C LEU B 238 -31.88 3.41 0.13
N MET B 239 -32.59 2.34 -0.21
CA MET B 239 -32.20 1.01 0.22
C MET B 239 -30.82 0.64 -0.29
N LEU B 240 -30.58 0.83 -1.59
CA LEU B 240 -29.30 0.47 -2.15
C LEU B 240 -28.20 1.42 -1.69
N THR B 241 -28.54 2.66 -1.37
CA THR B 241 -27.56 3.57 -0.76
C THR B 241 -27.14 3.07 0.61
N VAL B 242 -28.08 2.58 1.42
CA VAL B 242 -27.71 2.00 2.71
C VAL B 242 -26.94 0.70 2.52
N VAL B 243 -27.33 -0.10 1.53
CA VAL B 243 -26.68 -1.39 1.28
C VAL B 243 -25.24 -1.20 0.84
N ALA B 244 -24.97 -0.12 0.10
CA ALA B 244 -23.60 0.21 -0.31
C ALA B 244 -22.69 0.55 0.86
N TYR B 245 -23.24 0.81 2.04
CA TYR B 245 -22.45 1.15 3.22
C TYR B 245 -22.11 -0.06 4.08
N ALA B 246 -22.27 -1.27 3.53
CA ALA B 246 -22.04 -2.50 4.30
C ALA B 246 -20.58 -2.63 4.72
N PHE B 247 -19.65 -2.27 3.83
CA PHE B 247 -18.23 -2.47 4.06
C PHE B 247 -17.56 -1.21 4.60
N TYR B 248 -18.30 -0.38 5.31
CA TYR B 248 -17.73 0.83 5.88
C TYR B 248 -16.80 0.51 7.03
N THR B 249 -17.23 -0.36 7.95
CA THR B 249 -16.41 -0.73 9.10
C THR B 249 -15.27 -1.66 8.74
N SER B 250 -15.44 -2.48 7.69
CA SER B 250 -14.37 -3.38 7.27
C SER B 250 -13.20 -2.63 6.66
N ASN B 251 -13.40 -1.39 6.25
CA ASN B 251 -12.28 -0.54 5.86
C ASN B 251 -11.58 0.07 7.07
N ILE B 252 -12.30 0.27 8.17
CA ILE B 252 -11.74 0.82 9.40
C ILE B 252 -11.25 -0.26 10.33
N LEU B 253 -12.09 -1.24 10.62
CA LEU B 253 -11.72 -2.40 11.40
C LEU B 253 -11.39 -3.54 10.46
N GLY B 254 -11.18 -4.74 11.00
CA GLY B 254 -10.99 -5.91 10.18
C GLY B 254 -12.32 -6.46 9.70
N ARG B 255 -12.26 -7.68 9.18
CA ARG B 255 -13.48 -8.41 8.85
C ARG B 255 -13.94 -9.17 10.08
N LEU B 256 -14.53 -8.41 11.01
CA LEU B 256 -14.84 -8.92 12.33
C LEU B 256 -16.05 -9.85 12.30
N PRO B 257 -16.02 -10.94 13.07
CA PRO B 257 -17.18 -11.84 13.10
C PRO B 257 -18.40 -11.26 13.80
N TYR B 258 -18.23 -10.27 14.66
CA TYR B 258 -19.34 -9.67 15.38
C TYR B 258 -19.75 -8.36 14.71
N THR B 259 -20.91 -7.87 15.11
CA THR B 259 -21.42 -6.60 14.61
C THR B 259 -21.16 -5.50 15.63
N THR B 260 -20.64 -4.38 15.13
CA THR B 260 -20.38 -3.18 15.91
C THR B 260 -21.67 -2.39 16.08
N TYR B 261 -21.58 -1.13 16.47
CA TYR B 261 -22.79 -0.33 16.54
C TYR B 261 -23.13 0.30 15.19
N ILE B 262 -22.09 0.62 14.42
CA ILE B 262 -22.27 1.22 13.10
C ILE B 262 -22.98 0.26 12.15
N ASP B 263 -22.49 -0.98 12.09
CA ASP B 263 -23.06 -1.94 11.15
C ASP B 263 -24.40 -2.48 11.61
N GLN B 264 -24.67 -2.53 12.92
CA GLN B 264 -26.03 -2.79 13.37
C GLN B 264 -26.98 -1.66 12.99
N MET B 265 -26.50 -0.41 13.01
CA MET B 265 -27.34 0.67 12.49
C MET B 265 -27.57 0.52 10.99
N ILE B 266 -26.56 0.04 10.26
CA ILE B 266 -26.71 -0.21 8.82
C ILE B 266 -27.72 -1.32 8.57
N ILE B 267 -27.66 -2.40 9.36
CA ILE B 267 -28.62 -3.50 9.21
C ILE B 267 -30.02 -3.06 9.63
N ALA B 268 -30.14 -2.20 10.64
CA ALA B 268 -31.43 -1.61 10.98
C ALA B 268 -31.95 -0.77 9.82
N GLY B 269 -31.05 -0.08 9.12
CA GLY B 269 -31.44 0.61 7.90
C GLY B 269 -31.94 -0.35 6.83
N TYR B 270 -31.26 -1.49 6.66
CA TYR B 270 -31.70 -2.52 5.70
C TYR B 270 -33.12 -2.95 6.00
N GLY B 271 -33.35 -3.33 7.26
CA GLY B 271 -34.65 -3.82 7.67
C GLY B 271 -35.73 -2.75 7.57
N SER B 272 -35.37 -1.51 7.87
CA SER B 272 -36.35 -0.43 7.79
C SER B 272 -36.77 -0.16 6.36
N ILE B 273 -35.80 -0.05 5.44
CA ILE B 273 -36.19 0.26 4.06
C ILE B 273 -36.87 -0.94 3.42
N PHE B 274 -36.43 -2.15 3.77
CA PHE B 274 -37.05 -3.35 3.24
C PHE B 274 -38.47 -3.52 3.74
N ALA B 275 -38.71 -3.24 5.03
CA ALA B 275 -40.06 -3.30 5.57
C ALA B 275 -40.94 -2.23 4.96
N ALA B 276 -40.39 -1.04 4.72
CA ALA B 276 -41.12 0.00 4.01
C ALA B 276 -41.51 -0.44 2.60
N ILE B 277 -40.55 -1.02 1.87
CA ILE B 277 -40.80 -1.46 0.50
C ILE B 277 -41.83 -2.57 0.47
N LEU B 278 -41.72 -3.54 1.36
CA LEU B 278 -42.67 -4.64 1.40
C LEU B 278 -44.06 -4.16 1.80
N LEU B 279 -44.14 -3.21 2.74
CA LEU B 279 -45.42 -2.69 3.18
C LEU B 279 -46.11 -1.93 2.05
N ILE B 280 -45.38 -1.09 1.34
CA ILE B 280 -45.98 -0.31 0.26
C ILE B 280 -46.37 -1.21 -0.91
N ILE B 281 -45.54 -2.21 -1.22
CA ILE B 281 -45.88 -3.16 -2.29
C ILE B 281 -47.13 -3.96 -1.93
N PHE B 282 -47.22 -4.41 -0.67
CA PHE B 282 -48.41 -5.13 -0.22
C PHE B 282 -49.66 -4.25 -0.28
N ALA B 283 -49.53 -2.97 0.11
CA ALA B 283 -50.66 -2.05 0.05
C ALA B 283 -51.14 -1.86 -1.38
N HIS B 284 -50.21 -1.67 -2.32
CA HIS B 284 -50.63 -1.53 -3.71
C HIS B 284 -51.14 -2.82 -4.31
N HIS B 285 -50.70 -3.99 -3.81
CA HIS B 285 -51.21 -5.25 -4.32
C HIS B 285 -52.63 -5.51 -3.80
N ARG B 286 -52.92 -5.14 -2.56
CA ARG B 286 -54.28 -5.26 -2.06
C ARG B 286 -55.17 -4.11 -2.52
N GLN B 287 -54.59 -3.08 -3.13
CA GLN B 287 -55.36 -1.98 -3.71
C GLN B 287 -55.76 -2.24 -5.17
N ALA B 288 -55.97 -3.50 -5.56
CA ALA B 288 -56.22 -3.81 -6.96
C ALA B 288 -57.67 -3.55 -7.35
N ASN B 289 -58.62 -4.16 -6.65
CA ASN B 289 -60.00 -4.27 -7.12
C ASN B 289 -60.89 -3.10 -6.69
N GLY B 290 -60.34 -1.90 -6.53
CA GLY B 290 -61.17 -0.75 -6.21
C GLY B 290 -60.33 0.35 -5.58
N VAL B 291 -61.02 1.21 -4.82
CA VAL B 291 -60.31 2.21 -4.05
C VAL B 291 -59.50 1.56 -2.91
N GLU B 292 -60.11 0.58 -2.22
CA GLU B 292 -59.43 -0.39 -1.35
C GLU B 292 -58.54 0.27 -0.30
N ASP B 293 -59.04 1.37 0.27
CA ASP B 293 -58.27 2.19 1.20
C ASP B 293 -58.69 1.88 2.63
N ASP B 294 -57.72 1.55 3.47
CA ASP B 294 -57.96 1.33 4.88
C ASP B 294 -57.35 2.46 5.69
N LEU B 295 -57.96 2.75 6.84
CA LEU B 295 -57.55 3.88 7.66
C LEU B 295 -56.24 3.62 8.40
N LEU B 296 -55.78 2.37 8.45
CA LEU B 296 -54.61 2.04 9.26
C LEU B 296 -53.30 2.25 8.52
N ILE B 297 -53.22 1.80 7.26
CA ILE B 297 -51.97 1.84 6.52
C ILE B 297 -51.61 3.28 6.16
N GLN B 298 -52.60 4.10 5.80
CA GLN B 298 -52.36 5.50 5.50
C GLN B 298 -51.87 6.30 6.69
N ARG B 299 -52.13 5.83 7.91
CA ARG B 299 -51.67 6.49 9.13
C ARG B 299 -50.43 5.84 9.70
N SER B 300 -49.86 4.85 9.02
CA SER B 300 -48.64 4.18 9.45
C SER B 300 -47.39 4.95 9.06
N ARG B 301 -47.55 6.13 8.43
CA ARG B 301 -46.40 6.98 8.12
C ARG B 301 -45.75 7.52 9.39
N LEU B 302 -46.54 7.75 10.45
CA LEU B 302 -46.00 8.26 11.70
C LEU B 302 -45.64 7.15 12.68
N ALA B 303 -46.18 5.95 12.52
CA ALA B 303 -45.90 4.85 13.43
C ALA B 303 -44.61 4.11 13.11
N PHE B 304 -44.04 4.33 11.93
CA PHE B 304 -42.82 3.65 11.51
C PHE B 304 -41.55 4.32 12.07
N PRO B 305 -41.39 5.66 12.02
CA PRO B 305 -40.23 6.25 12.73
C PRO B 305 -40.25 6.02 14.23
N LEU B 306 -41.43 5.94 14.84
CA LEU B 306 -41.51 5.59 16.26
C LEU B 306 -41.00 4.18 16.50
N GLY B 307 -41.31 3.25 15.58
CA GLY B 307 -40.77 1.91 15.69
C GLY B 307 -39.27 1.87 15.54
N PHE B 308 -38.72 2.66 14.60
CA PHE B 308 -37.27 2.69 14.45
C PHE B 308 -36.60 3.34 15.67
N LEU B 309 -37.22 4.36 16.25
CA LEU B 309 -36.69 4.98 17.46
C LEU B 309 -36.74 4.02 18.64
N ALA B 310 -37.80 3.21 18.73
CA ALA B 310 -37.86 2.18 19.78
C ALA B 310 -36.79 1.12 19.59
N ILE B 311 -36.55 0.71 18.35
CA ILE B 311 -35.48 -0.25 18.06
C ILE B 311 -34.11 0.33 18.41
N GLY B 312 -33.89 1.60 18.05
CA GLY B 312 -32.64 2.26 18.41
C GLY B 312 -32.48 2.39 19.92
N CYS B 313 -33.55 2.71 20.62
CA CYS B 313 -33.48 2.85 22.07
C CYS B 313 -33.22 1.51 22.75
N VAL B 314 -33.83 0.42 22.26
CA VAL B 314 -33.59 -0.87 22.88
C VAL B 314 -32.22 -1.42 22.50
N LEU B 315 -31.64 -0.94 21.39
CA LEU B 315 -30.25 -1.28 21.11
C LEU B 315 -29.27 -0.48 21.97
N VAL B 316 -29.58 0.79 22.24
CA VAL B 316 -28.73 1.60 23.11
C VAL B 316 -28.82 1.11 24.56
N ILE B 317 -30.00 0.69 25.01
CA ILE B 317 -30.22 0.38 26.43
C ILE B 317 -29.39 -0.81 26.91
N ARG B 318 -28.92 -1.67 26.00
CA ARG B 318 -27.97 -2.70 26.38
C ARG B 318 -26.62 -2.10 26.76
N PHE B 319 -26.19 -1.05 26.03
CA PHE B 319 -24.98 -0.33 26.41
C PHE B 319 -25.21 0.51 27.65
N PHE B 320 -26.43 1.03 27.81
CA PHE B 320 -26.78 1.85 28.96
C PHE B 320 -26.76 1.07 30.27
N THR B 321 -26.97 -0.25 30.20
CA THR B 321 -26.90 -1.09 31.39
C THR B 321 -25.62 -1.93 31.38
N PRO C 11 25.26 -39.16 11.43
CA PRO C 11 24.71 -37.80 11.56
C PRO C 11 24.59 -37.39 13.01
N VAL C 12 24.08 -36.18 13.26
CA VAL C 12 23.81 -35.70 14.61
C VAL C 12 22.30 -35.52 14.77
N ASP C 13 21.80 -35.86 15.95
CA ASP C 13 20.38 -35.80 16.22
C ASP C 13 20.04 -34.41 16.75
N VAL C 14 19.22 -33.68 16.00
CA VAL C 14 18.80 -32.34 16.38
C VAL C 14 17.34 -32.40 16.75
N SER C 15 17.03 -32.09 18.01
CA SER C 15 15.67 -32.11 18.53
C SER C 15 15.15 -30.68 18.54
N VAL C 16 14.04 -30.44 17.85
CA VAL C 16 13.52 -29.09 17.64
C VAL C 16 12.27 -28.91 18.48
N SER C 17 12.11 -27.72 19.03
CA SER C 17 10.88 -27.29 19.70
C SER C 17 10.48 -25.94 19.14
N ILE C 18 9.32 -25.88 18.52
CA ILE C 18 8.82 -24.65 17.93
C ILE C 18 7.67 -24.15 18.78
N PHE C 19 7.84 -22.99 19.39
CA PHE C 19 6.80 -22.35 20.17
C PHE C 19 6.20 -21.25 19.30
N ILE C 20 4.93 -21.36 18.97
CA ILE C 20 4.25 -20.36 18.16
C ILE C 20 3.66 -19.31 19.08
N ASN C 21 4.27 -18.12 19.09
CA ASN C 21 3.75 -17.04 19.91
C ASN C 21 2.40 -16.55 19.38
N LYS C 22 2.34 -16.28 18.08
CA LYS C 22 1.10 -15.81 17.47
C LYS C 22 1.16 -16.02 15.97
N ILE C 23 -0.03 -16.19 15.38
CA ILE C 23 -0.20 -16.18 13.94
C ILE C 23 -1.09 -14.99 13.62
N TYR C 24 -0.61 -14.13 12.73
CA TYR C 24 -1.29 -12.87 12.44
C TYR C 24 -1.06 -12.54 10.98
N GLY C 25 -1.81 -11.56 10.49
CA GLY C 25 -1.63 -11.08 9.13
C GLY C 25 -1.90 -12.13 8.08
N VAL C 26 -2.94 -12.93 8.25
CA VAL C 26 -3.26 -13.99 7.31
C VAL C 26 -3.81 -13.35 6.05
N ASN C 27 -2.94 -13.18 5.06
CA ASN C 27 -3.26 -12.49 3.83
C ASN C 27 -3.67 -13.53 2.81
N THR C 28 -4.95 -13.52 2.41
CA THR C 28 -5.44 -14.46 1.42
C THR C 28 -5.25 -13.99 -0.01
N LEU C 29 -4.80 -12.75 -0.20
CA LEU C 29 -4.50 -12.26 -1.55
C LEU C 29 -3.32 -13.01 -2.15
N GLU C 30 -2.21 -13.09 -1.42
CA GLU C 30 -1.07 -13.90 -1.84
C GLU C 30 -0.91 -15.18 -1.03
N GLN C 31 -1.91 -15.54 -0.23
CA GLN C 31 -1.96 -16.80 0.52
C GLN C 31 -0.77 -16.94 1.47
N THR C 32 -0.45 -15.87 2.17
CA THR C 32 0.61 -15.86 3.15
C THR C 32 0.05 -15.54 4.53
N TYR C 33 0.83 -15.88 5.55
CA TYR C 33 0.45 -15.66 6.92
C TYR C 33 1.72 -15.43 7.72
N LYS C 34 1.69 -14.47 8.62
CA LYS C 34 2.88 -14.12 9.39
C LYS C 34 2.87 -14.90 10.69
N VAL C 35 3.91 -15.69 10.92
CA VAL C 35 4.05 -16.50 12.12
C VAL C 35 5.25 -15.97 12.90
N ASP C 36 5.01 -15.72 14.19
CA ASP C 36 6.03 -15.30 15.13
C ASP C 36 6.21 -16.40 16.16
N GLY C 37 7.45 -16.65 16.56
CA GLY C 37 7.67 -17.69 17.53
C GLY C 37 9.12 -17.84 17.88
N TYR C 38 9.41 -18.92 18.61
CA TYR C 38 10.74 -19.28 19.02
C TYR C 38 11.05 -20.68 18.54
N ILE C 39 12.28 -20.92 18.13
CA ILE C 39 12.75 -22.24 17.72
C ILE C 39 13.93 -22.62 18.59
N VAL C 40 13.89 -23.83 19.14
CA VAL C 40 14.91 -24.34 20.05
C VAL C 40 15.43 -25.64 19.45
N ALA C 41 16.63 -25.61 18.89
CA ALA C 41 17.24 -26.80 18.32
C ALA C 41 18.35 -27.28 19.26
N GLN C 42 18.25 -28.52 19.70
CA GLN C 42 19.14 -29.08 20.71
C GLN C 42 19.86 -30.30 20.14
N TRP C 43 21.18 -30.30 20.20
CA TRP C 43 21.96 -31.45 19.79
C TRP C 43 23.05 -31.68 20.82
N THR C 44 23.84 -32.72 20.62
CA THR C 44 24.91 -33.05 21.55
C THR C 44 26.24 -33.11 20.80
N GLY C 45 27.27 -32.52 21.40
CA GLY C 45 28.60 -32.56 20.84
C GLY C 45 29.64 -33.03 21.84
N LYS C 46 30.90 -32.67 21.62
CA LYS C 46 31.95 -33.00 22.55
C LYS C 46 31.81 -32.18 23.84
N PRO C 47 32.17 -32.76 24.98
CA PRO C 47 32.07 -32.01 26.24
C PRO C 47 33.01 -30.82 26.28
N ARG C 48 32.60 -29.79 27.00
CA ARG C 48 33.34 -28.54 27.07
C ARG C 48 33.33 -28.02 28.49
N LYS C 49 34.20 -27.05 28.75
CA LYS C 49 34.33 -26.42 30.05
C LYS C 49 33.76 -25.02 30.00
N THR C 50 32.99 -24.67 31.02
CA THR C 50 32.31 -23.38 31.15
C THR C 50 32.70 -22.74 32.46
N PRO C 51 32.57 -21.40 32.58
CA PRO C 51 32.77 -20.77 33.90
C PRO C 51 31.82 -21.30 34.97
N GLY C 52 32.39 -21.97 35.96
CA GLY C 52 31.59 -22.75 36.89
C GLY C 52 31.23 -24.09 36.28
N ASP C 53 29.99 -24.53 36.48
CA ASP C 53 29.48 -25.69 35.76
C ASP C 53 28.07 -25.44 35.24
N LYS C 54 27.57 -24.22 35.34
CA LYS C 54 26.27 -23.89 34.76
C LYS C 54 26.39 -23.88 33.24
N PRO C 55 25.29 -24.11 32.53
CA PRO C 55 25.27 -23.88 31.08
C PRO C 55 25.56 -22.42 30.78
N LEU C 56 26.38 -22.19 29.76
CA LEU C 56 26.82 -20.86 29.38
C LEU C 56 25.90 -20.31 28.31
N ILE C 57 25.39 -19.11 28.52
CA ILE C 57 24.47 -18.46 27.59
C ILE C 57 25.26 -17.45 26.77
N VAL C 58 25.26 -17.62 25.46
CA VAL C 58 25.91 -16.71 24.53
C VAL C 58 24.79 -16.00 23.78
N GLU C 59 24.71 -14.69 23.94
CA GLU C 59 23.62 -13.92 23.35
C GLU C 59 23.84 -13.74 21.86
N ASN C 60 23.05 -12.88 21.26
CA ASN C 60 23.22 -12.57 19.86
C ASN C 60 24.57 -11.93 19.68
N THR C 61 25.04 -11.82 18.45
CA THR C 61 26.33 -11.14 18.16
C THR C 61 27.54 -11.90 18.69
N GLN C 62 27.34 -12.73 19.70
CA GLN C 62 28.43 -13.51 20.23
C GLN C 62 28.42 -14.94 19.72
N ILE C 63 27.34 -15.37 19.09
CA ILE C 63 27.36 -16.70 18.51
C ILE C 63 28.40 -16.74 17.40
N GLU C 64 28.58 -15.63 16.68
CA GLU C 64 29.57 -15.56 15.60
C GLU C 64 30.98 -15.78 16.12
N ARG C 65 31.30 -15.26 17.30
CA ARG C 65 32.63 -15.47 17.87
C ARG C 65 32.87 -16.93 18.19
N TRP C 66 31.86 -17.61 18.71
CA TRP C 66 32.00 -19.03 19.01
C TRP C 66 32.05 -19.88 17.75
N ILE C 67 31.35 -19.46 16.69
CA ILE C 67 31.43 -20.19 15.43
C ILE C 67 32.79 -19.99 14.78
N ASN C 68 33.35 -18.78 14.87
CA ASN C 68 34.70 -18.54 14.37
C ASN C 68 35.74 -19.30 15.19
N ASN C 69 35.45 -19.51 16.48
CA ASN C 69 36.31 -20.36 17.30
C ASN C 69 36.30 -21.80 16.82
N GLY C 70 35.18 -22.26 16.26
CA GLY C 70 35.13 -23.58 15.67
C GLY C 70 33.93 -24.41 16.08
N LEU C 71 33.00 -23.81 16.80
CA LEU C 71 31.82 -24.51 17.26
C LEU C 71 30.85 -24.72 16.10
N TRP C 72 30.28 -25.91 16.03
CA TRP C 72 29.38 -26.29 14.95
C TRP C 72 27.96 -25.82 15.29
N VAL C 73 27.48 -24.83 14.55
CA VAL C 73 26.10 -24.37 14.67
C VAL C 73 25.43 -24.47 13.31
N PRO C 74 24.43 -25.33 13.13
CA PRO C 74 23.77 -25.44 11.83
C PRO C 74 22.88 -24.24 11.53
N ALA C 75 22.70 -23.97 10.25
CA ALA C 75 21.84 -22.90 9.77
C ALA C 75 20.53 -23.53 9.33
N LEU C 76 19.55 -23.55 10.23
CA LEU C 76 18.24 -24.05 9.89
C LEU C 76 17.42 -22.94 9.24
N GLU C 77 16.81 -23.24 8.11
CA GLU C 77 16.06 -22.26 7.34
C GLU C 77 14.62 -22.70 7.21
N PHE C 78 13.77 -21.76 6.83
CA PHE C 78 12.37 -22.02 6.58
C PHE C 78 12.13 -22.09 5.08
N ILE C 79 11.49 -23.16 4.64
CA ILE C 79 11.38 -23.42 3.21
C ILE C 79 10.25 -22.63 2.59
N ASN C 80 9.08 -22.63 3.23
CA ASN C 80 7.89 -22.00 2.68
C ASN C 80 7.77 -20.54 3.05
N VAL C 81 8.89 -19.86 3.31
CA VAL C 81 8.85 -18.47 3.75
C VAL C 81 8.80 -17.55 2.53
N VAL C 82 8.15 -16.40 2.71
CA VAL C 82 8.09 -15.34 1.73
C VAL C 82 8.95 -14.19 2.23
N GLY C 83 9.92 -13.79 1.43
CA GLY C 83 10.93 -12.87 1.90
C GLY C 83 11.96 -13.59 2.75
N SER C 84 12.79 -12.81 3.41
CA SER C 84 13.70 -13.40 4.37
C SER C 84 13.10 -13.26 5.76
N PRO C 85 13.18 -14.29 6.61
CA PRO C 85 12.56 -14.20 7.94
C PRO C 85 13.29 -13.22 8.83
N ASP C 86 12.51 -12.45 9.59
CA ASP C 86 13.10 -11.56 10.57
C ASP C 86 13.53 -12.37 11.78
N THR C 87 14.83 -12.35 12.07
CA THR C 87 15.38 -13.05 13.23
C THR C 87 15.61 -12.04 14.32
N GLY C 88 14.94 -12.22 15.45
CA GLY C 88 15.14 -11.34 16.58
C GLY C 88 16.39 -11.73 17.34
N ASN C 89 16.29 -11.84 18.65
CA ASN C 89 17.43 -12.31 19.42
C ASN C 89 17.66 -13.79 19.17
N LYS C 90 18.92 -14.22 19.27
CA LYS C 90 19.27 -15.62 19.23
C LYS C 90 20.25 -15.90 20.35
N ARG C 91 19.98 -16.93 21.15
CA ARG C 91 20.86 -17.36 22.20
C ARG C 91 21.40 -18.75 21.88
N LEU C 92 22.58 -19.03 22.41
CA LEU C 92 23.28 -20.29 22.24
C LEU C 92 23.70 -20.74 23.62
N MET C 93 23.07 -21.80 24.11
CA MET C 93 23.24 -22.25 25.49
C MET C 93 24.01 -23.56 25.47
N LEU C 94 25.23 -23.52 26.01
CA LEU C 94 26.18 -24.62 25.95
C LEU C 94 26.24 -25.33 27.30
N PHE C 95 26.44 -26.63 27.26
CA PHE C 95 26.47 -27.36 28.51
C PHE C 95 27.85 -27.94 28.78
N PRO C 96 28.21 -28.11 30.06
CA PRO C 96 29.44 -28.85 30.38
C PRO C 96 29.44 -30.29 29.88
N ASP C 97 28.29 -30.95 29.88
CA ASP C 97 28.23 -32.33 29.41
C ASP C 97 28.29 -32.43 27.89
N GLY C 98 28.18 -31.32 27.17
CA GLY C 98 28.47 -31.28 25.76
C GLY C 98 27.29 -30.97 24.86
N ARG C 99 26.10 -30.79 25.41
CA ARG C 99 24.93 -30.53 24.57
C ARG C 99 24.80 -29.04 24.28
N VAL C 100 24.43 -28.73 23.04
CA VAL C 100 24.34 -27.37 22.54
C VAL C 100 22.89 -27.09 22.22
N ILE C 101 22.43 -25.90 22.58
CA ILE C 101 21.05 -25.49 22.36
C ILE C 101 21.06 -24.15 21.64
N TYR C 102 20.37 -24.06 20.52
CA TYR C 102 20.27 -22.83 19.75
C TYR C 102 18.82 -22.39 19.76
N ASN C 103 18.53 -21.32 20.48
CA ASN C 103 17.19 -20.77 20.54
C ASN C 103 17.17 -19.45 19.79
N ALA C 104 16.12 -19.22 19.01
CA ALA C 104 16.06 -18.03 18.17
C ALA C 104 14.61 -17.65 17.93
N ARG C 105 14.33 -16.36 18.01
CA ARG C 105 12.99 -15.84 17.74
C ARG C 105 12.87 -15.60 16.24
N PHE C 106 11.98 -16.34 15.60
CA PHE C 106 11.71 -16.16 14.18
C PHE C 106 10.41 -15.39 13.99
N LEU C 107 10.39 -14.60 12.93
CA LEU C 107 9.18 -13.90 12.50
C LEU C 107 9.19 -13.94 10.98
N GLY C 108 8.26 -14.67 10.39
CA GLY C 108 8.31 -14.93 8.96
C GLY C 108 6.94 -14.87 8.32
N SER C 109 6.93 -14.44 7.07
CA SER C 109 5.75 -14.54 6.22
C SER C 109 5.83 -15.88 5.49
N PHE C 110 5.00 -16.83 5.89
CA PHE C 110 5.02 -18.16 5.33
C PHE C 110 3.86 -18.33 4.36
N SER C 111 4.10 -19.07 3.28
CA SER C 111 3.10 -19.30 2.27
C SER C 111 2.65 -20.76 2.30
N ASN C 112 1.36 -20.96 2.10
CA ASN C 112 0.82 -22.29 1.91
C ASN C 112 -0.19 -22.23 0.76
N ASP C 113 -0.30 -23.34 0.03
CA ASP C 113 -1.29 -23.44 -1.04
C ASP C 113 -2.68 -23.54 -0.43
N MET C 114 -3.47 -22.49 -0.58
CA MET C 114 -4.78 -22.41 0.01
C MET C 114 -5.86 -22.61 -1.05
N ASP C 115 -6.86 -23.42 -0.72
CA ASP C 115 -7.98 -23.73 -1.60
C ASP C 115 -9.21 -23.03 -1.09
N PHE C 116 -9.76 -22.10 -1.89
CA PHE C 116 -10.89 -21.29 -1.48
C PHE C 116 -12.18 -21.67 -2.20
N ARG C 117 -12.34 -22.95 -2.54
CA ARG C 117 -13.55 -23.38 -3.24
C ARG C 117 -14.78 -23.32 -2.35
N LEU C 118 -14.60 -23.26 -1.04
CA LEU C 118 -15.69 -23.10 -0.08
C LEU C 118 -15.31 -21.88 0.76
N PHE C 119 -15.58 -20.67 0.25
CA PHE C 119 -14.89 -19.48 0.80
C PHE C 119 -15.36 -19.07 2.19
N PRO C 120 -16.66 -18.82 2.45
CA PRO C 120 -17.00 -18.44 3.83
C PRO C 120 -16.80 -19.60 4.78
N PHE C 121 -17.05 -20.81 4.32
CA PHE C 121 -17.05 -22.00 5.14
C PHE C 121 -15.78 -22.75 4.77
N ASP C 122 -14.65 -22.26 5.25
CA ASP C 122 -13.35 -22.60 4.70
C ASP C 122 -12.44 -23.26 5.72
N ARG C 123 -11.73 -24.29 5.28
CA ARG C 123 -10.73 -24.97 6.10
C ARG C 123 -9.40 -24.86 5.37
N GLN C 124 -8.41 -24.28 6.03
CA GLN C 124 -7.06 -24.17 5.50
C GLN C 124 -6.10 -24.73 6.54
N GLN C 125 -4.81 -24.69 6.24
CA GLN C 125 -3.83 -25.03 7.25
C GLN C 125 -2.57 -24.20 7.05
N PHE C 126 -2.03 -23.72 8.16
CA PHE C 126 -0.80 -22.97 8.18
C PHE C 126 0.37 -23.94 8.34
N VAL C 127 1.32 -23.89 7.42
CA VAL C 127 2.40 -24.85 7.33
C VAL C 127 3.72 -24.15 7.59
N LEU C 128 4.52 -24.70 8.50
CA LEU C 128 5.89 -24.26 8.75
C LEU C 128 6.82 -25.37 8.31
N GLU C 129 7.65 -25.11 7.31
CA GLU C 129 8.59 -26.08 6.79
C GLU C 129 10.00 -25.67 7.18
N LEU C 130 10.67 -26.50 7.96
CA LEU C 130 11.99 -26.20 8.52
C LEU C 130 12.99 -27.24 8.03
N GLU C 131 14.17 -26.78 7.61
CA GLU C 131 15.10 -27.67 6.97
C GLU C 131 16.52 -27.15 7.13
N PRO C 132 17.51 -28.03 7.34
CA PRO C 132 18.90 -27.57 7.34
C PRO C 132 19.30 -27.05 5.97
N PHE C 133 20.03 -25.96 5.96
CA PHE C 133 20.39 -25.35 4.68
C PHE C 133 21.52 -26.14 4.00
N SER C 134 22.47 -26.64 4.78
CA SER C 134 23.69 -27.22 4.25
C SER C 134 23.78 -28.73 4.41
N TYR C 135 23.33 -29.26 5.54
CA TYR C 135 23.61 -30.63 5.92
C TYR C 135 22.44 -31.52 5.55
N ASN C 136 22.74 -32.60 4.83
CA ASN C 136 21.75 -33.62 4.52
C ASN C 136 21.58 -34.56 5.70
N ASN C 137 20.66 -35.53 5.58
CA ASN C 137 20.35 -36.37 6.73
C ASN C 137 21.44 -37.37 7.08
N GLN C 138 22.46 -37.51 6.23
CA GLN C 138 23.65 -38.25 6.62
C GLN C 138 24.53 -37.46 7.57
N GLN C 139 24.36 -36.15 7.66
CA GLN C 139 25.12 -35.31 8.58
C GLN C 139 24.28 -34.59 9.62
N LEU C 140 22.95 -34.51 9.44
CA LEU C 140 22.09 -33.88 10.44
C LEU C 140 20.71 -34.49 10.28
N ARG C 141 20.26 -35.22 11.29
CA ARG C 141 18.93 -35.82 11.29
C ARG C 141 18.09 -35.18 12.38
N PHE C 142 16.88 -34.80 12.04
CA PHE C 142 15.93 -34.29 13.03
C PHE C 142 15.36 -35.47 13.80
N SER C 143 15.75 -35.60 15.07
CA SER C 143 15.33 -36.75 15.87
C SER C 143 13.83 -36.69 16.17
N ASP C 144 13.36 -35.56 16.69
CA ASP C 144 11.94 -35.37 16.95
C ASP C 144 11.64 -33.88 17.01
N ILE C 145 10.36 -33.54 16.88
CA ILE C 145 9.87 -32.19 17.14
C ILE C 145 8.60 -32.26 17.95
N GLN C 146 8.51 -31.40 18.97
CA GLN C 146 7.27 -31.08 19.64
C GLN C 146 6.99 -29.60 19.46
N VAL C 147 5.83 -29.27 18.92
CA VAL C 147 5.41 -27.89 18.73
C VAL C 147 4.51 -27.48 19.89
N TYR C 148 4.91 -26.43 20.58
CA TYR C 148 4.20 -25.95 21.77
C TYR C 148 3.34 -24.78 21.35
N THR C 149 2.22 -25.11 20.69
CA THR C 149 1.28 -24.09 20.24
C THR C 149 0.13 -23.88 21.23
N GLU C 150 0.45 -23.77 22.53
CA GLU C 150 -0.61 -23.59 23.52
C GLU C 150 -1.13 -22.16 23.55
N ASN C 151 -0.37 -21.22 22.98
CA ASN C 151 -0.76 -19.82 23.06
C ASN C 151 -1.90 -19.53 22.10
N ILE C 152 -2.00 -20.28 21.00
CA ILE C 152 -3.06 -20.09 20.01
C ILE C 152 -3.84 -21.37 19.78
N ASP C 153 -3.82 -22.29 20.75
CA ASP C 153 -4.31 -23.65 20.53
C ASP C 153 -5.80 -23.67 20.20
N ASN C 154 -6.58 -22.87 20.90
CA ASN C 154 -8.02 -22.74 20.65
C ASN C 154 -8.32 -21.25 20.73
N GLU C 155 -8.15 -20.55 19.61
CA GLU C 155 -8.17 -19.10 19.62
C GLU C 155 -8.46 -18.60 18.22
N GLU C 156 -9.33 -17.59 18.14
CA GLU C 156 -9.62 -16.92 16.89
C GLU C 156 -8.66 -15.76 16.73
N ILE C 157 -7.94 -15.70 15.61
CA ILE C 157 -6.93 -14.67 15.45
C ILE C 157 -7.52 -13.45 14.74
N ASP C 158 -7.93 -13.59 13.48
CA ASP C 158 -8.69 -12.54 12.81
C ASP C 158 -10.06 -13.03 12.37
N GLU C 159 -10.10 -14.05 11.52
CA GLU C 159 -11.35 -14.72 11.19
C GLU C 159 -11.11 -16.23 11.11
N TRP C 160 -10.01 -16.72 11.67
CA TRP C 160 -9.64 -18.12 11.63
C TRP C 160 -9.66 -18.66 13.05
N TRP C 161 -10.47 -19.69 13.28
CA TRP C 161 -10.37 -20.48 14.50
C TRP C 161 -9.27 -21.52 14.30
N ILE C 162 -8.42 -21.67 15.31
CA ILE C 162 -7.40 -22.72 15.31
C ILE C 162 -8.00 -23.95 15.96
N ARG C 163 -8.27 -24.98 15.16
CA ARG C 163 -8.91 -26.21 15.62
C ARG C 163 -7.89 -27.35 15.66
N GLY C 164 -7.89 -28.09 16.77
CA GLY C 164 -7.03 -29.23 16.91
C GLY C 164 -5.62 -28.86 17.32
N LYS C 165 -4.77 -29.87 17.33
CA LYS C 165 -3.35 -29.69 17.62
C LYS C 165 -2.57 -29.49 16.33
N ALA C 166 -1.34 -29.05 16.48
CA ALA C 166 -0.44 -28.87 15.35
C ALA C 166 0.20 -30.21 15.03
N SER C 167 -0.17 -30.80 13.91
CA SER C 167 0.41 -32.07 13.51
C SER C 167 1.84 -31.86 13.03
N THR C 168 2.76 -32.67 13.54
CA THR C 168 4.18 -32.53 13.27
C THR C 168 4.67 -33.74 12.51
N HIS C 169 5.36 -33.51 11.41
CA HIS C 169 5.90 -34.59 10.61
C HIS C 169 7.38 -34.34 10.33
N ILE C 170 8.16 -35.41 10.31
CA ILE C 170 9.55 -35.35 9.90
C ILE C 170 9.72 -36.23 8.68
N SER C 171 10.04 -35.62 7.55
CA SER C 171 10.18 -36.31 6.29
C SER C 171 11.58 -36.07 5.76
N ASP C 172 11.85 -36.58 4.55
CA ASP C 172 13.14 -36.41 3.91
C ASP C 172 12.91 -36.08 2.45
N ILE C 173 13.52 -35.00 1.99
CA ILE C 173 13.28 -34.44 0.67
C ILE C 173 14.54 -34.63 -0.16
N ARG C 174 14.40 -35.30 -1.31
CA ARG C 174 15.52 -35.47 -2.23
C ARG C 174 15.63 -34.24 -3.11
N TYR C 175 16.83 -33.70 -3.22
CA TYR C 175 17.07 -32.50 -4.02
C TYR C 175 17.91 -32.88 -5.24
N ASP C 176 17.32 -32.72 -6.43
CA ASP C 176 18.01 -33.07 -7.65
C ASP C 176 19.08 -32.05 -8.04
N HIS C 177 18.94 -30.81 -7.61
CA HIS C 177 19.92 -29.79 -7.95
C HIS C 177 21.24 -29.99 -7.22
N LEU C 178 21.22 -30.70 -6.10
CA LEU C 178 22.42 -31.00 -5.34
C LEU C 178 23.00 -32.37 -5.69
N SER C 179 22.47 -33.04 -6.71
CA SER C 179 22.94 -34.37 -7.06
C SER C 179 24.33 -34.34 -7.69
N SER C 180 24.65 -33.28 -8.44
CA SER C 180 25.98 -33.19 -9.04
C SER C 180 27.03 -32.82 -8.01
N VAL C 181 26.68 -31.93 -7.07
CA VAL C 181 27.65 -31.49 -6.07
C VAL C 181 27.74 -32.46 -4.90
N GLN C 182 26.68 -33.19 -4.60
CA GLN C 182 26.70 -34.28 -3.63
C GLN C 182 26.17 -35.49 -4.37
N PRO C 183 27.01 -36.47 -4.70
CA PRO C 183 26.63 -37.51 -5.68
C PRO C 183 25.47 -38.40 -5.26
N ASN C 184 25.54 -39.00 -4.07
CA ASN C 184 24.55 -39.98 -3.64
C ASN C 184 23.92 -39.62 -2.30
N GLN C 185 24.22 -38.43 -1.78
CA GLN C 185 23.64 -37.99 -0.50
C GLN C 185 23.16 -36.55 -0.68
N ASN C 186 21.95 -36.40 -1.21
CA ASN C 186 21.32 -35.10 -1.39
C ASN C 186 19.96 -35.04 -0.71
N GLU C 187 19.64 -36.01 0.14
CA GLU C 187 18.35 -36.11 0.78
C GLU C 187 18.42 -35.39 2.13
N PHE C 188 17.56 -34.41 2.33
CA PHE C 188 17.63 -33.51 3.47
C PHE C 188 16.48 -33.80 4.41
N SER C 189 16.76 -33.83 5.71
CA SER C 189 15.71 -33.99 6.70
C SER C 189 14.87 -32.72 6.75
N ARG C 190 13.56 -32.86 6.92
CA ARG C 190 12.66 -31.71 6.93
C ARG C 190 11.58 -31.92 7.99
N ILE C 191 11.21 -30.84 8.66
CA ILE C 191 10.11 -30.82 9.60
C ILE C 191 8.98 -30.00 9.01
N THR C 192 7.78 -30.58 8.98
CA THR C 192 6.59 -29.87 8.56
C THR C 192 5.62 -29.79 9.73
N VAL C 193 5.19 -28.57 10.06
CA VAL C 193 4.25 -28.31 11.13
C VAL C 193 2.96 -27.79 10.50
N ARG C 194 1.87 -28.52 10.67
CA ARG C 194 0.57 -28.13 10.14
C ARG C 194 -0.32 -27.70 11.28
N ILE C 195 -0.87 -26.50 11.18
CA ILE C 195 -1.85 -25.99 12.13
C ILE C 195 -3.14 -25.76 11.34
N ASP C 196 -4.15 -26.59 11.59
CA ASP C 196 -5.40 -26.47 10.87
C ASP C 196 -6.20 -25.27 11.36
N ALA C 197 -6.79 -24.53 10.42
CA ALA C 197 -7.59 -23.37 10.74
C ALA C 197 -8.91 -23.44 9.97
N VAL C 198 -9.97 -22.99 10.60
CA VAL C 198 -11.31 -22.95 10.01
C VAL C 198 -11.77 -21.50 9.97
N ARG C 199 -12.19 -21.05 8.80
CA ARG C 199 -12.59 -19.66 8.68
C ARG C 199 -13.90 -19.39 9.41
N ASN C 200 -14.01 -18.21 9.99
CA ASN C 200 -15.25 -17.76 10.60
C ASN C 200 -16.11 -17.14 9.52
N PRO C 201 -17.27 -17.73 9.18
CA PRO C 201 -18.09 -17.17 8.12
C PRO C 201 -19.03 -16.07 8.58
N SER C 202 -18.95 -15.66 9.84
CA SER C 202 -19.96 -14.77 10.42
C SER C 202 -20.00 -13.42 9.73
N TYR C 203 -18.83 -12.85 9.45
CA TYR C 203 -18.76 -11.52 8.84
C TYR C 203 -19.39 -11.52 7.46
N TYR C 204 -19.13 -12.55 6.67
CA TYR C 204 -19.76 -12.65 5.37
C TYR C 204 -21.25 -12.94 5.48
N LEU C 205 -21.67 -13.56 6.58
CA LEU C 205 -23.08 -13.84 6.78
C LEU C 205 -23.87 -12.58 7.06
N TRP C 206 -23.42 -11.75 8.01
CA TRP C 206 -24.17 -10.54 8.30
C TRP C 206 -23.81 -9.38 7.38
N SER C 207 -22.72 -9.49 6.61
CA SER C 207 -22.21 -8.36 5.85
C SER C 207 -22.40 -8.48 4.35
N PHE C 208 -22.40 -9.68 3.80
CA PHE C 208 -22.62 -9.81 2.38
C PHE C 208 -23.79 -10.72 2.04
N ILE C 209 -23.98 -11.81 2.78
CA ILE C 209 -25.10 -12.71 2.51
C ILE C 209 -26.42 -12.01 2.81
N LEU C 210 -26.49 -11.26 3.90
CA LEU C 210 -27.73 -10.57 4.24
C LEU C 210 -28.12 -9.46 3.27
N PRO C 211 -27.25 -8.51 2.87
CA PRO C 211 -27.71 -7.51 1.87
C PRO C 211 -28.07 -8.11 0.53
N LEU C 212 -27.33 -9.12 0.07
CA LEU C 212 -27.65 -9.77 -1.17
C LEU C 212 -28.96 -10.56 -1.07
N GLY C 213 -29.23 -11.12 0.11
CA GLY C 213 -30.51 -11.78 0.32
C GLY C 213 -31.68 -10.82 0.28
N LEU C 214 -31.54 -9.65 0.92
CA LEU C 214 -32.59 -8.64 0.80
C LEU C 214 -32.74 -8.12 -0.62
N ILE C 215 -31.64 -8.02 -1.38
CA ILE C 215 -31.74 -7.57 -2.76
C ILE C 215 -32.49 -8.59 -3.61
N ILE C 216 -32.15 -9.88 -3.45
CA ILE C 216 -32.82 -10.93 -4.21
C ILE C 216 -34.28 -11.05 -3.81
N ALA C 217 -34.59 -10.87 -2.52
CA ALA C 217 -35.98 -10.90 -2.08
C ALA C 217 -36.76 -9.69 -2.59
N ALA C 218 -36.12 -8.53 -2.70
CA ALA C 218 -36.78 -7.37 -3.26
C ALA C 218 -37.07 -7.57 -4.75
N SER C 219 -36.17 -8.24 -5.45
CA SER C 219 -36.41 -8.54 -6.86
C SER C 219 -37.43 -9.65 -7.02
N TRP C 220 -37.62 -10.48 -6.00
CA TRP C 220 -38.80 -11.32 -5.97
C TRP C 220 -40.05 -10.48 -5.83
N SER C 221 -39.96 -9.43 -5.01
CA SER C 221 -41.11 -8.59 -4.72
C SER C 221 -41.51 -7.69 -5.88
N VAL C 222 -40.63 -7.46 -6.86
CA VAL C 222 -41.02 -6.58 -7.96
C VAL C 222 -42.01 -7.30 -8.90
N PHE C 223 -42.09 -8.64 -8.84
CA PHE C 223 -43.13 -9.35 -9.58
C PHE C 223 -44.53 -9.00 -9.09
N TRP C 224 -44.67 -8.63 -7.83
CA TRP C 224 -45.98 -8.35 -7.25
C TRP C 224 -46.53 -6.98 -7.65
N LEU C 225 -45.79 -6.23 -8.46
CA LEU C 225 -46.26 -4.95 -8.95
C LEU C 225 -47.21 -5.13 -10.13
N GLU C 226 -47.90 -4.04 -10.46
CA GLU C 226 -48.89 -4.04 -11.54
C GLU C 226 -48.44 -3.26 -12.75
N SER C 227 -47.70 -2.17 -12.56
CA SER C 227 -47.31 -1.30 -13.66
C SER C 227 -45.96 -1.73 -14.24
N PHE C 228 -45.88 -1.68 -15.57
CA PHE C 228 -44.65 -2.03 -16.27
C PHE C 228 -43.54 -1.00 -16.09
N SER C 229 -43.87 0.25 -15.73
CA SER C 229 -42.84 1.27 -15.57
C SER C 229 -41.98 1.02 -14.34
N GLU C 230 -42.47 0.20 -13.40
CA GLU C 230 -41.75 -0.11 -12.18
C GLU C 230 -41.18 -1.52 -12.16
N ARG C 231 -41.64 -2.40 -13.04
CA ARG C 231 -41.19 -3.78 -12.95
C ARG C 231 -39.91 -4.02 -13.71
N LEU C 232 -39.52 -3.08 -14.57
CA LEU C 232 -38.34 -3.27 -15.37
C LEU C 232 -37.22 -2.39 -14.90
N GLN C 233 -37.54 -1.15 -14.52
N GLN C 233 -37.54 -1.15 -14.52
CA GLN C 233 -36.52 -0.22 -14.05
CA GLN C 233 -36.52 -0.22 -14.06
C GLN C 233 -35.93 -0.70 -12.75
C GLN C 233 -35.93 -0.70 -12.75
N THR C 234 -36.80 -1.14 -11.84
CA THR C 234 -36.33 -1.63 -10.56
C THR C 234 -35.46 -2.81 -10.84
N SER C 235 -35.97 -3.76 -11.59
CA SER C 235 -35.21 -4.94 -11.92
C SER C 235 -33.84 -4.57 -12.41
N PHE C 236 -33.73 -3.56 -13.26
CA PHE C 236 -32.42 -3.23 -13.81
C PHE C 236 -31.52 -2.62 -12.76
N THR C 237 -32.09 -1.81 -11.85
CA THR C 237 -31.30 -1.25 -10.76
C THR C 237 -30.77 -2.35 -9.85
N LEU C 238 -31.63 -3.33 -9.51
CA LEU C 238 -31.19 -4.45 -8.68
C LEU C 238 -30.20 -5.34 -9.41
N MET C 239 -30.39 -5.53 -10.72
CA MET C 239 -29.44 -6.30 -11.52
C MET C 239 -28.06 -5.66 -11.50
N LEU C 240 -27.99 -4.37 -11.74
CA LEU C 240 -26.68 -3.71 -11.77
C LEU C 240 -26.09 -3.60 -10.38
N THR C 241 -26.92 -3.55 -9.34
CA THR C 241 -26.41 -3.61 -7.97
C THR C 241 -25.76 -4.96 -7.68
N VAL C 242 -26.36 -6.05 -8.15
CA VAL C 242 -25.74 -7.36 -8.00
C VAL C 242 -24.49 -7.47 -8.86
N VAL C 243 -24.53 -6.90 -10.07
CA VAL C 243 -23.40 -6.97 -10.99
C VAL C 243 -22.19 -6.21 -10.45
N ALA C 244 -22.44 -5.12 -9.73
CA ALA C 244 -21.37 -4.36 -9.09
C ALA C 244 -20.66 -5.14 -8.00
N TYR C 245 -21.21 -6.26 -7.54
CA TYR C 245 -20.61 -7.07 -6.49
C TYR C 245 -19.75 -8.19 -7.04
N ALA C 246 -19.39 -8.13 -8.33
CA ALA C 246 -18.61 -9.19 -8.96
C ALA C 246 -17.23 -9.33 -8.35
N PHE C 247 -16.58 -8.22 -8.04
CA PHE C 247 -15.20 -8.22 -7.57
C PHE C 247 -15.13 -8.16 -6.06
N TYR C 248 -16.13 -8.68 -5.36
CA TYR C 248 -16.12 -8.69 -3.91
C TYR C 248 -15.08 -9.68 -3.37
N THR C 249 -15.07 -10.89 -3.92
CA THR C 249 -14.13 -11.90 -3.45
C THR C 249 -12.72 -11.65 -3.95
N SER C 250 -12.55 -11.01 -5.10
CA SER C 250 -11.21 -10.71 -5.61
C SER C 250 -10.50 -9.67 -4.76
N ASN C 251 -11.23 -8.90 -3.96
CA ASN C 251 -10.61 -8.04 -2.96
C ASN C 251 -10.20 -8.81 -1.72
N ILE C 252 -10.88 -9.90 -1.40
CA ILE C 252 -10.59 -10.73 -0.25
C ILE C 252 -9.63 -11.85 -0.61
N LEU C 253 -9.96 -12.62 -1.64
CA LEU C 253 -9.10 -13.66 -2.16
C LEU C 253 -8.34 -13.11 -3.36
N GLY C 254 -7.62 -13.95 -4.07
CA GLY C 254 -6.97 -13.56 -5.30
C GLY C 254 -7.94 -13.56 -6.45
N ARG C 255 -7.40 -13.49 -7.66
CA ARG C 255 -8.18 -13.66 -8.87
C ARG C 255 -8.22 -15.15 -9.20
N LEU C 256 -9.05 -15.87 -8.43
CA LEU C 256 -9.05 -17.32 -8.47
C LEU C 256 -9.74 -17.83 -9.72
N PRO C 257 -9.23 -18.90 -10.33
CA PRO C 257 -9.87 -19.46 -11.51
C PRO C 257 -11.20 -20.15 -11.23
N TYR C 258 -11.44 -20.58 -10.00
CA TYR C 258 -12.67 -21.26 -9.65
C TYR C 258 -13.63 -20.30 -8.96
N THR C 259 -14.88 -20.74 -8.85
CA THR C 259 -15.90 -19.95 -8.17
C THR C 259 -16.10 -20.45 -6.75
N THR C 260 -16.13 -19.53 -5.81
CA THR C 260 -16.39 -19.79 -4.40
C THR C 260 -17.89 -19.95 -4.18
N TYR C 261 -18.34 -19.87 -2.92
CA TYR C 261 -19.77 -19.90 -2.69
C TYR C 261 -20.39 -18.52 -2.83
N ILE C 262 -19.63 -17.48 -2.46
CA ILE C 262 -20.10 -16.10 -2.52
C ILE C 262 -20.35 -15.70 -3.97
N ASP C 263 -19.39 -15.96 -4.85
CA ASP C 263 -19.52 -15.53 -6.23
C ASP C 263 -20.48 -16.40 -7.03
N GLN C 264 -20.66 -17.68 -6.67
CA GLN C 264 -21.75 -18.46 -7.24
C GLN C 264 -23.11 -17.91 -6.80
N MET C 265 -23.21 -17.42 -5.57
CA MET C 265 -24.45 -16.75 -5.18
C MET C 265 -24.65 -15.45 -5.97
N ILE C 266 -23.56 -14.75 -6.28
CA ILE C 266 -23.64 -13.53 -7.09
C ILE C 266 -24.08 -13.86 -8.51
N ILE C 267 -23.54 -14.94 -9.09
CA ILE C 267 -23.93 -15.37 -10.43
C ILE C 267 -25.37 -15.88 -10.46
N ALA C 268 -25.80 -16.54 -9.38
CA ALA C 268 -27.21 -16.92 -9.26
C ALA C 268 -28.09 -15.68 -9.19
N GLY C 269 -27.61 -14.63 -8.54
CA GLY C 269 -28.29 -13.35 -8.60
C GLY C 269 -28.37 -12.78 -10.00
N TYR C 270 -27.27 -12.87 -10.76
CA TYR C 270 -27.27 -12.43 -12.16
C TYR C 270 -28.34 -13.13 -12.95
N GLY C 271 -28.34 -14.45 -12.87
CA GLY C 271 -29.29 -15.25 -13.63
C GLY C 271 -30.72 -15.02 -13.18
N SER C 272 -30.94 -14.81 -11.88
CA SER C 272 -32.28 -14.57 -11.39
C SER C 272 -32.82 -13.25 -11.88
N ILE C 273 -32.04 -12.17 -11.76
CA ILE C 273 -32.57 -10.87 -12.19
C ILE C 273 -32.69 -10.83 -13.70
N PHE C 274 -31.76 -11.46 -14.41
CA PHE C 274 -31.83 -11.49 -15.87
C PHE C 274 -33.01 -12.31 -16.36
N ALA C 275 -33.29 -13.44 -15.71
CA ALA C 275 -34.46 -14.22 -16.08
C ALA C 275 -35.75 -13.48 -15.76
N ALA C 276 -35.77 -12.75 -14.65
CA ALA C 276 -36.91 -11.89 -14.33
C ALA C 276 -37.12 -10.82 -15.39
N ILE C 277 -36.03 -10.16 -15.79
CA ILE C 277 -36.11 -9.09 -16.78
C ILE C 277 -36.58 -9.62 -18.13
N LEU C 278 -36.01 -10.76 -18.56
CA LEU C 278 -36.40 -11.36 -19.83
C LEU C 278 -37.84 -11.83 -19.80
N LEU C 279 -38.29 -12.40 -18.67
CA LEU C 279 -39.65 -12.89 -18.56
C LEU C 279 -40.65 -11.74 -18.63
N ILE C 280 -40.37 -10.64 -17.92
CA ILE C 280 -41.29 -9.51 -17.91
C ILE C 280 -41.31 -8.81 -19.27
N ILE C 281 -40.14 -8.70 -19.91
CA ILE C 281 -40.07 -8.09 -21.24
C ILE C 281 -40.83 -8.94 -22.26
N PHE C 282 -40.68 -10.27 -22.19
CA PHE C 282 -41.43 -11.16 -23.08
C PHE C 282 -42.93 -11.07 -22.83
N ALA C 283 -43.35 -10.97 -21.57
CA ALA C 283 -44.77 -10.83 -21.26
C ALA C 283 -45.34 -9.54 -21.83
N HIS C 284 -44.62 -8.43 -21.69
CA HIS C 284 -45.11 -7.19 -22.25
C HIS C 284 -45.04 -7.17 -23.78
N HIS C 285 -44.12 -7.94 -24.38
CA HIS C 285 -44.07 -7.98 -25.83
C HIS C 285 -45.19 -8.83 -26.41
N ARG C 286 -45.56 -9.91 -25.73
CA ARG C 286 -46.73 -10.67 -26.15
C ARG C 286 -48.04 -10.05 -25.71
N GLN C 287 -47.99 -9.02 -24.85
CA GLN C 287 -49.17 -8.28 -24.46
C GLN C 287 -49.49 -7.10 -25.39
N ALA C 288 -49.14 -7.21 -26.67
CA ALA C 288 -49.28 -6.07 -27.58
C ALA C 288 -50.72 -5.91 -28.08
N ASN C 289 -51.29 -6.95 -28.68
CA ASN C 289 -52.50 -6.83 -29.47
C ASN C 289 -53.80 -7.01 -28.68
N GLY C 290 -53.80 -6.64 -27.40
CA GLY C 290 -55.03 -6.72 -26.63
C GLY C 290 -54.74 -6.76 -25.15
N VAL C 291 -55.69 -7.32 -24.39
CA VAL C 291 -55.46 -7.55 -22.97
C VAL C 291 -54.42 -8.65 -22.78
N GLU C 292 -54.51 -9.73 -23.57
CA GLU C 292 -53.45 -10.73 -23.77
C GLU C 292 -52.89 -11.29 -22.47
N ASP C 293 -53.79 -11.55 -21.52
CA ASP C 293 -53.41 -11.98 -20.18
C ASP C 293 -53.61 -13.49 -20.04
N ASP C 294 -52.55 -14.18 -19.63
CA ASP C 294 -52.63 -15.61 -19.36
C ASP C 294 -52.54 -15.85 -17.85
N LEU C 295 -53.17 -16.94 -17.41
CA LEU C 295 -53.25 -17.23 -15.99
C LEU C 295 -51.93 -17.74 -15.42
N LEU C 296 -50.98 -18.12 -16.27
CA LEU C 296 -49.76 -18.74 -15.77
C LEU C 296 -48.69 -17.72 -15.39
N ILE C 297 -48.47 -16.70 -16.23
CA ILE C 297 -47.38 -15.75 -15.99
C ILE C 297 -47.69 -14.87 -14.79
N GLN C 298 -48.96 -14.46 -14.62
CA GLN C 298 -49.35 -13.66 -13.47
C GLN C 298 -49.21 -14.39 -12.15
N ARG C 299 -49.20 -15.73 -12.17
CA ARG C 299 -49.02 -16.53 -10.97
C ARG C 299 -47.60 -17.04 -10.81
N SER C 300 -46.68 -16.62 -11.69
CA SER C 300 -45.29 -17.00 -11.61
C SER C 300 -44.50 -16.13 -10.63
N ARG C 301 -45.18 -15.20 -9.96
CA ARG C 301 -44.53 -14.40 -8.92
C ARG C 301 -44.12 -15.25 -7.72
N LEU C 302 -44.88 -16.31 -7.44
CA LEU C 302 -44.57 -17.19 -6.32
C LEU C 302 -43.73 -18.39 -6.72
N ALA C 303 -43.72 -18.75 -7.99
CA ALA C 303 -42.96 -19.90 -8.46
C ALA C 303 -41.48 -19.60 -8.71
N PHE C 304 -41.10 -18.33 -8.76
CA PHE C 304 -39.73 -17.92 -9.02
C PHE C 304 -38.85 -17.95 -7.76
N PRO C 305 -39.28 -17.44 -6.59
CA PRO C 305 -38.47 -17.65 -5.38
C PRO C 305 -38.33 -19.12 -4.99
N LEU C 306 -39.34 -19.95 -5.28
CA LEU C 306 -39.21 -21.38 -5.06
C LEU C 306 -38.13 -21.97 -5.94
N GLY C 307 -38.04 -21.51 -7.19
CA GLY C 307 -36.97 -21.94 -8.07
C GLY C 307 -35.60 -21.53 -7.57
N PHE C 308 -35.49 -20.29 -7.08
CA PHE C 308 -34.20 -19.84 -6.54
C PHE C 308 -33.84 -20.62 -5.27
N LEU C 309 -34.82 -20.93 -4.43
CA LEU C 309 -34.56 -21.73 -3.24
C LEU C 309 -34.14 -23.16 -3.61
N ALA C 310 -34.73 -23.73 -4.66
CA ALA C 310 -34.31 -25.04 -5.14
C ALA C 310 -32.89 -25.02 -5.69
N ILE C 311 -32.55 -23.95 -6.43
CA ILE C 311 -31.18 -23.80 -6.93
C ILE C 311 -30.19 -23.65 -5.78
N GLY C 312 -30.55 -22.85 -4.77
CA GLY C 312 -29.70 -22.72 -3.60
C GLY C 312 -29.53 -24.02 -2.84
N CYS C 313 -30.63 -24.79 -2.71
CA CYS C 313 -30.57 -26.06 -2.01
C CYS C 313 -29.72 -27.08 -2.76
N VAL C 314 -29.82 -27.11 -4.10
CA VAL C 314 -29.02 -28.07 -4.85
C VAL C 314 -27.57 -27.62 -4.93
N LEU C 315 -27.29 -26.33 -4.74
CA LEU C 315 -25.90 -25.90 -4.60
C LEU C 315 -25.33 -26.24 -3.21
N VAL C 316 -26.15 -26.13 -2.17
CA VAL C 316 -25.70 -26.50 -0.82
C VAL C 316 -25.51 -28.00 -0.70
N ILE C 317 -26.38 -28.80 -1.34
CA ILE C 317 -26.40 -30.25 -1.13
C ILE C 317 -25.11 -30.92 -1.62
N ARG C 318 -24.35 -30.28 -2.51
CA ARG C 318 -23.04 -30.78 -2.87
C ARG C 318 -22.07 -30.66 -1.69
N PHE C 319 -22.16 -29.56 -0.94
CA PHE C 319 -21.36 -29.42 0.27
C PHE C 319 -21.90 -30.34 1.38
N PHE C 320 -23.21 -30.56 1.40
CA PHE C 320 -23.83 -31.40 2.41
C PHE C 320 -23.43 -32.87 2.26
N THR C 321 -23.06 -33.29 1.05
CA THR C 321 -22.57 -34.65 0.82
C THR C 321 -21.07 -34.67 0.62
N PRO D 11 40.11 -18.50 -18.70
CA PRO D 11 39.04 -18.28 -17.73
C PRO D 11 38.80 -19.52 -16.87
N VAL D 12 37.83 -19.45 -15.96
CA VAL D 12 37.43 -20.59 -15.14
C VAL D 12 36.01 -20.97 -15.51
N ASP D 13 35.75 -22.27 -15.54
CA ASP D 13 34.44 -22.79 -15.92
C ASP D 13 33.56 -22.88 -14.69
N VAL D 14 32.49 -22.11 -14.67
CA VAL D 14 31.54 -22.10 -13.57
C VAL D 14 30.26 -22.75 -14.05
N SER D 15 29.90 -23.87 -13.42
CA SER D 15 28.70 -24.62 -13.77
C SER D 15 27.60 -24.28 -12.76
N VAL D 16 26.48 -23.78 -13.25
CA VAL D 16 25.43 -23.24 -12.40
C VAL D 16 24.25 -24.19 -12.41
N SER D 17 23.61 -24.33 -11.26
CA SER D 17 22.36 -25.06 -11.12
C SER D 17 21.39 -24.17 -10.36
N ILE D 18 20.28 -23.81 -10.99
CA ILE D 18 19.28 -22.95 -10.37
C ILE D 18 18.05 -23.81 -10.08
N PHE D 19 17.74 -23.95 -8.80
CA PHE D 19 16.55 -24.67 -8.37
C PHE D 19 15.51 -23.62 -8.00
N ILE D 20 14.39 -23.61 -8.72
CA ILE D 20 13.32 -22.65 -8.46
C ILE D 20 12.37 -23.28 -7.45
N ASN D 21 12.41 -22.78 -6.21
CA ASN D 21 11.50 -23.28 -5.19
C ASN D 21 10.06 -22.89 -5.50
N LYS D 22 9.83 -21.62 -5.79
CA LYS D 22 8.48 -21.15 -6.11
C LYS D 22 8.57 -19.82 -6.85
N ILE D 23 7.56 -19.57 -7.66
CA ILE D 23 7.33 -18.26 -8.28
C ILE D 23 6.01 -17.74 -7.75
N TYR D 24 6.04 -16.55 -7.18
CA TYR D 24 4.87 -16.00 -6.50
C TYR D 24 4.88 -14.50 -6.70
N GLY D 25 3.76 -13.88 -6.36
CA GLY D 25 3.66 -12.42 -6.40
C GLY D 25 3.84 -11.86 -7.79
N VAL D 26 3.24 -12.48 -8.79
CA VAL D 26 3.38 -12.03 -10.17
C VAL D 26 2.57 -10.76 -10.33
N ASN D 27 3.23 -9.62 -10.24
CA ASN D 27 2.60 -8.32 -10.24
C ASN D 27 2.64 -7.81 -11.68
N THR D 28 1.47 -7.69 -12.31
CA THR D 28 1.40 -7.19 -13.67
C THR D 28 1.30 -5.67 -13.74
N LEU D 29 1.17 -4.99 -12.59
CA LEU D 29 1.18 -3.53 -12.60
C LEU D 29 2.54 -2.98 -12.99
N GLU D 30 3.61 -3.48 -12.36
CA GLU D 30 4.96 -3.12 -12.77
C GLU D 30 5.69 -4.26 -13.45
N GLN D 31 4.98 -5.32 -13.85
CA GLN D 31 5.51 -6.43 -14.63
C GLN D 31 6.67 -7.11 -13.93
N THR D 32 6.53 -7.36 -12.63
CA THR D 32 7.52 -8.05 -11.84
C THR D 32 6.93 -9.33 -11.26
N TYR D 33 7.81 -10.21 -10.85
CA TYR D 33 7.42 -11.50 -10.29
C TYR D 33 8.51 -11.89 -9.30
N LYS D 34 8.10 -12.42 -8.16
CA LYS D 34 9.06 -12.77 -7.11
C LYS D 34 9.43 -14.24 -7.27
N VAL D 35 10.71 -14.50 -7.44
CA VAL D 35 11.24 -15.85 -7.61
C VAL D 35 12.12 -16.17 -6.41
N ASP D 36 11.85 -17.31 -5.78
CA ASP D 36 12.62 -17.84 -4.68
C ASP D 36 13.30 -19.12 -5.14
N GLY D 37 14.54 -19.33 -4.73
CA GLY D 37 15.22 -20.53 -5.13
C GLY D 37 16.61 -20.62 -4.56
N TYR D 38 17.35 -21.58 -5.08
CA TYR D 38 18.74 -21.82 -4.71
C TYR D 38 19.59 -21.78 -5.96
N ILE D 39 20.80 -21.23 -5.84
CA ILE D 39 21.77 -21.20 -6.92
C ILE D 39 23.04 -21.90 -6.45
N VAL D 40 23.54 -22.82 -7.27
CA VAL D 40 24.71 -23.61 -6.96
C VAL D 40 25.72 -23.39 -8.08
N ALA D 41 26.76 -22.62 -7.80
CA ALA D 41 27.82 -22.37 -8.78
C ALA D 41 29.05 -23.17 -8.40
N GLN D 42 29.52 -24.02 -9.31
CA GLN D 42 30.60 -24.95 -9.05
C GLN D 42 31.75 -24.68 -10.01
N TRP D 43 32.94 -24.48 -9.47
CA TRP D 43 34.14 -24.32 -10.29
C TRP D 43 35.25 -25.14 -9.68
N THR D 44 36.41 -25.14 -10.32
CA THR D 44 37.56 -25.90 -9.82
C THR D 44 38.75 -24.96 -9.65
N GLY D 45 39.44 -25.11 -8.53
CA GLY D 45 40.65 -24.35 -8.27
C GLY D 45 41.81 -25.22 -7.88
N LYS D 46 42.78 -24.64 -7.17
CA LYS D 46 43.92 -25.41 -6.69
C LYS D 46 43.47 -26.36 -5.57
N PRO D 47 44.10 -27.53 -5.46
CA PRO D 47 43.73 -28.46 -4.40
C PRO D 47 44.07 -27.92 -3.02
N ARG D 48 43.27 -28.32 -2.04
CA ARG D 48 43.40 -27.82 -0.68
C ARG D 48 43.23 -28.97 0.30
N LYS D 49 43.60 -28.72 1.54
CA LYS D 49 43.50 -29.69 2.63
C LYS D 49 42.37 -29.29 3.58
N THR D 50 41.57 -30.27 3.96
CA THR D 50 40.40 -30.08 4.82
C THR D 50 40.54 -31.02 6.01
N PRO D 51 39.84 -30.71 7.13
CA PRO D 51 39.80 -31.67 8.25
C PRO D 51 39.22 -33.01 7.84
N GLY D 52 40.04 -34.05 7.88
CA GLY D 52 39.71 -35.32 7.27
C GLY D 52 39.94 -35.27 5.77
N ASP D 53 39.02 -35.85 5.01
CA ASP D 53 39.03 -35.67 3.57
C ASP D 53 37.63 -35.39 3.03
N LYS D 54 36.66 -35.18 3.90
CA LYS D 54 35.32 -34.78 3.46
C LYS D 54 35.37 -33.35 2.93
N PRO D 55 34.44 -33.00 2.03
CA PRO D 55 34.27 -31.59 1.66
C PRO D 55 33.89 -30.76 2.89
N LEU D 56 34.50 -29.59 3.00
CA LEU D 56 34.30 -28.72 4.14
C LEU D 56 33.19 -27.73 3.83
N ILE D 57 32.22 -27.63 4.73
CA ILE D 57 31.08 -26.73 4.57
C ILE D 57 31.32 -25.48 5.40
N VAL D 58 31.35 -24.33 4.75
CA VAL D 58 31.50 -23.04 5.41
C VAL D 58 30.16 -22.33 5.29
N GLU D 59 29.53 -22.05 6.41
CA GLU D 59 28.19 -21.49 6.41
C GLU D 59 28.25 -20.00 6.08
N ASN D 60 27.14 -19.33 6.26
CA ASN D 60 27.11 -17.89 6.05
C ASN D 60 28.04 -17.25 7.04
N THR D 61 28.38 -15.99 6.84
CA THR D 61 29.24 -15.24 7.80
C THR D 61 30.67 -15.74 7.83
N GLN D 62 30.89 -16.98 7.45
CA GLN D 62 32.24 -17.52 7.42
C GLN D 62 32.81 -17.53 6.02
N ILE D 63 32.01 -17.30 4.99
CA ILE D 63 32.58 -17.19 3.67
C ILE D 63 33.48 -15.98 3.61
N GLU D 64 33.14 -14.91 4.34
CA GLU D 64 33.96 -13.70 4.36
C GLU D 64 35.35 -13.97 4.92
N ARG D 65 35.45 -14.82 5.94
CA ARG D 65 36.76 -15.15 6.50
C ARG D 65 37.63 -15.89 5.48
N TRP D 66 37.03 -16.79 4.71
CA TRP D 66 37.79 -17.51 3.70
C TRP D 66 38.14 -16.62 2.52
N ILE D 67 37.30 -15.65 2.19
CA ILE D 67 37.63 -14.70 1.13
C ILE D 67 38.75 -13.76 1.57
N ASN D 68 38.73 -13.34 2.84
CA ASN D 68 39.83 -12.53 3.37
C ASN D 68 41.12 -13.34 3.44
N ASN D 69 41.00 -14.66 3.66
CA ASN D 69 42.17 -15.53 3.59
C ASN D 69 42.77 -15.55 2.20
N GLY D 70 41.94 -15.42 1.16
CA GLY D 70 42.44 -15.31 -0.19
C GLY D 70 41.73 -16.20 -1.20
N LEU D 71 40.66 -16.86 -0.77
CA LEU D 71 39.91 -17.75 -1.66
C LEU D 71 39.09 -16.94 -2.64
N TRP D 72 39.09 -17.38 -3.89
CA TRP D 72 38.39 -16.69 -4.97
C TRP D 72 36.93 -17.11 -4.99
N VAL D 73 36.04 -16.20 -4.63
CA VAL D 73 34.61 -16.45 -4.73
C VAL D 73 33.99 -15.34 -5.60
N PRO D 74 33.46 -15.66 -6.76
CA PRO D 74 32.85 -14.64 -7.61
C PRO D 74 31.53 -14.14 -7.06
N ALA D 75 31.21 -12.90 -7.40
CA ALA D 75 29.95 -12.28 -7.02
C ALA D 75 29.02 -12.34 -8.23
N LEU D 76 28.18 -13.37 -8.27
CA LEU D 76 27.19 -13.49 -9.33
C LEU D 76 25.96 -12.67 -8.96
N GLU D 77 25.49 -11.85 -9.88
CA GLU D 77 24.38 -10.96 -9.64
C GLU D 77 23.26 -11.28 -10.63
N PHE D 78 22.07 -10.79 -10.29
CA PHE D 78 20.91 -10.92 -11.15
C PHE D 78 20.67 -9.60 -11.88
N ILE D 79 20.53 -9.68 -13.20
CA ILE D 79 20.50 -8.47 -14.01
C ILE D 79 19.10 -7.86 -14.01
N ASN D 80 18.08 -8.67 -14.22
CA ASN D 80 16.72 -8.20 -14.37
C ASN D 80 15.98 -8.08 -13.04
N VAL D 81 16.71 -7.88 -11.94
CA VAL D 81 16.09 -7.82 -10.63
C VAL D 81 15.60 -6.42 -10.33
N VAL D 82 14.52 -6.33 -9.55
CA VAL D 82 13.97 -5.07 -9.07
C VAL D 82 14.28 -4.99 -7.58
N GLY D 83 14.94 -3.91 -7.17
CA GLY D 83 15.48 -3.86 -5.83
C GLY D 83 16.75 -4.67 -5.71
N SER D 84 17.19 -4.85 -4.49
CA SER D 84 18.30 -5.76 -4.25
C SER D 84 17.75 -7.12 -3.83
N PRO D 85 18.30 -8.22 -4.34
CA PRO D 85 17.75 -9.54 -4.00
C PRO D 85 18.02 -9.90 -2.55
N ASP D 86 17.01 -10.49 -1.91
CA ASP D 86 17.20 -11.00 -0.57
C ASP D 86 17.99 -12.29 -0.61
N THR D 87 19.16 -12.29 0.01
CA THR D 87 20.00 -13.49 0.08
C THR D 87 19.81 -14.12 1.44
N GLY D 88 19.33 -15.36 1.46
CA GLY D 88 19.17 -16.07 2.71
C GLY D 88 20.50 -16.64 3.16
N ASN D 89 20.51 -17.91 3.53
CA ASN D 89 21.77 -18.55 3.88
C ASN D 89 22.60 -18.76 2.62
N LYS D 90 23.92 -18.74 2.79
CA LYS D 90 24.84 -19.12 1.73
C LYS D 90 25.89 -20.04 2.30
N ARG D 91 26.12 -21.17 1.64
CA ARG D 91 27.15 -22.10 2.02
C ARG D 91 28.22 -22.16 0.94
N LEU D 92 29.42 -22.51 1.37
CA LEU D 92 30.59 -22.63 0.52
C LEU D 92 31.22 -23.98 0.82
N MET D 93 31.14 -24.90 -0.12
CA MET D 93 31.53 -26.29 0.10
C MET D 93 32.79 -26.55 -0.71
N LEU D 94 33.89 -26.79 -0.01
CA LEU D 94 35.22 -26.92 -0.58
C LEU D 94 35.62 -28.37 -0.63
N PHE D 95 36.37 -28.74 -1.66
CA PHE D 95 36.76 -30.12 -1.78
C PHE D 95 38.27 -30.29 -1.62
N PRO D 96 38.71 -31.46 -1.15
CA PRO D 96 40.16 -31.75 -1.17
C PRO D 96 40.76 -31.77 -2.57
N ASP D 97 40.00 -32.22 -3.57
CA ASP D 97 40.52 -32.25 -4.93
C ASP D 97 40.56 -30.88 -5.58
N GLY D 98 39.97 -29.86 -4.96
CA GLY D 98 40.15 -28.49 -5.36
C GLY D 98 38.92 -27.79 -5.88
N ARG D 99 37.78 -28.47 -5.99
CA ARG D 99 36.59 -27.85 -6.55
C ARG D 99 35.83 -27.11 -5.46
N VAL D 100 35.31 -25.94 -5.82
CA VAL D 100 34.63 -25.04 -4.91
C VAL D 100 33.18 -24.93 -5.35
N ILE D 101 32.26 -24.97 -4.39
CA ILE D 101 30.84 -24.91 -4.66
C ILE D 101 30.24 -23.79 -3.81
N TYR D 102 29.53 -22.87 -4.44
CA TYR D 102 28.89 -21.78 -3.73
C TYR D 102 27.39 -21.93 -3.93
N ASN D 103 26.69 -22.28 -2.85
CA ASN D 103 25.24 -22.43 -2.88
C ASN D 103 24.62 -21.31 -2.07
N ALA D 104 23.56 -20.72 -2.59
CA ALA D 104 22.96 -19.56 -1.94
C ALA D 104 21.48 -19.50 -2.27
N ARG D 105 20.67 -19.20 -1.26
CA ARG D 105 19.23 -19.04 -1.45
C ARG D 105 18.95 -17.61 -1.87
N PHE D 106 18.45 -17.43 -3.08
CA PHE D 106 18.07 -16.12 -3.58
C PHE D 106 16.56 -15.95 -3.50
N LEU D 107 16.16 -14.71 -3.25
CA LEU D 107 14.76 -14.32 -3.30
C LEU D 107 14.72 -12.93 -3.92
N GLY D 108 14.18 -12.82 -5.11
CA GLY D 108 14.28 -11.57 -5.85
C GLY D 108 12.99 -11.23 -6.57
N SER D 109 12.74 -9.93 -6.70
CA SER D 109 11.70 -9.42 -7.57
C SER D 109 12.32 -9.17 -8.94
N PHE D 110 12.00 -10.03 -9.90
CA PHE D 110 12.57 -9.95 -11.24
C PHE D 110 11.56 -9.33 -12.19
N SER D 111 12.06 -8.54 -13.13
CA SER D 111 11.22 -7.87 -14.10
C SER D 111 11.44 -8.47 -15.48
N ASN D 112 10.36 -8.62 -16.24
CA ASN D 112 10.43 -8.99 -17.64
C ASN D 112 9.46 -8.11 -18.41
N ASP D 113 9.80 -7.82 -19.66
CA ASP D 113 8.92 -7.06 -20.54
C ASP D 113 7.74 -7.93 -20.92
N MET D 114 6.57 -7.60 -20.40
CA MET D 114 5.36 -8.38 -20.62
C MET D 114 4.45 -7.69 -21.61
N ASP D 115 3.91 -8.45 -22.55
CA ASP D 115 3.00 -7.96 -23.58
C ASP D 115 1.60 -8.45 -23.27
N PHE D 116 0.68 -7.51 -23.01
CA PHE D 116 -0.67 -7.84 -22.61
C PHE D 116 -1.69 -7.56 -23.70
N ARG D 117 -1.31 -7.70 -24.97
CA ARG D 117 -2.24 -7.43 -26.06
C ARG D 117 -3.34 -8.48 -26.15
N LEU D 118 -3.16 -9.64 -25.52
CA LEU D 118 -4.16 -10.69 -25.43
C LEU D 118 -4.31 -10.98 -23.95
N PHE D 119 -5.10 -10.17 -23.23
CA PHE D 119 -4.97 -10.14 -21.77
C PHE D 119 -5.53 -11.39 -21.07
N PRO D 120 -6.79 -11.80 -21.25
CA PRO D 120 -7.20 -13.01 -20.55
C PRO D 120 -6.49 -14.23 -21.06
N PHE D 121 -6.22 -14.26 -22.36
CA PHE D 121 -5.66 -15.42 -23.04
C PHE D 121 -4.21 -15.07 -23.33
N ASP D 122 -3.38 -15.13 -22.29
CA ASP D 122 -2.08 -14.46 -22.28
C ASP D 122 -0.95 -15.45 -22.10
N ARG D 123 0.11 -15.25 -22.85
CA ARG D 123 1.34 -16.02 -22.73
C ARG D 123 2.47 -15.05 -22.41
N GLN D 124 3.15 -15.27 -21.29
CA GLN D 124 4.29 -14.49 -20.87
C GLN D 124 5.43 -15.44 -20.57
N GLN D 125 6.57 -14.88 -20.16
CA GLN D 125 7.64 -15.74 -19.68
C GLN D 125 8.40 -15.03 -18.57
N PHE D 126 8.73 -15.79 -17.54
CA PHE D 126 9.52 -15.31 -16.41
C PHE D 126 10.99 -15.55 -16.72
N VAL D 127 11.79 -14.49 -16.65
CA VAL D 127 13.18 -14.52 -17.09
C VAL D 127 14.07 -14.27 -15.88
N LEU D 128 15.07 -15.13 -15.70
CA LEU D 128 16.11 -14.94 -14.71
C LEU D 128 17.43 -14.72 -15.45
N GLU D 129 18.02 -13.55 -15.28
CA GLU D 129 19.27 -13.21 -15.94
C GLU D 129 20.37 -13.15 -14.90
N LEU D 130 21.37 -14.01 -15.04
CA LEU D 130 22.44 -14.17 -14.07
C LEU D 130 23.78 -13.87 -14.74
N GLU D 131 24.62 -13.09 -14.05
CA GLU D 131 25.83 -12.61 -14.70
C GLU D 131 26.88 -12.30 -13.64
N PRO D 132 28.16 -12.58 -13.92
CA PRO D 132 29.22 -12.16 -13.00
C PRO D 132 29.29 -10.65 -12.94
N PHE D 133 29.49 -10.13 -11.73
CA PHE D 133 29.51 -8.68 -11.59
C PHE D 133 30.82 -8.10 -12.08
N SER D 134 31.93 -8.79 -11.83
CA SER D 134 33.26 -8.25 -12.04
C SER D 134 33.99 -8.88 -13.21
N TYR D 135 33.88 -10.18 -13.39
CA TYR D 135 34.73 -10.93 -14.30
C TYR D 135 34.04 -11.12 -15.64
N ASN D 136 34.76 -10.75 -16.70
CA ASN D 136 34.29 -10.99 -18.06
C ASN D 136 34.59 -12.43 -18.46
N ASN D 137 34.18 -12.83 -19.68
CA ASN D 137 34.30 -14.23 -20.06
C ASN D 137 35.73 -14.65 -20.34
N GLN D 138 36.68 -13.72 -20.39
CA GLN D 138 38.08 -14.09 -20.41
C GLN D 138 38.57 -14.54 -19.04
N GLN D 139 37.85 -14.22 -17.96
CA GLN D 139 38.21 -14.63 -16.62
C GLN D 139 37.18 -15.52 -15.94
N LEU D 140 35.95 -15.60 -16.46
CA LEU D 140 34.94 -16.48 -15.87
C LEU D 140 33.95 -16.80 -16.98
N ARG D 141 33.90 -18.07 -17.39
CA ARG D 141 32.96 -18.53 -18.40
C ARG D 141 31.98 -19.49 -17.76
N PHE D 142 30.70 -19.30 -18.05
CA PHE D 142 29.66 -20.23 -17.61
C PHE D 142 29.68 -21.44 -18.51
N SER D 143 30.15 -22.57 -17.99
CA SER D 143 30.29 -23.78 -18.81
C SER D 143 28.93 -24.33 -19.22
N ASP D 144 28.03 -24.52 -18.25
CA ASP D 144 26.68 -24.98 -18.54
C ASP D 144 25.77 -24.61 -17.39
N ILE D 145 24.47 -24.64 -17.64
CA ILE D 145 23.46 -24.51 -16.61
C ILE D 145 22.36 -25.55 -16.84
N GLN D 146 21.96 -26.21 -15.76
CA GLN D 146 20.73 -26.98 -15.72
C GLN D 146 19.83 -26.37 -14.65
N VAL D 147 18.61 -26.00 -15.03
CA VAL D 147 17.63 -25.45 -14.10
C VAL D 147 16.70 -26.56 -13.67
N TYR D 148 16.63 -26.78 -12.36
CA TYR D 148 15.83 -27.84 -11.77
C TYR D 148 14.53 -27.23 -11.29
N THR D 149 13.64 -26.97 -12.24
CA THR D 149 12.34 -26.40 -11.93
C THR D 149 11.25 -27.48 -11.82
N GLU D 150 11.54 -28.57 -11.10
CA GLU D 150 10.54 -29.63 -10.98
C GLU D 150 9.47 -29.29 -9.97
N ASN D 151 9.71 -28.31 -9.11
CA ASN D 151 8.77 -27.99 -8.06
C ASN D 151 7.56 -27.24 -8.62
N ILE D 152 7.75 -26.49 -9.71
CA ILE D 152 6.68 -25.72 -10.33
C ILE D 152 6.52 -26.09 -11.81
N ASP D 153 6.99 -27.28 -12.20
CA ASP D 153 7.12 -27.64 -13.61
C ASP D 153 5.78 -27.64 -14.33
N ASN D 154 4.74 -28.16 -13.68
CA ASN D 154 3.39 -28.17 -14.23
C ASN D 154 2.47 -27.82 -13.07
N GLU D 155 2.29 -26.52 -12.84
CA GLU D 155 1.65 -26.05 -11.63
C GLU D 155 1.10 -24.64 -11.86
N GLU D 156 -0.12 -24.41 -11.38
CA GLU D 156 -0.73 -23.09 -11.40
C GLU D 156 -0.35 -22.38 -10.11
N ILE D 157 0.22 -21.17 -10.23
CA ILE D 157 0.68 -20.49 -9.03
C ILE D 157 -0.40 -19.55 -8.50
N ASP D 158 -0.77 -18.52 -9.26
CA ASP D 158 -1.93 -17.70 -8.93
C ASP D 158 -2.96 -17.73 -10.04
N GLU D 159 -2.60 -17.28 -11.24
CA GLU D 159 -3.44 -17.45 -12.42
C GLU D 159 -2.58 -17.83 -13.61
N TRP D 160 -1.35 -18.29 -13.39
CA TRP D 160 -0.42 -18.65 -14.43
C TRP D 160 -0.14 -20.14 -14.36
N TRP D 161 -0.41 -20.85 -15.44
CA TRP D 161 0.06 -22.21 -15.61
C TRP D 161 1.49 -22.16 -16.12
N ILE D 162 2.36 -22.98 -15.53
CA ILE D 162 3.73 -23.11 -16.03
C ILE D 162 3.75 -24.24 -17.04
N ARG D 163 3.92 -23.90 -18.31
CA ARG D 163 3.90 -24.86 -19.41
C ARG D 163 5.30 -25.08 -19.96
N GLY D 164 5.66 -26.34 -20.16
CA GLY D 164 6.94 -26.68 -20.73
C GLY D 164 8.06 -26.64 -19.71
N LYS D 165 9.27 -26.83 -20.24
CA LYS D 165 10.48 -26.76 -19.43
C LYS D 165 11.04 -25.34 -19.45
N ALA D 166 11.98 -25.10 -18.55
CA ALA D 166 12.65 -23.81 -18.48
C ALA D 166 13.82 -23.84 -19.48
N SER D 167 13.68 -23.07 -20.55
CA SER D 167 14.74 -23.01 -21.54
C SER D 167 15.91 -22.21 -21.00
N THR D 168 17.11 -22.77 -21.13
CA THR D 168 18.32 -22.19 -20.56
C THR D 168 19.26 -21.79 -21.69
N HIS D 169 19.74 -20.56 -21.65
CA HIS D 169 20.67 -20.07 -22.66
C HIS D 169 21.88 -19.44 -21.97
N ILE D 170 23.03 -19.62 -22.59
CA ILE D 170 24.25 -18.95 -22.15
C ILE D 170 24.73 -18.09 -23.30
N SER D 171 24.71 -16.77 -23.10
CA SER D 171 25.10 -15.80 -24.10
C SER D 171 26.24 -14.96 -23.56
N ASP D 172 26.65 -13.97 -24.35
CA ASP D 172 27.71 -13.06 -23.96
C ASP D 172 27.30 -11.65 -24.33
N ILE D 173 27.37 -10.75 -23.36
CA ILE D 173 26.87 -9.39 -23.49
C ILE D 173 28.05 -8.43 -23.49
N ARG D 174 28.17 -7.64 -24.54
CA ARG D 174 29.21 -6.62 -24.60
C ARG D 174 28.74 -5.37 -23.87
N TYR D 175 29.59 -4.85 -22.99
CA TYR D 175 29.27 -3.67 -22.20
C TYR D 175 30.13 -2.51 -22.66
N ASP D 176 29.49 -1.48 -23.21
CA ASP D 176 30.22 -0.32 -23.71
C ASP D 176 30.73 0.58 -22.59
N HIS D 177 30.07 0.56 -21.43
CA HIS D 177 30.52 1.42 -20.33
C HIS D 177 31.82 0.93 -19.71
N LEU D 178 32.15 -0.34 -19.89
CA LEU D 178 33.39 -0.90 -19.39
C LEU D 178 34.48 -0.92 -20.45
N SER D 179 34.25 -0.30 -21.60
CA SER D 179 35.24 -0.32 -22.67
C SER D 179 36.46 0.54 -22.35
N SER D 180 36.26 1.65 -21.63
CA SER D 180 37.40 2.49 -21.27
C SER D 180 38.22 1.87 -20.15
N VAL D 181 37.57 1.23 -19.19
CA VAL D 181 38.28 0.65 -18.06
C VAL D 181 38.83 -0.74 -18.38
N GLN D 182 38.19 -1.47 -19.28
CA GLN D 182 38.72 -2.72 -19.83
C GLN D 182 38.74 -2.53 -21.34
N PRO D 183 39.91 -2.39 -21.97
CA PRO D 183 39.97 -1.91 -23.35
C PRO D 183 39.33 -2.82 -24.39
N ASN D 184 39.70 -4.10 -24.41
CA ASN D 184 39.25 -5.01 -25.44
C ASN D 184 38.58 -6.25 -24.87
N GLN D 185 38.35 -6.29 -23.56
CA GLN D 185 37.69 -7.43 -22.92
C GLN D 185 36.63 -6.88 -21.97
N ASN D 186 35.45 -6.60 -22.51
CA ASN D 186 34.31 -6.12 -21.73
C ASN D 186 33.08 -7.00 -21.94
N GLU D 187 33.26 -8.16 -22.56
CA GLU D 187 32.15 -9.04 -22.89
C GLU D 187 31.97 -10.03 -21.74
N PHE D 188 30.77 -10.06 -21.18
CA PHE D 188 30.49 -10.81 -19.95
C PHE D 188 29.61 -12.00 -20.29
N SER D 189 29.93 -13.16 -19.70
CA SER D 189 29.09 -14.33 -19.86
C SER D 189 27.79 -14.11 -19.10
N ARG D 190 26.67 -14.58 -19.66
CA ARG D 190 25.37 -14.39 -19.04
C ARG D 190 24.53 -15.65 -19.22
N ILE D 191 23.75 -15.98 -18.21
CA ILE D 191 22.78 -17.07 -18.26
C ILE D 191 21.39 -16.48 -18.23
N THR D 192 20.56 -16.87 -19.19
CA THR D 192 19.16 -16.48 -19.21
C THR D 192 18.30 -17.73 -19.07
N VAL D 193 17.40 -17.71 -18.08
CA VAL D 193 16.47 -18.80 -17.82
C VAL D 193 15.08 -18.31 -18.11
N ARG D 194 14.41 -18.92 -19.09
CA ARG D 194 13.06 -18.56 -19.47
C ARG D 194 12.10 -19.66 -19.02
N ILE D 195 11.08 -19.27 -18.26
CA ILE D 195 10.01 -20.16 -17.84
C ILE D 195 8.73 -19.62 -18.45
N ASP D 196 8.19 -20.32 -19.44
CA ASP D 196 6.98 -19.85 -20.10
C ASP D 196 5.77 -20.07 -19.21
N ALA D 197 4.87 -19.08 -19.18
CA ALA D 197 3.66 -19.14 -18.40
C ALA D 197 2.48 -18.73 -19.25
N VAL D 198 1.34 -19.38 -19.05
CA VAL D 198 0.11 -19.08 -19.76
C VAL D 198 -0.93 -18.65 -18.73
N ARG D 199 -1.56 -17.51 -18.96
CA ARG D 199 -2.53 -17.01 -18.00
C ARG D 199 -3.79 -17.87 -18.01
N ASN D 200 -4.38 -18.03 -16.82
CA ASN D 200 -5.66 -18.69 -16.70
C ASN D 200 -6.75 -17.65 -16.92
N PRO D 201 -7.54 -17.76 -17.99
CA PRO D 201 -8.58 -16.76 -18.26
C PRO D 201 -9.89 -17.01 -17.52
N SER D 202 -9.95 -18.03 -16.65
CA SER D 202 -11.21 -18.47 -16.09
C SER D 202 -11.86 -17.39 -15.22
N TYR D 203 -11.05 -16.71 -14.40
CA TYR D 203 -11.59 -15.69 -13.49
C TYR D 203 -12.22 -14.55 -14.26
N TYR D 204 -11.57 -14.10 -15.33
CA TYR D 204 -12.14 -13.05 -16.16
C TYR D 204 -13.35 -13.56 -16.92
N LEU D 205 -13.42 -14.86 -17.19
CA LEU D 205 -14.56 -15.42 -17.90
C LEU D 205 -15.81 -15.41 -17.03
N TRP D 206 -15.72 -15.92 -15.80
CA TRP D 206 -16.91 -15.93 -14.96
C TRP D 206 -17.12 -14.64 -14.20
N SER D 207 -16.14 -13.74 -14.17
CA SER D 207 -16.18 -12.57 -13.31
C SER D 207 -16.35 -11.27 -14.07
N PHE D 208 -15.86 -11.17 -15.29
CA PHE D 208 -16.06 -9.93 -16.02
C PHE D 208 -16.74 -10.15 -17.37
N ILE D 209 -16.40 -11.23 -18.07
CA ILE D 209 -17.03 -11.50 -19.36
C ILE D 209 -18.52 -11.80 -19.18
N LEU D 210 -18.86 -12.58 -18.15
CA LEU D 210 -20.26 -12.92 -17.91
C LEU D 210 -21.13 -11.72 -17.50
N PRO D 211 -20.77 -10.86 -16.53
CA PRO D 211 -21.66 -9.71 -16.25
C PRO D 211 -21.78 -8.74 -17.41
N LEU D 212 -20.69 -8.51 -18.14
CA LEU D 212 -20.75 -7.63 -19.30
C LEU D 212 -21.58 -8.25 -20.42
N GLY D 213 -21.55 -9.58 -20.54
CA GLY D 213 -22.39 -10.24 -21.51
C GLY D 213 -23.87 -10.12 -21.17
N LEU D 214 -24.23 -10.30 -19.90
CA LEU D 214 -25.61 -10.06 -19.49
C LEU D 214 -26.02 -8.61 -19.65
N ILE D 215 -25.11 -7.66 -19.44
CA ILE D 215 -25.44 -6.25 -19.64
C ILE D 215 -25.70 -5.95 -21.11
N ILE D 216 -24.84 -6.47 -22.00
CA ILE D 216 -25.02 -6.25 -23.43
C ILE D 216 -26.27 -6.94 -23.93
N ALA D 217 -26.58 -8.13 -23.40
CA ALA D 217 -27.79 -8.82 -23.79
C ALA D 217 -29.04 -8.11 -23.29
N ALA D 218 -28.97 -7.50 -22.11
CA ALA D 218 -30.10 -6.71 -21.60
C ALA D 218 -30.32 -5.47 -22.45
N SER D 219 -29.24 -4.87 -22.94
CA SER D 219 -29.39 -3.71 -23.82
C SER D 219 -29.84 -4.13 -25.21
N TRP D 220 -29.61 -5.39 -25.58
CA TRP D 220 -30.30 -5.93 -26.75
C TRP D 220 -31.79 -6.03 -26.46
N SER D 221 -32.13 -6.43 -25.23
CA SER D 221 -33.52 -6.64 -24.85
C SER D 221 -34.31 -5.35 -24.70
N VAL D 222 -33.66 -4.20 -24.55
CA VAL D 222 -34.43 -2.97 -24.39
C VAL D 222 -35.04 -2.52 -25.72
N PHE D 223 -34.53 -3.04 -26.86
CA PHE D 223 -35.19 -2.81 -28.15
C PHE D 223 -36.59 -3.41 -28.20
N TRP D 224 -36.83 -4.49 -27.46
CA TRP D 224 -38.11 -5.19 -27.50
C TRP D 224 -39.20 -4.48 -26.73
N LEU D 225 -38.91 -3.33 -26.12
CA LEU D 225 -39.90 -2.56 -25.40
C LEU D 225 -40.72 -1.71 -26.38
N GLU D 226 -41.83 -1.18 -25.86
CA GLU D 226 -42.75 -0.38 -26.66
C GLU D 226 -42.75 1.09 -26.29
N SER D 227 -42.53 1.42 -25.02
CA SER D 227 -42.60 2.80 -24.57
C SER D 227 -41.22 3.46 -24.62
N PHE D 228 -41.22 4.72 -25.06
CA PHE D 228 -39.99 5.49 -25.14
C PHE D 228 -39.43 5.88 -23.78
N SER D 229 -40.25 5.90 -22.74
CA SER D 229 -39.76 6.29 -21.42
C SER D 229 -38.83 5.24 -20.82
N GLU D 230 -38.88 4.02 -21.34
CA GLU D 230 -38.04 2.93 -20.86
C GLU D 230 -36.92 2.56 -21.80
N ARG D 231 -36.99 2.98 -23.06
CA ARG D 231 -35.99 2.53 -24.01
C ARG D 231 -34.76 3.41 -24.01
N LEU D 232 -34.85 4.59 -23.40
CA LEU D 232 -33.73 5.50 -23.41
C LEU D 232 -33.08 5.59 -22.05
N GLN D 233 -33.89 5.57 -21.01
N GLN D 233 -33.89 5.57 -21.01
CA GLN D 233 -33.36 5.66 -19.65
CA GLN D 233 -33.35 5.65 -19.66
C GLN D 233 -32.57 4.40 -19.33
C GLN D 233 -32.58 4.40 -19.32
N THR D 234 -33.13 3.25 -19.67
CA THR D 234 -32.44 2.00 -19.41
C THR D 234 -31.15 2.04 -20.17
N SER D 235 -31.24 2.32 -21.45
CA SER D 235 -30.06 2.38 -22.28
C SER D 235 -29.00 3.23 -21.63
N PHE D 236 -29.38 4.36 -21.07
CA PHE D 236 -28.36 5.24 -20.50
C PHE D 236 -27.77 4.65 -19.23
N THR D 237 -28.60 3.98 -18.42
CA THR D 237 -28.08 3.30 -17.23
C THR D 237 -27.10 2.20 -17.60
N LEU D 238 -27.43 1.40 -18.63
CA LEU D 238 -26.53 0.35 -19.08
C LEU D 238 -25.27 0.93 -19.72
N MET D 239 -25.41 2.04 -20.46
CA MET D 239 -24.26 2.71 -21.04
C MET D 239 -23.29 3.16 -19.97
N LEU D 240 -23.79 3.84 -18.94
CA LEU D 240 -22.89 4.34 -17.91
C LEU D 240 -22.36 3.22 -17.04
N THR D 241 -23.09 2.11 -16.92
CA THR D 241 -22.55 0.92 -16.25
C THR D 241 -21.37 0.34 -17.02
N VAL D 242 -21.46 0.29 -18.35
CA VAL D 242 -20.33 -0.17 -19.15
C VAL D 242 -19.18 0.85 -19.10
N VAL D 243 -19.51 2.14 -19.09
CA VAL D 243 -18.50 3.20 -19.08
C VAL D 243 -17.72 3.18 -17.76
N ALA D 244 -18.39 2.83 -16.67
CA ALA D 244 -17.73 2.70 -15.37
C ALA D 244 -16.70 1.58 -15.33
N TYR D 245 -16.71 0.67 -16.30
CA TYR D 245 -15.77 -0.44 -16.35
C TYR D 245 -14.53 -0.13 -17.17
N ALA D 246 -14.28 1.15 -17.48
CA ALA D 246 -13.15 1.53 -18.31
C ALA D 246 -11.82 1.20 -17.66
N PHE D 247 -11.70 1.40 -16.35
CA PHE D 247 -10.44 1.24 -15.64
C PHE D 247 -10.35 -0.12 -14.98
N TYR D 248 -11.00 -1.13 -15.54
CA TYR D 248 -10.93 -2.47 -14.98
C TYR D 248 -9.55 -3.08 -15.20
N THR D 249 -9.03 -2.99 -16.43
CA THR D 249 -7.73 -3.56 -16.74
C THR D 249 -6.58 -2.74 -16.18
N SER D 250 -6.76 -1.43 -16.01
CA SER D 250 -5.70 -0.61 -15.44
C SER D 250 -5.47 -0.89 -13.96
N ASN D 251 -6.43 -1.54 -13.30
CA ASN D 251 -6.20 -2.04 -11.95
C ASN D 251 -5.46 -3.36 -11.96
N ILE D 252 -5.59 -4.15 -13.02
CA ILE D 252 -4.92 -5.43 -13.16
C ILE D 252 -3.58 -5.27 -13.87
N LEU D 253 -3.59 -4.64 -15.04
CA LEU D 253 -2.38 -4.33 -15.78
C LEU D 253 -1.99 -2.89 -15.48
N GLY D 254 -1.00 -2.38 -16.18
CA GLY D 254 -0.63 -0.99 -16.07
C GLY D 254 -1.55 -0.11 -16.90
N ARG D 255 -1.14 1.13 -17.08
CA ARG D 255 -1.82 2.03 -18.00
C ARG D 255 -1.22 1.83 -19.39
N LEU D 256 -1.62 0.74 -20.01
CA LEU D 256 -1.00 0.28 -21.25
C LEU D 256 -1.46 1.13 -22.42
N PRO D 257 -0.55 1.44 -23.36
CA PRO D 257 -0.94 2.22 -24.54
C PRO D 257 -1.82 1.46 -25.51
N TYR D 258 -1.81 0.15 -25.50
CA TYR D 258 -2.61 -0.65 -26.41
C TYR D 258 -3.87 -1.16 -25.71
N THR D 259 -4.80 -1.65 -26.50
CA THR D 259 -6.03 -2.22 -25.99
C THR D 259 -5.94 -3.74 -25.95
N THR D 260 -6.33 -4.30 -24.82
CA THR D 260 -6.38 -5.75 -24.60
C THR D 260 -7.67 -6.30 -25.21
N TYR D 261 -8.05 -7.52 -24.84
CA TYR D 261 -9.33 -8.02 -25.34
C TYR D 261 -10.49 -7.56 -24.46
N ILE D 262 -10.23 -7.42 -23.16
CA ILE D 262 -11.26 -6.98 -22.22
C ILE D 262 -11.71 -5.57 -22.53
N ASP D 263 -10.77 -4.66 -22.71
CA ASP D 263 -11.12 -3.27 -22.94
C ASP D 263 -11.65 -3.01 -24.34
N GLN D 264 -11.23 -3.79 -25.34
CA GLN D 264 -11.91 -3.75 -26.63
C GLN D 264 -13.35 -4.22 -26.52
N MET D 265 -13.61 -5.23 -25.68
CA MET D 265 -15.00 -5.60 -25.44
C MET D 265 -15.77 -4.49 -24.74
N ILE D 266 -15.10 -3.76 -23.84
CA ILE D 266 -15.73 -2.62 -23.17
C ILE D 266 -16.05 -1.51 -24.17
N ILE D 267 -15.12 -1.23 -25.08
CA ILE D 267 -15.33 -0.21 -26.10
C ILE D 267 -16.41 -0.64 -27.10
N ALA D 268 -16.46 -1.94 -27.41
CA ALA D 268 -17.58 -2.46 -28.22
C ALA D 268 -18.90 -2.28 -27.50
N GLY D 269 -18.90 -2.44 -26.18
CA GLY D 269 -20.06 -2.10 -25.39
C GLY D 269 -20.44 -0.63 -25.49
N TYR D 270 -19.43 0.26 -25.43
CA TYR D 270 -19.67 1.69 -25.59
C TYR D 270 -20.37 1.98 -26.90
N GLY D 271 -19.79 1.47 -27.98
CA GLY D 271 -20.34 1.72 -29.30
C GLY D 271 -21.71 1.11 -29.49
N SER D 272 -21.94 -0.07 -28.90
CA SER D 272 -23.24 -0.72 -29.04
C SER D 272 -24.32 0.07 -28.31
N ILE D 273 -24.07 0.48 -27.06
CA ILE D 273 -25.12 1.19 -26.34
C ILE D 273 -25.32 2.59 -26.93
N PHE D 274 -24.22 3.21 -27.38
CA PHE D 274 -24.33 4.53 -27.98
C PHE D 274 -25.06 4.48 -29.31
N ALA D 275 -24.81 3.45 -30.13
CA ALA D 275 -25.53 3.30 -31.38
C ALA D 275 -27.01 3.00 -31.12
N ALA D 276 -27.29 2.21 -30.10
CA ALA D 276 -28.67 1.97 -29.69
C ALA D 276 -29.36 3.26 -29.28
N ILE D 277 -28.70 4.07 -28.46
CA ILE D 277 -29.27 5.32 -27.97
C ILE D 277 -29.50 6.29 -29.12
N LEU D 278 -28.52 6.42 -30.02
CA LEU D 278 -28.67 7.32 -31.16
C LEU D 278 -29.76 6.85 -32.10
N LEU D 279 -29.86 5.54 -32.32
CA LEU D 279 -30.89 4.99 -33.22
C LEU D 279 -32.28 5.25 -32.66
N ILE D 280 -32.47 5.01 -31.35
CA ILE D 280 -33.79 5.19 -30.76
C ILE D 280 -34.16 6.67 -30.69
N ILE D 281 -33.18 7.54 -30.40
CA ILE D 281 -33.44 8.98 -30.38
C ILE D 281 -33.79 9.49 -31.78
N PHE D 282 -33.08 9.01 -32.81
CA PHE D 282 -33.40 9.39 -34.18
C PHE D 282 -34.79 8.90 -34.58
N ALA D 283 -35.15 7.68 -34.18
CA ALA D 283 -36.48 7.16 -34.50
C ALA D 283 -37.58 8.00 -33.86
N HIS D 284 -37.40 8.37 -32.59
CA HIS D 284 -38.40 9.22 -31.95
C HIS D 284 -38.40 10.65 -32.49
N HIS D 285 -37.27 11.13 -33.01
CA HIS D 285 -37.25 12.46 -33.59
C HIS D 285 -37.93 12.48 -34.95
N ARG D 286 -37.77 11.42 -35.74
CA ARG D 286 -38.51 11.33 -37.00
C ARG D 286 -39.95 10.88 -36.80
N GLN D 287 -40.30 10.43 -35.60
CA GLN D 287 -41.68 10.09 -35.27
C GLN D 287 -42.51 11.27 -34.77
N ALA D 288 -42.20 12.49 -35.22
CA ALA D 288 -42.85 13.68 -34.66
C ALA D 288 -44.24 13.90 -35.27
N ASN D 289 -44.32 13.99 -36.60
CA ASN D 289 -45.50 14.53 -37.28
C ASN D 289 -46.55 13.48 -37.61
N GLY D 290 -46.67 12.42 -36.82
CA GLY D 290 -47.72 11.44 -37.06
C GLY D 290 -47.37 10.12 -36.43
N VAL D 291 -47.97 9.05 -36.97
CA VAL D 291 -47.60 7.71 -36.52
C VAL D 291 -46.17 7.38 -36.97
N GLU D 292 -45.82 7.72 -38.22
CA GLU D 292 -44.45 7.79 -38.73
C GLU D 292 -43.65 6.51 -38.49
N ASP D 293 -44.32 5.38 -38.68
CA ASP D 293 -43.73 4.08 -38.38
C ASP D 293 -43.26 3.41 -39.66
N ASP D 294 -41.99 3.00 -39.68
CA ASP D 294 -41.43 2.27 -40.81
C ASP D 294 -41.19 0.83 -40.40
N LEU D 295 -41.26 -0.08 -41.38
CA LEU D 295 -41.16 -1.50 -41.12
C LEU D 295 -39.74 -1.94 -40.81
N LEU D 296 -38.73 -1.09 -41.09
CA LEU D 296 -37.35 -1.51 -40.94
C LEU D 296 -36.82 -1.31 -39.53
N ILE D 297 -37.08 -0.16 -38.91
CA ILE D 297 -36.50 0.15 -37.61
C ILE D 297 -37.12 -0.73 -36.51
N GLN D 298 -38.43 -0.99 -36.60
CA GLN D 298 -39.10 -1.87 -35.65
C GLN D 298 -38.59 -3.30 -35.70
N ARG D 299 -38.00 -3.73 -36.83
CA ARG D 299 -37.46 -5.07 -36.98
C ARG D 299 -35.95 -5.09 -36.79
N SER D 300 -35.34 -3.97 -36.42
CA SER D 300 -33.91 -3.89 -36.16
C SER D 300 -33.54 -4.35 -34.76
N ARG D 301 -34.52 -4.80 -33.98
CA ARG D 301 -34.25 -5.35 -32.66
C ARG D 301 -33.47 -6.66 -32.77
N LEU D 302 -33.69 -7.43 -33.83
CA LEU D 302 -32.99 -8.69 -34.02
C LEU D 302 -31.73 -8.55 -34.86
N ALA D 303 -31.60 -7.49 -35.64
CA ALA D 303 -30.44 -7.29 -36.50
C ALA D 303 -29.25 -6.68 -35.76
N PHE D 304 -29.47 -6.13 -34.57
CA PHE D 304 -28.40 -5.48 -33.80
C PHE D 304 -27.55 -6.49 -33.01
N PRO D 305 -28.12 -7.48 -32.28
CA PRO D 305 -27.25 -8.51 -31.70
C PRO D 305 -26.48 -9.32 -32.72
N LEU D 306 -27.04 -9.53 -33.92
CA LEU D 306 -26.28 -10.18 -34.98
C LEU D 306 -25.10 -9.34 -35.41
N GLY D 307 -25.27 -8.02 -35.46
CA GLY D 307 -24.15 -7.14 -35.75
C GLY D 307 -23.08 -7.19 -34.68
N PHE D 308 -23.50 -7.22 -33.41
CA PHE D 308 -22.50 -7.31 -32.34
C PHE D 308 -21.79 -8.66 -32.35
N LEU D 309 -22.51 -9.74 -32.67
CA LEU D 309 -21.87 -11.05 -32.79
C LEU D 309 -20.91 -11.09 -33.97
N ALA D 310 -21.23 -10.43 -35.07
CA ALA D 310 -20.31 -10.35 -36.20
C ALA D 310 -19.06 -9.55 -35.83
N ILE D 311 -19.23 -8.45 -35.10
CA ILE D 311 -18.09 -7.66 -34.63
C ILE D 311 -17.22 -8.48 -33.69
N GLY D 312 -17.85 -9.22 -32.76
CA GLY D 312 -17.09 -10.09 -31.87
C GLY D 312 -16.35 -11.19 -32.62
N CYS D 313 -17.00 -11.76 -33.64
CA CYS D 313 -16.37 -12.83 -34.41
C CYS D 313 -15.19 -12.31 -35.23
N VAL D 314 -15.32 -11.11 -35.81
CA VAL D 314 -14.22 -10.57 -36.59
C VAL D 314 -13.10 -10.06 -35.68
N LEU D 315 -13.41 -9.75 -34.41
CA LEU D 315 -12.33 -9.47 -33.47
C LEU D 315 -11.62 -10.74 -33.00
N VAL D 316 -12.37 -11.84 -32.83
CA VAL D 316 -11.75 -13.10 -32.44
C VAL D 316 -10.92 -13.68 -33.59
N ILE D 317 -11.39 -13.53 -34.83
CA ILE D 317 -10.77 -14.20 -35.97
C ILE D 317 -9.34 -13.72 -36.23
N ARG D 318 -8.97 -12.53 -35.75
CA ARG D 318 -7.58 -12.11 -35.79
C ARG D 318 -6.71 -12.96 -34.87
N PHE D 319 -7.23 -13.31 -33.69
CA PHE D 319 -6.54 -14.23 -32.80
C PHE D 319 -6.58 -15.65 -33.36
N PHE D 320 -7.67 -16.01 -34.03
CA PHE D 320 -7.82 -17.35 -34.60
C PHE D 320 -6.83 -17.61 -35.73
N THR D 321 -6.36 -16.56 -36.40
CA THR D 321 -5.35 -16.70 -37.44
C THR D 321 -3.98 -16.21 -36.95
N PRO E 11 43.42 19.04 -7.26
CA PRO E 11 42.41 18.00 -7.11
C PRO E 11 42.75 16.75 -7.90
N VAL E 12 41.88 15.74 -7.88
CA VAL E 12 42.05 14.53 -8.66
C VAL E 12 40.92 14.46 -9.67
N ASP E 13 41.25 14.00 -10.88
CA ASP E 13 40.29 13.93 -11.96
C ASP E 13 39.57 12.59 -11.91
N VAL E 14 38.27 12.61 -11.67
CA VAL E 14 37.45 11.40 -11.60
C VAL E 14 36.56 11.38 -12.83
N SER E 15 36.75 10.36 -13.67
CA SER E 15 35.97 10.18 -14.89
C SER E 15 34.88 9.16 -14.63
N VAL E 16 33.63 9.56 -14.83
CA VAL E 16 32.48 8.75 -14.46
C VAL E 16 31.83 8.20 -15.73
N SER E 17 31.36 6.96 -15.65
CA SER E 17 30.55 6.35 -16.69
C SER E 17 29.32 5.75 -16.02
N ILE E 18 28.14 6.23 -16.39
CA ILE E 18 26.89 5.75 -15.82
C ILE E 18 26.17 4.96 -16.89
N PHE E 19 26.00 3.67 -16.65
CA PHE E 19 25.25 2.80 -17.54
C PHE E 19 23.88 2.60 -16.92
N ILE E 20 22.83 3.05 -17.62
CA ILE E 20 21.47 2.91 -17.13
C ILE E 20 20.93 1.58 -17.63
N ASN E 21 20.79 0.62 -16.72
CA ASN E 21 20.22 -0.67 -17.10
C ASN E 21 18.75 -0.54 -17.45
N LYS E 22 17.97 0.11 -16.58
CA LYS E 22 16.55 0.28 -16.83
C LYS E 22 16.02 1.42 -15.97
N ILE E 23 14.97 2.06 -16.45
CA ILE E 23 14.19 3.02 -15.69
C ILE E 23 12.79 2.44 -15.56
N TYR E 24 12.31 2.32 -14.33
CA TYR E 24 11.05 1.65 -14.06
C TYR E 24 10.40 2.32 -12.87
N GLY E 25 9.14 1.99 -12.65
CA GLY E 25 8.43 2.50 -11.49
C GLY E 25 8.29 4.00 -11.47
N VAL E 26 7.99 4.60 -12.61
CA VAL E 26 7.86 6.05 -12.71
C VAL E 26 6.57 6.45 -12.02
N ASN E 27 6.68 6.88 -10.77
CA ASN E 27 5.55 7.20 -9.93
C ASN E 27 5.31 8.69 -10.04
N THR E 28 4.18 9.08 -10.63
CA THR E 28 3.85 10.49 -10.76
C THR E 28 3.10 11.04 -9.55
N LEU E 29 2.73 10.18 -8.59
CA LEU E 29 2.11 10.67 -7.36
C LEU E 29 3.09 11.49 -6.54
N GLU E 30 4.29 10.95 -6.29
CA GLU E 30 5.34 11.71 -5.63
C GLU E 30 6.46 12.12 -6.56
N GLN E 31 6.26 11.99 -7.87
CA GLN E 31 7.19 12.44 -8.91
C GLN E 31 8.56 11.80 -8.76
N THR E 32 8.58 10.49 -8.52
CA THR E 32 9.81 9.73 -8.41
C THR E 32 9.85 8.66 -9.49
N TYR E 33 11.04 8.15 -9.74
CA TYR E 33 11.26 7.13 -10.75
C TYR E 33 12.45 6.30 -10.28
N LYS E 34 12.35 5.00 -10.44
CA LYS E 34 13.41 4.10 -9.97
C LYS E 34 14.37 3.83 -11.12
N VAL E 35 15.64 4.16 -10.90
CA VAL E 35 16.69 3.98 -11.90
C VAL E 35 17.66 2.94 -11.36
N ASP E 36 17.93 1.93 -12.18
CA ASP E 36 18.90 0.88 -11.91
C ASP E 36 20.05 1.02 -12.89
N GLY E 37 21.27 0.81 -12.43
CA GLY E 37 22.38 0.93 -13.34
C GLY E 37 23.70 0.65 -12.65
N TYR E 38 24.77 0.95 -13.37
CA TYR E 38 26.13 0.80 -12.89
C TYR E 38 26.84 2.14 -13.01
N ILE E 39 27.69 2.44 -12.04
CA ILE E 39 28.51 3.64 -12.05
C ILE E 39 29.98 3.23 -11.97
N VAL E 40 30.79 3.78 -12.86
CA VAL E 40 32.20 3.46 -12.96
C VAL E 40 32.97 4.77 -12.82
N ALA E 41 33.59 4.98 -11.66
CA ALA E 41 34.39 6.17 -11.42
C ALA E 41 35.87 5.79 -11.48
N GLN E 42 36.62 6.44 -12.35
CA GLN E 42 38.01 6.12 -12.62
C GLN E 42 38.89 7.31 -12.33
N TRP E 43 39.91 7.12 -11.48
CA TRP E 43 40.87 8.16 -11.20
C TRP E 43 42.25 7.55 -11.23
N THR E 44 43.28 8.37 -11.03
CA THR E 44 44.66 7.88 -11.02
C THR E 44 45.33 8.27 -9.72
N GLY E 45 46.07 7.33 -9.15
CA GLY E 45 46.83 7.58 -7.94
C GLY E 45 48.27 7.16 -8.07
N LYS E 46 48.92 6.89 -6.94
CA LYS E 46 50.30 6.41 -6.96
C LYS E 46 50.35 4.99 -7.49
N PRO E 47 51.43 4.62 -8.20
CA PRO E 47 51.54 3.25 -8.72
C PRO E 47 51.66 2.23 -7.60
N ARG E 48 51.15 1.03 -7.86
CA ARG E 48 51.10 -0.03 -6.87
C ARG E 48 51.48 -1.35 -7.52
N LYS E 49 51.76 -2.34 -6.68
CA LYS E 49 52.12 -3.68 -7.13
C LYS E 49 50.97 -4.64 -6.86
N THR E 50 50.68 -5.48 -7.84
CA THR E 50 49.59 -6.44 -7.81
C THR E 50 50.14 -7.83 -8.08
N PRO E 51 49.44 -8.89 -7.66
CA PRO E 51 49.85 -10.26 -8.06
C PRO E 51 49.89 -10.44 -9.56
N GLY E 52 51.10 -10.66 -10.10
CA GLY E 52 51.32 -10.59 -11.52
C GLY E 52 51.44 -9.15 -11.97
N ASP E 53 50.83 -8.81 -13.11
CA ASP E 53 50.71 -7.41 -13.50
C ASP E 53 49.31 -7.11 -14.02
N LYS E 54 48.37 -8.03 -13.87
CA LYS E 54 46.99 -7.75 -14.23
C LYS E 54 46.38 -6.78 -13.22
N PRO E 55 45.37 -6.02 -13.62
CA PRO E 55 44.60 -5.25 -12.65
C PRO E 55 43.93 -6.17 -11.63
N LEU E 56 43.98 -5.76 -10.37
CA LEU E 56 43.47 -6.58 -9.28
C LEU E 56 42.03 -6.18 -8.98
N ILE E 57 41.14 -7.16 -8.94
CA ILE E 57 39.73 -6.94 -8.69
C ILE E 57 39.44 -7.26 -7.23
N VAL E 58 38.95 -6.26 -6.50
CA VAL E 58 38.54 -6.42 -5.11
C VAL E 58 37.02 -6.33 -5.08
N GLU E 59 36.37 -7.41 -4.65
CA GLU E 59 34.93 -7.48 -4.69
C GLU E 59 34.33 -6.66 -3.55
N ASN E 60 33.04 -6.83 -3.35
CA ASN E 60 32.38 -6.17 -2.24
C ASN E 60 32.99 -6.68 -0.96
N THR E 61 32.74 -6.01 0.15
CA THR E 61 33.22 -6.47 1.47
C THR E 61 34.73 -6.39 1.64
N GLN E 62 35.45 -6.41 0.52
CA GLN E 62 36.89 -6.29 0.58
C GLN E 62 37.37 -4.89 0.26
N ILE E 63 36.50 -4.03 -0.25
CA ILE E 63 36.92 -2.66 -0.46
C ILE E 63 37.22 -2.01 0.89
N GLU E 64 36.47 -2.41 1.94
CA GLU E 64 36.69 -1.86 3.27
C GLU E 64 38.08 -2.18 3.79
N ARG E 65 38.57 -3.39 3.52
CA ARG E 65 39.92 -3.76 3.96
C ARG E 65 40.98 -2.89 3.28
N TRP E 66 40.81 -2.60 2.00
CA TRP E 66 41.76 -1.75 1.29
C TRP E 66 41.65 -0.30 1.73
N ILE E 67 40.45 0.16 2.09
CA ILE E 67 40.30 1.52 2.60
C ILE E 67 40.92 1.64 3.99
N ASN E 68 40.78 0.61 4.83
CA ASN E 68 41.44 0.61 6.13
C ASN E 68 42.95 0.52 5.98
N ASN E 69 43.42 -0.13 4.91
CA ASN E 69 44.84 -0.13 4.61
C ASN E 69 45.35 1.27 4.28
N GLY E 70 44.49 2.10 3.68
CA GLY E 70 44.86 3.49 3.43
C GLY E 70 44.56 3.97 2.03
N LEU E 71 43.89 3.14 1.23
CA LEU E 71 43.57 3.52 -0.14
C LEU E 71 42.44 4.54 -0.15
N TRP E 72 42.58 5.54 -1.00
CA TRP E 72 41.62 6.63 -1.10
C TRP E 72 40.50 6.21 -2.05
N VAL E 73 39.30 6.01 -1.48
CA VAL E 73 38.11 5.74 -2.28
C VAL E 73 37.04 6.78 -1.93
N PRO E 74 36.66 7.65 -2.86
CA PRO E 74 35.64 8.65 -2.55
C PRO E 74 34.26 8.05 -2.43
N ALA E 75 33.41 8.71 -1.65
CA ALA E 75 32.03 8.31 -1.46
C ALA E 75 31.17 9.23 -2.33
N LEU E 76 30.86 8.76 -3.53
CA LEU E 76 29.97 9.50 -4.43
C LEU E 76 28.53 9.18 -4.08
N GLU E 77 27.72 10.22 -3.92
CA GLU E 77 26.33 10.06 -3.52
C GLU E 77 25.43 10.65 -4.58
N PHE E 78 24.16 10.27 -4.51
CA PHE E 78 23.13 10.79 -5.40
C PHE E 78 22.32 11.85 -4.67
N ILE E 79 22.18 13.01 -5.29
CA ILE E 79 21.60 14.16 -4.60
C ILE E 79 20.08 14.09 -4.62
N ASN E 80 19.50 13.81 -5.79
CA ASN E 80 18.06 13.83 -5.96
C ASN E 80 17.41 12.49 -5.63
N VAL E 81 18.01 11.69 -4.77
CA VAL E 81 17.49 10.38 -4.46
C VAL E 81 16.44 10.48 -3.35
N VAL E 82 15.47 9.58 -3.39
CA VAL E 82 14.44 9.43 -2.37
C VAL E 82 14.74 8.15 -1.60
N GLY E 83 14.89 8.26 -0.30
CA GLY E 83 15.39 7.15 0.48
C GLY E 83 16.90 7.02 0.33
N SER E 84 17.42 5.91 0.82
CA SER E 84 18.82 5.62 0.57
C SER E 84 18.93 4.68 -0.61
N PRO E 85 19.88 4.89 -1.52
CA PRO E 85 19.97 4.03 -2.71
C PRO E 85 20.42 2.62 -2.35
N ASP E 86 19.79 1.64 -2.99
CA ASP E 86 20.23 0.26 -2.82
C ASP E 86 21.50 0.04 -3.63
N THR E 87 22.58 -0.31 -2.94
CA THR E 87 23.84 -0.60 -3.59
C THR E 87 24.00 -2.11 -3.66
N GLY E 88 24.10 -2.63 -4.88
CA GLY E 88 24.32 -4.05 -5.05
C GLY E 88 25.78 -4.39 -4.85
N ASN E 89 26.35 -5.15 -5.77
CA ASN E 89 27.78 -5.43 -5.68
C ASN E 89 28.58 -4.18 -6.02
N LYS E 90 29.76 -4.07 -5.43
CA LYS E 90 30.70 -3.02 -5.80
C LYS E 90 32.08 -3.67 -5.95
N ARG E 91 32.74 -3.38 -7.06
CA ARG E 91 34.09 -3.85 -7.30
C ARG E 91 35.04 -2.66 -7.36
N LEU E 92 36.28 -2.92 -7.03
CA LEU E 92 37.35 -1.94 -7.00
C LEU E 92 38.52 -2.55 -7.76
N MET E 93 38.81 -2.01 -8.94
CA MET E 93 39.76 -2.59 -9.86
C MET E 93 40.98 -1.68 -9.91
N LEU E 94 42.11 -2.19 -9.41
CA LEU E 94 43.34 -1.44 -9.23
C LEU E 94 44.34 -1.80 -10.32
N PHE E 95 45.13 -0.82 -10.72
CA PHE E 95 46.07 -1.09 -11.78
C PHE E 95 47.50 -0.99 -11.28
N PRO E 96 48.43 -1.73 -11.91
CA PRO E 96 49.86 -1.52 -11.61
C PRO E 96 50.35 -0.13 -11.92
N ASP E 97 49.83 0.51 -12.98
CA ASP E 97 50.27 1.86 -13.33
C ASP E 97 49.68 2.92 -12.41
N GLY E 98 48.72 2.56 -11.56
CA GLY E 98 48.28 3.43 -10.48
C GLY E 98 46.85 3.90 -10.58
N ARG E 99 46.12 3.55 -11.62
CA ARG E 99 44.76 4.02 -11.77
C ARG E 99 43.79 3.12 -11.03
N VAL E 100 42.81 3.73 -10.38
CA VAL E 100 41.83 3.06 -9.55
C VAL E 100 40.46 3.22 -10.18
N ILE E 101 39.68 2.14 -10.20
CA ILE E 101 38.36 2.12 -10.80
C ILE E 101 37.39 1.59 -9.77
N TYR E 102 36.32 2.33 -9.51
CA TYR E 102 35.30 1.92 -8.57
C TYR E 102 34.01 1.75 -9.35
N ASN E 103 33.56 0.51 -9.51
CA ASN E 103 32.32 0.20 -10.21
C ASN E 103 31.31 -0.30 -9.19
N ALA E 104 30.07 0.18 -9.31
CA ALA E 104 29.07 -0.17 -8.32
C ALA E 104 27.69 -0.14 -8.96
N ARG E 105 26.87 -1.13 -8.63
CA ARG E 105 25.50 -1.19 -9.12
C ARG E 105 24.62 -0.38 -8.19
N PHE E 106 24.04 0.69 -8.71
CA PHE E 106 23.12 1.51 -7.95
C PHE E 106 21.68 1.21 -8.35
N LEU E 107 20.79 1.31 -7.37
CA LEU E 107 19.36 1.20 -7.60
C LEU E 107 18.71 2.23 -6.69
N GLY E 108 18.12 3.26 -7.26
CA GLY E 108 17.64 4.37 -6.46
C GLY E 108 16.31 4.90 -6.95
N SER E 109 15.52 5.41 -6.00
CA SER E 109 14.32 6.16 -6.32
C SER E 109 14.73 7.63 -6.40
N PHE E 110 14.77 8.18 -7.61
CA PHE E 110 15.20 9.54 -7.83
C PHE E 110 13.99 10.43 -8.07
N SER E 111 14.06 11.66 -7.57
CA SER E 111 12.98 12.61 -7.71
C SER E 111 13.38 13.72 -8.66
N ASN E 112 12.45 14.16 -9.49
CA ASN E 112 12.61 15.34 -10.31
C ASN E 112 11.33 16.16 -10.24
N ASP E 113 11.47 17.47 -10.35
CA ASP E 113 10.32 18.36 -10.39
C ASP E 113 9.61 18.19 -11.73
N MET E 114 8.43 17.58 -11.70
CA MET E 114 7.68 17.29 -12.91
C MET E 114 6.50 18.25 -13.05
N ASP E 115 6.32 18.76 -14.27
CA ASP E 115 5.25 19.69 -14.60
C ASP E 115 4.20 18.97 -15.44
N PHE E 116 2.99 18.85 -14.90
CA PHE E 116 1.92 18.11 -15.54
C PHE E 116 0.84 19.00 -16.13
N ARG E 117 1.21 20.20 -16.58
CA ARG E 117 0.20 21.11 -17.14
C ARG E 117 -0.33 20.64 -18.47
N LEU E 118 0.35 19.71 -19.13
CA LEU E 118 -0.10 19.08 -20.37
C LEU E 118 -0.05 17.58 -20.09
N PHE E 119 -1.09 17.03 -19.44
CA PHE E 119 -0.92 15.72 -18.82
C PHE E 119 -0.86 14.55 -19.80
N PRO E 120 -1.82 14.34 -20.70
CA PRO E 120 -1.66 13.20 -21.61
C PRO E 120 -0.50 13.41 -22.56
N PHE E 121 -0.29 14.66 -22.97
CA PHE E 121 0.68 15.01 -23.99
C PHE E 121 1.84 15.67 -23.25
N ASP E 122 2.64 14.86 -22.57
CA ASP E 122 3.52 15.33 -21.51
C ASP E 122 4.98 15.05 -21.84
N ARG E 123 5.82 16.03 -21.55
CA ARG E 123 7.27 15.90 -21.67
C ARG E 123 7.88 16.15 -20.30
N GLN E 124 8.62 15.17 -19.80
CA GLN E 124 9.33 15.28 -18.53
C GLN E 124 10.78 14.91 -18.77
N GLN E 125 11.58 14.94 -17.72
CA GLN E 125 12.94 14.42 -17.84
C GLN E 125 13.36 13.79 -16.52
N PHE E 126 14.02 12.65 -16.63
CA PHE E 126 14.57 11.93 -15.50
C PHE E 126 15.99 12.43 -15.26
N VAL E 127 16.26 12.87 -14.03
CA VAL E 127 17.50 13.54 -13.68
C VAL E 127 18.24 12.69 -12.66
N LEU E 128 19.52 12.43 -12.93
CA LEU E 128 20.42 11.78 -11.98
C LEU E 128 21.48 12.80 -11.59
N GLU E 129 21.51 13.16 -10.31
CA GLU E 129 22.47 14.13 -9.79
C GLU E 129 23.48 13.40 -8.91
N LEU E 130 24.74 13.43 -9.31
CA LEU E 130 25.81 12.70 -8.65
C LEU E 130 26.86 13.68 -8.14
N GLU E 131 27.30 13.49 -6.90
CA GLU E 131 28.16 14.47 -6.28
C GLU E 131 29.02 13.82 -5.21
N PRO E 132 30.28 14.22 -5.07
CA PRO E 132 31.09 13.73 -3.94
C PRO E 132 30.50 14.19 -2.62
N PHE E 133 30.51 13.29 -1.65
CA PHE E 133 29.90 13.64 -0.38
C PHE E 133 30.82 14.54 0.44
N SER E 134 32.13 14.30 0.38
CA SER E 134 33.08 14.94 1.27
C SER E 134 33.97 15.96 0.58
N TYR E 135 34.42 15.67 -0.65
CA TYR E 135 35.48 16.42 -1.28
C TYR E 135 34.89 17.47 -2.22
N ASN E 136 35.33 18.71 -2.05
CA ASN E 136 34.96 19.79 -2.95
C ASN E 136 35.83 19.73 -4.20
N ASN E 137 35.60 20.64 -5.15
CA ASN E 137 36.29 20.55 -6.43
C ASN E 137 37.76 20.95 -6.35
N GLN E 138 38.20 21.50 -5.22
CA GLN E 138 39.63 21.67 -4.99
C GLN E 138 40.32 20.36 -4.65
N GLN E 139 39.56 19.33 -4.25
CA GLN E 139 40.13 18.02 -3.94
C GLN E 139 39.60 16.90 -4.82
N LEU E 140 38.51 17.11 -5.56
CA LEU E 140 38.00 16.08 -6.45
C LEU E 140 37.22 16.79 -7.54
N ARG E 141 37.69 16.73 -8.78
CA ARG E 141 37.02 17.34 -9.92
C ARG E 141 36.56 16.23 -10.85
N PHE E 142 35.31 16.30 -11.30
CA PHE E 142 34.80 15.38 -12.30
C PHE E 142 35.31 15.83 -13.67
N SER E 143 36.24 15.05 -14.25
CA SER E 143 36.85 15.44 -15.51
C SER E 143 35.85 15.36 -16.66
N ASP E 144 35.16 14.24 -16.79
CA ASP E 144 34.14 14.08 -17.81
C ASP E 144 33.20 12.95 -17.39
N ILE E 145 32.03 12.93 -18.02
CA ILE E 145 31.10 11.82 -17.91
C ILE E 145 30.55 11.47 -19.29
N GLN E 146 30.51 10.18 -19.59
CA GLN E 146 29.74 9.63 -20.69
C GLN E 146 28.71 8.67 -20.11
N VAL E 147 27.43 8.91 -20.42
CA VAL E 147 26.35 8.04 -19.98
C VAL E 147 26.00 7.09 -21.11
N TYR E 148 26.07 5.79 -20.81
CA TYR E 148 25.85 4.74 -21.79
C TYR E 148 24.43 4.24 -21.60
N THR E 149 23.48 5.03 -22.08
CA THR E 149 22.06 4.67 -21.99
C THR E 149 21.56 4.00 -23.26
N GLU E 150 22.32 3.03 -23.79
CA GLU E 150 21.88 2.37 -25.02
C GLU E 150 20.80 1.34 -24.77
N ASN E 151 20.63 0.91 -23.52
CA ASN E 151 19.68 -0.13 -23.21
C ASN E 151 18.26 0.39 -23.26
N ILE E 152 18.06 1.68 -22.97
CA ILE E 152 16.74 2.30 -22.98
C ILE E 152 16.70 3.51 -23.92
N ASP E 153 17.62 3.56 -24.90
CA ASP E 153 17.83 4.78 -25.68
C ASP E 153 16.59 5.18 -26.47
N ASN E 154 15.92 4.20 -27.08
CA ASN E 154 14.68 4.44 -27.81
C ASN E 154 13.75 3.29 -27.42
N GLU E 155 13.03 3.49 -26.32
CA GLU E 155 12.29 2.39 -25.69
C GLU E 155 11.19 2.97 -24.83
N GLU E 156 10.01 2.36 -24.92
CA GLU E 156 8.89 2.71 -24.05
C GLU E 156 8.96 1.83 -22.81
N ILE E 157 8.96 2.44 -21.63
CA ILE E 157 9.12 1.65 -20.41
C ILE E 157 7.76 1.27 -19.83
N ASP E 158 6.96 2.24 -19.41
CA ASP E 158 5.57 1.97 -19.04
C ASP E 158 4.61 2.78 -19.89
N GLU E 159 4.70 4.11 -19.82
CA GLU E 159 3.97 4.98 -20.75
C GLU E 159 4.86 6.12 -21.20
N TRP E 160 6.17 6.00 -21.02
CA TRP E 160 7.13 7.04 -21.37
C TRP E 160 8.02 6.52 -22.49
N TRP E 161 8.05 7.23 -23.60
CA TRP E 161 9.06 7.03 -24.63
C TRP E 161 10.31 7.80 -24.22
N ILE E 162 11.46 7.15 -24.35
CA ILE E 162 12.73 7.84 -24.12
C ILE E 162 13.20 8.40 -25.45
N ARG E 163 13.16 9.73 -25.59
CA ARG E 163 13.52 10.42 -26.83
C ARG E 163 14.85 11.13 -26.67
N GLY E 164 15.71 10.96 -27.67
CA GLY E 164 16.98 11.62 -27.69
C GLY E 164 18.03 10.93 -26.83
N LYS E 165 19.18 11.58 -26.71
CA LYS E 165 20.26 11.10 -25.89
C LYS E 165 20.16 11.70 -24.49
N ALA E 166 20.93 11.13 -23.57
CA ALA E 166 20.99 11.63 -22.21
C ALA E 166 22.01 12.77 -22.17
N SER E 167 21.51 14.00 -21.98
CA SER E 167 22.40 15.14 -21.90
C SER E 167 23.14 15.14 -20.58
N THR E 168 24.45 15.31 -20.63
CA THR E 168 25.31 15.21 -19.47
C THR E 168 25.95 16.56 -19.20
N HIS E 169 25.86 17.04 -17.97
CA HIS E 169 26.43 18.31 -17.59
C HIS E 169 27.28 18.13 -16.34
N ILE E 170 28.38 18.87 -16.26
CA ILE E 170 29.20 18.93 -15.06
C ILE E 170 29.21 20.37 -14.60
N SER E 171 28.64 20.62 -13.43
CA SER E 171 28.52 21.95 -12.86
C SER E 171 29.21 21.95 -11.51
N ASP E 172 29.13 23.08 -10.82
CA ASP E 172 29.71 23.23 -9.49
C ASP E 172 28.72 23.96 -8.61
N ILE E 173 28.43 23.38 -7.45
CA ILE E 173 27.38 23.86 -6.56
C ILE E 173 28.03 24.41 -5.30
N ARG E 174 27.76 25.67 -4.99
CA ARG E 174 28.26 26.26 -3.76
C ARG E 174 27.33 25.91 -2.62
N TYR E 175 27.89 25.44 -1.50
CA TYR E 175 27.12 25.04 -0.35
C TYR E 175 27.38 26.02 0.80
N ASP E 176 26.33 26.75 1.19
CA ASP E 176 26.47 27.74 2.25
C ASP E 176 26.59 27.10 3.63
N HIS E 177 26.05 25.90 3.82
CA HIS E 177 26.11 25.26 5.12
C HIS E 177 27.52 24.77 5.45
N LEU E 178 28.37 24.59 4.45
CA LEU E 178 29.75 24.18 4.64
C LEU E 178 30.70 25.36 4.65
N SER E 179 30.18 26.60 4.64
CA SER E 179 31.05 27.77 4.59
C SER E 179 31.77 27.99 5.91
N SER E 180 31.14 27.66 7.03
CA SER E 180 31.82 27.84 8.32
C SER E 180 32.88 26.76 8.54
N VAL E 181 32.59 25.53 8.13
CA VAL E 181 33.53 24.44 8.35
C VAL E 181 34.61 24.38 7.27
N GLN E 182 34.33 24.85 6.07
CA GLN E 182 35.32 25.04 5.02
C GLN E 182 35.20 26.49 4.59
N PRO E 183 36.17 27.35 4.93
CA PRO E 183 35.96 28.81 4.83
C PRO E 183 35.74 29.33 3.42
N ASN E 184 36.62 28.99 2.47
CA ASN E 184 36.57 29.56 1.13
C ASN E 184 36.53 28.49 0.06
N GLN E 185 36.39 27.22 0.44
CA GLN E 185 36.30 26.13 -0.53
C GLN E 185 35.15 25.21 -0.11
N ASN E 186 33.95 25.57 -0.53
CA ASN E 186 32.75 24.79 -0.27
C ASN E 186 32.01 24.46 -1.56
N GLU E 187 32.64 24.66 -2.71
CA GLU E 187 32.02 24.47 -3.99
C GLU E 187 32.31 23.04 -4.46
N PHE E 188 31.27 22.27 -4.73
CA PHE E 188 31.39 20.85 -5.00
C PHE E 188 31.10 20.57 -6.46
N SER E 189 31.91 19.72 -7.08
CA SER E 189 31.64 19.31 -8.46
C SER E 189 30.41 18.42 -8.48
N ARG E 190 29.59 18.56 -9.52
CA ARG E 190 28.36 17.80 -9.63
C ARG E 190 28.14 17.39 -11.07
N ILE E 191 27.61 16.18 -11.26
CA ILE E 191 27.22 15.67 -12.56
C ILE E 191 25.70 15.57 -12.59
N THR E 192 25.09 16.16 -13.62
CA THR E 192 23.66 16.03 -13.84
C THR E 192 23.42 15.31 -15.15
N VAL E 193 22.65 14.23 -15.11
CA VAL E 193 22.29 13.45 -16.29
C VAL E 193 20.81 13.61 -16.52
N ARG E 194 20.44 14.17 -17.67
CA ARG E 194 19.05 14.37 -18.03
C ARG E 194 18.67 13.40 -19.15
N ILE E 195 17.62 12.63 -18.92
CA ILE E 195 17.06 11.74 -19.92
C ILE E 195 15.64 12.22 -20.20
N ASP E 196 15.42 12.79 -21.37
CA ASP E 196 14.11 13.32 -21.70
C ASP E 196 13.14 12.19 -22.01
N ALA E 197 11.91 12.32 -21.52
CA ALA E 197 10.87 11.32 -21.74
C ALA E 197 9.59 12.03 -22.17
N VAL E 198 8.86 11.39 -23.07
CA VAL E 198 7.59 11.90 -23.57
C VAL E 198 6.51 10.89 -23.23
N ARG E 199 5.44 11.35 -22.60
CA ARG E 199 4.38 10.44 -22.18
C ARG E 199 3.62 9.92 -23.38
N ASN E 200 3.21 8.65 -23.29
CA ASN E 200 2.34 8.06 -24.29
C ASN E 200 0.89 8.41 -23.93
N PRO E 201 0.19 9.19 -24.74
CA PRO E 201 -1.18 9.57 -24.40
C PRO E 201 -2.22 8.54 -24.83
N SER E 202 -1.80 7.40 -25.37
CA SER E 202 -2.74 6.48 -26.01
C SER E 202 -3.74 5.92 -25.02
N TYR E 203 -3.29 5.54 -23.83
CA TYR E 203 -4.17 4.93 -22.84
C TYR E 203 -5.27 5.89 -22.42
N TYR E 204 -4.91 7.16 -22.20
CA TYR E 204 -5.91 8.16 -21.86
C TYR E 204 -6.81 8.46 -23.04
N LEU E 205 -6.32 8.26 -24.27
CA LEU E 205 -7.13 8.50 -25.45
C LEU E 205 -8.23 7.45 -25.59
N TRP E 206 -7.89 6.17 -25.51
CA TRP E 206 -8.92 5.16 -25.65
C TRP E 206 -9.64 4.84 -24.35
N SER E 207 -9.13 5.31 -23.22
CA SER E 207 -9.66 4.90 -21.93
C SER E 207 -10.40 5.98 -21.18
N PHE E 208 -10.06 7.25 -21.38
CA PHE E 208 -10.80 8.30 -20.70
C PHE E 208 -11.36 9.33 -21.66
N ILE E 209 -10.62 9.69 -22.71
CA ILE E 209 -11.11 10.66 -23.68
C ILE E 209 -12.32 10.10 -24.43
N LEU E 210 -12.26 8.82 -24.81
CA LEU E 210 -13.36 8.22 -25.54
C LEU E 210 -14.65 8.07 -24.73
N PRO E 211 -14.66 7.52 -23.49
CA PRO E 211 -15.93 7.48 -22.77
C PRO E 211 -16.50 8.84 -22.44
N LEU E 212 -15.65 9.81 -22.11
CA LEU E 212 -16.13 11.16 -21.84
C LEU E 212 -16.65 11.81 -23.11
N GLY E 213 -16.05 11.50 -24.26
CA GLY E 213 -16.56 12.00 -25.52
C GLY E 213 -17.94 11.44 -25.85
N LEU E 214 -18.14 10.14 -25.65
CA LEU E 214 -19.47 9.57 -25.83
C LEU E 214 -20.48 10.12 -24.83
N ILE E 215 -20.05 10.41 -23.59
CA ILE E 215 -20.97 11.00 -22.62
C ILE E 215 -21.39 12.40 -23.04
N ILE E 216 -20.42 13.22 -23.48
CA ILE E 216 -20.73 14.58 -23.91
C ILE E 216 -21.58 14.57 -25.18
N ALA E 217 -21.32 13.62 -26.08
CA ALA E 217 -22.14 13.51 -27.29
C ALA E 217 -23.55 13.03 -26.96
N ALA E 218 -23.70 12.16 -25.97
CA ALA E 218 -25.04 11.73 -25.56
C ALA E 218 -25.81 12.89 -24.93
N SER E 219 -25.12 13.74 -24.20
CA SER E 219 -25.78 14.91 -23.62
C SER E 219 -26.06 15.98 -24.68
N TRP E 220 -25.32 15.94 -25.80
CA TRP E 220 -25.76 16.69 -26.96
C TRP E 220 -27.04 16.10 -27.51
N SER E 221 -27.14 14.77 -27.50
CA SER E 221 -28.28 14.07 -28.07
C SER E 221 -29.54 14.22 -27.23
N VAL E 222 -29.45 14.57 -25.95
CA VAL E 222 -30.67 14.69 -25.16
C VAL E 222 -31.46 15.95 -25.55
N PHE E 223 -30.82 16.91 -26.22
CA PHE E 223 -31.57 18.05 -26.76
C PHE E 223 -32.57 17.63 -27.84
N TRP E 224 -32.29 16.54 -28.55
CA TRP E 224 -33.14 16.10 -29.65
C TRP E 224 -34.41 15.40 -29.16
N LEU E 225 -34.61 15.28 -27.86
CA LEU E 225 -35.81 14.69 -27.31
C LEU E 225 -36.95 15.70 -27.30
N GLU E 226 -38.17 15.18 -27.09
CA GLU E 226 -39.37 16.00 -27.08
C GLU E 226 -39.99 16.15 -25.70
N SER E 227 -39.89 15.12 -24.86
CA SER E 227 -40.52 15.14 -23.55
C SER E 227 -39.57 15.69 -22.49
N PHE E 228 -40.13 16.52 -21.60
CA PHE E 228 -39.35 17.09 -20.50
C PHE E 228 -38.97 16.09 -19.44
N SER E 229 -39.68 14.96 -19.34
CA SER E 229 -39.36 13.97 -18.31
C SER E 229 -38.04 13.26 -18.60
N GLU E 230 -37.58 13.31 -19.84
CA GLU E 230 -36.34 12.66 -20.25
C GLU E 230 -35.20 13.65 -20.50
N ARG E 231 -35.50 14.93 -20.65
CA ARG E 231 -34.43 15.85 -21.01
C ARG E 231 -33.70 16.38 -19.79
N LEU E 232 -34.27 16.20 -18.61
CA LEU E 232 -33.65 16.73 -17.41
C LEU E 232 -33.06 15.64 -16.57
N GLN E 233 -33.74 14.51 -16.49
N GLN E 233 -33.74 14.51 -16.49
CA GLN E 233 -33.24 13.39 -15.70
CA GLN E 233 -33.24 13.40 -15.69
C GLN E 233 -31.99 12.83 -16.32
C GLN E 233 -31.99 12.83 -16.32
N THR E 234 -32.00 12.66 -17.63
CA THR E 234 -30.83 12.14 -18.32
C THR E 234 -29.71 13.11 -18.07
N SER E 235 -29.96 14.37 -18.38
CA SER E 235 -28.96 15.38 -18.18
C SER E 235 -28.35 15.27 -16.80
N PHE E 236 -29.16 15.06 -15.78
CA PHE E 236 -28.59 15.03 -14.44
C PHE E 236 -27.76 13.77 -14.22
N THR E 237 -28.18 12.64 -14.79
CA THR E 237 -27.38 11.43 -14.70
C THR E 237 -26.04 11.60 -15.38
N LEU E 238 -26.03 12.21 -16.57
CA LEU E 238 -24.78 12.45 -17.29
C LEU E 238 -23.92 13.49 -16.56
N MET E 239 -24.55 14.50 -15.98
CA MET E 239 -23.82 15.49 -15.19
C MET E 239 -23.11 14.85 -14.02
N LEU E 240 -23.81 14.03 -13.26
CA LEU E 240 -23.18 13.42 -12.09
C LEU E 240 -22.18 12.35 -12.50
N THR E 241 -22.36 11.73 -13.66
CA THR E 241 -21.34 10.83 -14.19
C THR E 241 -20.04 11.58 -14.52
N VAL E 242 -20.16 12.77 -15.11
CA VAL E 242 -18.97 13.58 -15.36
C VAL E 242 -18.38 14.09 -14.05
N VAL E 243 -19.22 14.45 -13.09
CA VAL E 243 -18.77 14.99 -11.81
C VAL E 243 -18.01 13.92 -11.01
N ALA E 244 -18.42 12.66 -11.14
CA ALA E 244 -17.73 11.56 -10.49
C ALA E 244 -16.31 11.35 -11.03
N TYR E 245 -15.96 11.94 -12.17
CA TYR E 245 -14.64 11.81 -12.76
C TYR E 245 -13.69 12.91 -12.33
N ALA E 246 -14.03 13.66 -11.28
CA ALA E 246 -13.21 14.78 -10.84
C ALA E 246 -11.84 14.34 -10.36
N PHE E 247 -11.77 13.23 -9.64
CA PHE E 247 -10.54 12.76 -9.02
C PHE E 247 -9.83 11.72 -9.86
N TYR E 248 -10.01 11.77 -11.18
CA TYR E 248 -9.34 10.83 -12.06
C TYR E 248 -7.84 11.10 -12.13
N THR E 249 -7.47 12.37 -12.33
CA THR E 249 -6.06 12.72 -12.42
C THR E 249 -5.35 12.71 -11.08
N SER E 250 -6.07 12.94 -9.98
CA SER E 250 -5.46 12.90 -8.66
C SER E 250 -5.07 11.49 -8.24
N ASN E 251 -5.64 10.47 -8.89
CA ASN E 251 -5.16 9.11 -8.72
C ASN E 251 -3.92 8.83 -9.54
N ILE E 252 -3.74 9.52 -10.65
CA ILE E 252 -2.58 9.36 -11.52
C ILE E 252 -1.47 10.33 -11.15
N LEU E 253 -1.80 11.61 -11.08
CA LEU E 253 -0.87 12.63 -10.64
C LEU E 253 -1.13 12.91 -9.16
N GLY E 254 -0.48 13.93 -8.62
CA GLY E 254 -0.75 14.37 -7.28
C GLY E 254 -1.99 15.23 -7.21
N ARG E 255 -2.15 15.89 -6.07
CA ARG E 255 -3.19 16.91 -5.93
C ARG E 255 -2.63 18.25 -6.40
N LEU E 256 -2.54 18.37 -7.73
CA LEU E 256 -1.83 19.48 -8.34
C LEU E 256 -2.65 20.76 -8.25
N PRO E 257 -1.99 21.91 -8.00
CA PRO E 257 -2.73 23.17 -7.95
C PRO E 257 -3.24 23.65 -9.31
N TYR E 258 -2.65 23.20 -10.40
CA TYR E 258 -3.07 23.61 -11.72
C TYR E 258 -3.95 22.55 -12.36
N THR E 259 -4.61 22.94 -13.45
CA THR E 259 -5.47 22.03 -14.20
C THR E 259 -4.72 21.51 -15.42
N THR E 260 -4.78 20.20 -15.61
CA THR E 260 -4.21 19.51 -16.75
C THR E 260 -5.14 19.63 -17.95
N TYR E 261 -4.95 18.81 -18.98
CA TYR E 261 -5.90 18.85 -20.09
C TYR E 261 -7.11 17.97 -19.81
N ILE E 262 -6.89 16.87 -19.08
CA ILE E 262 -7.97 15.94 -18.77
C ILE E 262 -9.00 16.61 -17.87
N ASP E 263 -8.55 17.26 -16.81
CA ASP E 263 -9.48 17.86 -15.86
C ASP E 263 -10.12 19.15 -16.39
N GLN E 264 -9.44 19.88 -17.27
CA GLN E 264 -10.12 20.96 -17.99
C GLN E 264 -11.21 20.41 -18.91
N MET E 265 -10.98 19.25 -19.53
CA MET E 265 -12.06 18.63 -20.29
C MET E 265 -13.20 18.20 -19.38
N ILE E 266 -12.88 17.75 -18.17
CA ILE E 266 -13.92 17.37 -17.20
C ILE E 266 -14.72 18.61 -16.77
N ILE E 267 -14.03 19.72 -16.52
CA ILE E 267 -14.71 20.96 -16.14
C ILE E 267 -15.54 21.53 -17.30
N ALA E 268 -15.04 21.37 -18.54
CA ALA E 268 -15.84 21.73 -19.71
C ALA E 268 -17.09 20.86 -19.79
N GLY E 269 -16.96 19.58 -19.41
CA GLY E 269 -18.13 18.74 -19.28
C GLY E 269 -19.11 19.24 -18.23
N TYR E 270 -18.59 19.68 -17.08
CA TYR E 270 -19.43 20.27 -16.02
C TYR E 270 -20.23 21.43 -16.56
N GLY E 271 -19.53 22.38 -17.18
CA GLY E 271 -20.18 23.57 -17.69
C GLY E 271 -21.15 23.26 -18.80
N SER E 272 -20.83 22.29 -19.65
CA SER E 272 -21.73 21.93 -20.75
C SER E 272 -23.02 21.31 -20.22
N ILE E 273 -22.92 20.35 -19.30
CA ILE E 273 -24.15 19.71 -18.83
C ILE E 273 -24.94 20.68 -17.97
N PHE E 274 -24.26 21.51 -17.19
CA PHE E 274 -24.94 22.50 -16.36
C PHE E 274 -25.63 23.55 -17.20
N ALA E 275 -24.98 24.02 -18.27
CA ALA E 275 -25.62 24.97 -19.17
C ALA E 275 -26.80 24.36 -19.89
N ALA E 276 -26.69 23.08 -20.27
CA ALA E 276 -27.81 22.36 -20.85
C ALA E 276 -28.98 22.27 -19.87
N ILE E 277 -28.69 21.91 -18.61
CA ILE E 277 -29.73 21.76 -17.61
C ILE E 277 -30.41 23.10 -17.32
N LEU E 278 -29.61 24.16 -17.18
CA LEU E 278 -30.17 25.48 -16.92
C LEU E 278 -30.99 25.99 -18.09
N LEU E 279 -30.52 25.74 -19.32
CA LEU E 279 -31.24 26.16 -20.51
C LEU E 279 -32.60 25.47 -20.62
N ILE E 280 -32.61 24.15 -20.40
CA ILE E 280 -33.86 23.40 -20.53
C ILE E 280 -34.83 23.75 -19.40
N ILE E 281 -34.31 23.96 -18.18
CA ILE E 281 -35.15 24.38 -17.06
C ILE E 281 -35.75 25.76 -17.32
N PHE E 282 -34.94 26.69 -17.84
CA PHE E 282 -35.44 28.01 -18.17
C PHE E 282 -36.50 27.97 -19.27
N ALA E 283 -36.29 27.11 -20.28
CA ALA E 283 -37.27 26.96 -21.35
C ALA E 283 -38.60 26.44 -20.82
N HIS E 284 -38.56 25.42 -19.95
CA HIS E 284 -39.80 24.92 -19.39
C HIS E 284 -40.44 25.89 -18.40
N HIS E 285 -39.64 26.75 -17.76
CA HIS E 285 -40.22 27.73 -16.85
C HIS E 285 -40.90 28.87 -17.62
N ARG E 286 -40.32 29.28 -18.76
CA ARG E 286 -41.00 30.26 -19.59
C ARG E 286 -42.08 29.64 -20.46
N GLN E 287 -42.18 28.32 -20.50
CA GLN E 287 -43.25 27.63 -21.20
C GLN E 287 -44.49 27.39 -20.33
N ALA E 288 -44.75 28.27 -19.36
CA ALA E 288 -45.84 28.02 -18.41
C ALA E 288 -47.20 28.38 -18.98
N ASN E 289 -47.37 29.63 -19.45
CA ASN E 289 -48.69 30.19 -19.71
C ASN E 289 -49.19 29.94 -21.13
N GLY E 290 -48.82 28.84 -21.76
CA GLY E 290 -49.35 28.54 -23.08
C GLY E 290 -48.44 27.56 -23.81
N VAL E 291 -48.53 27.59 -25.15
CA VAL E 291 -47.61 26.82 -25.96
C VAL E 291 -46.19 27.41 -25.86
N GLU E 292 -46.08 28.74 -25.91
CA GLU E 292 -44.88 29.51 -25.51
C GLU E 292 -43.60 29.01 -26.19
N ASP E 293 -43.71 28.68 -27.48
CA ASP E 293 -42.62 28.09 -28.22
C ASP E 293 -41.95 29.15 -29.09
N ASP E 294 -40.64 29.28 -28.95
CA ASP E 294 -39.86 30.19 -29.78
C ASP E 294 -39.00 29.37 -30.75
N LEU E 295 -38.72 29.97 -31.91
CA LEU E 295 -38.00 29.27 -32.96
C LEU E 295 -36.51 29.13 -32.66
N LEU E 296 -35.99 29.86 -31.68
CA LEU E 296 -34.56 29.86 -31.43
C LEU E 296 -34.10 28.73 -30.51
N ILE E 297 -34.82 28.49 -29.42
CA ILE E 297 -34.39 27.50 -28.43
C ILE E 297 -34.52 26.09 -28.99
N GLN E 298 -35.59 25.82 -29.75
CA GLN E 298 -35.77 24.51 -30.37
C GLN E 298 -34.70 24.19 -31.40
N ARG E 299 -34.03 25.20 -31.96
CA ARG E 299 -32.97 25.00 -32.94
C ARG E 299 -31.58 25.11 -32.30
N SER E 300 -31.52 25.28 -30.98
CA SER E 300 -30.25 25.35 -30.27
C SER E 300 -29.66 23.97 -29.97
N ARG E 301 -30.32 22.91 -30.43
CA ARG E 301 -29.79 21.56 -30.28
C ARG E 301 -28.53 21.38 -31.11
N LEU E 302 -28.43 22.06 -32.26
CA LEU E 302 -27.26 21.95 -33.11
C LEU E 302 -26.21 23.02 -32.84
N ALA E 303 -26.59 24.12 -32.19
CA ALA E 303 -25.66 25.20 -31.91
C ALA E 303 -24.84 24.98 -30.65
N PHE E 304 -25.22 24.01 -29.81
CA PHE E 304 -24.51 23.72 -28.57
C PHE E 304 -23.27 22.83 -28.77
N PRO E 305 -23.33 21.72 -29.55
CA PRO E 305 -22.08 21.01 -29.86
C PRO E 305 -21.08 21.85 -30.63
N LEU E 306 -21.54 22.76 -31.49
CA LEU E 306 -20.61 23.68 -32.15
C LEU E 306 -19.92 24.58 -31.14
N GLY E 307 -20.66 25.04 -30.13
CA GLY E 307 -20.03 25.81 -29.07
C GLY E 307 -19.01 25.03 -28.28
N PHE E 308 -19.31 23.75 -27.97
CA PHE E 308 -18.34 22.93 -27.26
C PHE E 308 -17.11 22.65 -28.13
N LEU E 309 -17.32 22.44 -29.43
CA LEU E 309 -16.18 22.24 -30.33
C LEU E 309 -15.33 23.50 -30.45
N ALA E 310 -15.96 24.68 -30.44
CA ALA E 310 -15.20 25.93 -30.45
C ALA E 310 -14.41 26.10 -29.15
N ILE E 311 -15.01 25.75 -28.01
CA ILE E 311 -14.30 25.82 -26.73
C ILE E 311 -13.12 24.84 -26.72
N GLY E 312 -13.34 23.62 -27.23
CA GLY E 312 -12.24 22.67 -27.32
C GLY E 312 -11.14 23.13 -28.25
N CYS E 313 -11.50 23.74 -29.37
CA CYS E 313 -10.52 24.22 -30.32
C CYS E 313 -9.72 25.39 -29.74
N VAL E 314 -10.37 26.30 -29.01
CA VAL E 314 -9.63 27.42 -28.43
C VAL E 314 -8.81 26.97 -27.23
N LEU E 315 -9.18 25.84 -26.60
CA LEU E 315 -8.29 25.28 -25.58
C LEU E 315 -7.09 24.56 -26.20
N VAL E 316 -7.28 23.88 -27.33
CA VAL E 316 -6.16 23.24 -28.02
C VAL E 316 -5.21 24.27 -28.62
N ILE E 317 -5.74 25.38 -29.14
CA ILE E 317 -4.93 26.33 -29.91
C ILE E 317 -3.86 27.00 -29.06
N ARG E 318 -4.02 27.02 -27.74
CA ARG E 318 -2.95 27.48 -26.87
C ARG E 318 -1.76 26.53 -26.89
N PHE E 319 -2.05 25.22 -26.92
CA PHE E 319 -0.99 24.22 -27.09
C PHE E 319 -0.43 24.25 -28.50
N PHE E 320 -1.28 24.55 -29.49
CA PHE E 320 -0.87 24.60 -30.88
C PHE E 320 0.10 25.75 -31.16
N THR E 321 0.04 26.80 -30.36
CA THR E 321 0.98 27.92 -30.48
C THR E 321 2.01 27.91 -29.36
CAD PGW F . -15.23 20.90 17.17
OAE PGW F . -14.61 19.80 17.78
OAF PGW F . -16.90 21.50 15.57
P PGW F . -18.83 18.33 15.16
C01 PGW F . -22.75 20.03 13.12
C1 PGW F . -21.01 21.60 11.52
O01 PGW F . -20.54 20.51 12.27
C02 PGW F . -21.46 19.49 12.51
C2 PGW F . -21.36 21.43 10.06
O02 PGW F . -21.13 22.67 12.03
C03 PGW F . -20.84 18.50 13.51
C3 PGW F . -22.67 22.18 9.80
O03 PGW F . -23.73 19.03 13.12
C04 PGW F . -17.33 19.56 16.91
C4 PGW F . -22.47 23.22 8.70
O04 PGW F . -24.68 20.08 11.38
C05 PGW F . -16.28 20.40 16.17
C5 PGW F . -23.80 23.52 8.01
C06 PGW F . -30.12 23.51 6.43
C6 PGW F . -24.90 23.78 9.04
C07 PGW F . -30.19 24.80 5.63
C7 PGW F . -26.26 23.85 8.35
C08 PGW F . -31.33 24.74 4.64
C8 PGW F . -27.04 22.58 8.61
C09 PGW F . -32.43 25.76 4.97
C9 PGW F . -28.23 22.50 7.64
C10 PGW F . -28.94 23.57 7.40
C11 PGW F . -31.82 27.12 5.29
O11 PGW F . -19.53 18.90 13.78
C12 PGW F . -32.60 28.21 4.56
O12 PGW F . -18.52 19.58 16.19
C13 PGW F . -32.40 29.54 5.29
O13 PGW F . -19.76 17.32 15.80
C14 PGW F . -32.95 29.45 6.71
O14 PGW F . -17.52 17.65 14.83
C15 PGW F . -33.70 19.10 8.37
C16 PGW F . -34.35 20.24 7.59
C17 PGW F . -35.14 21.14 8.55
C18 PGW F . -36.62 21.03 8.23
C19 PGW F . -24.78 19.26 12.23
C20 PGW F . -26.07 18.45 12.32
C21 PGW F . -27.25 19.33 11.93
C22 PGW F . -28.22 18.53 11.08
C23 PGW F . -27.76 18.53 9.63
C24 PGW F . -28.93 18.19 8.72
C25 PGW F . -29.88 19.40 8.67
C26 PGW F . -31.23 18.98 8.07
C27 PGW F . -32.34 19.56 8.92
C28 PGW F . -37.39 21.99 9.13
C29 PGW F . -39.12 22.14 10.92
C30 PGW F . -38.16 21.20 10.20
N DHL G . 17.13 12.71 23.61
CA DHL G . 16.52 11.74 24.51
CB DHL G . 17.36 11.66 25.78
SG DHL G . 16.69 10.35 26.84
CAD PGW H . -2.93 27.92 -13.25
OAE PGW H . -2.35 27.79 -11.98
OAF PGW H . -4.94 27.50 -14.49
P PGW H . -7.46 26.94 -11.79
C01 PGW H . -11.45 27.49 -14.29
C1 PGW H . -10.19 25.92 -16.28
O01 PGW H . -9.70 25.99 -14.98
C02 PGW H . -10.63 26.25 -13.97
C2 PGW H . -11.11 24.79 -16.71
O02 PGW H . -9.88 26.75 -17.08
C03 PGW H . -9.88 26.49 -12.67
C3 PGW H . -12.23 25.38 -17.56
O03 PGW H . -12.53 27.59 -13.42
C04 PGW H . -5.19 28.17 -12.20
C4 PGW H . -12.27 24.72 -18.93
O04 PGW H . -13.85 26.89 -15.08
C05 PGW H . -4.36 27.38 -13.22
C5 PGW H . -13.68 24.82 -19.51
C06 PGW H . -19.99 26.23 -20.35
C6 PGW H . -14.22 26.25 -19.40
C07 PGW H . -20.09 26.01 -21.85
C7 PGW H . -15.69 26.27 -19.80
C08 PGW H . -21.53 25.64 -22.23
C8 PGW H . -16.55 26.41 -18.54
C09 PGW H . -22.17 26.74 -23.08
C9 PGW H . -18.00 26.09 -18.89
C10 PGW H . -18.54 26.55 -20.00
C11 PGW H . -21.23 27.19 -24.20
O11 PGW H . -8.51 26.28 -12.87
C12 PGW H . -22.00 27.29 -25.51
O12 PGW H . -6.55 28.09 -12.53
C13 PGW H . -21.28 28.25 -26.45
O13 PGW H . -8.26 27.54 -10.66
C14 PGW H . -21.25 29.64 -25.83
O14 PGW H . -6.55 25.88 -11.25
C15 PGW H . -23.32 27.94 -15.68
C16 PGW H . -23.99 27.95 -17.06
C17 PGW H . -24.15 29.38 -17.55
C18 PGW H . -25.64 29.72 -17.63
C19 PGW H . -13.78 27.36 -14.00
C20 PGW H . -15.06 27.73 -13.26
C21 PGW H . -16.09 28.20 -14.28
C22 PGW H . -17.46 27.66 -13.91
C23 PGW H . -17.60 26.23 -14.44
C24 PGW H . -19.08 25.86 -14.53
C25 PGW H . -19.72 26.63 -15.69
C26 PGW H . -21.24 26.57 -15.59
C27 PGW H . -21.81 27.97 -15.84
C28 PGW H . -25.80 31.13 -18.20
C29 PGW H . -26.62 33.43 -17.71
C30 PGW H . -26.22 32.09 -17.09
CAD PGW I . -22.08 -11.92 18.27
OAE PGW I . -21.02 -12.72 17.82
OAF PGW I . -23.91 -10.57 17.51
P PGW I . -24.29 -11.63 13.95
C01 PGW I . -28.64 -9.96 13.08
C1 PGW I . -27.82 -7.62 14.44
O01 PGW I . -26.90 -8.59 14.00
C02 PGW I . -27.27 -9.33 12.89
C2 PGW I . -28.12 -6.39 13.61
O02 PGW I . -28.36 -7.75 15.49
C03 PGW I . -26.25 -10.45 12.69
C3 PGW I . -29.62 -6.16 13.63
O03 PGW I . -29.10 -10.48 11.86
C04 PGW I . -23.41 -12.52 16.23
C4 PGW I . -29.94 -4.76 14.16
O04 PGW I . -30.46 -8.71 11.70
C05 PGW I . -22.85 -11.37 17.06
C5 PGW I . -31.28 -4.30 13.62
C06 PGW I . -37.04 -4.10 10.57
C6 PGW I . -32.36 -5.38 13.82
C07 PGW I . -37.68 -2.94 11.32
C7 PGW I . -33.63 -4.98 13.09
C08 PGW I . -38.73 -2.27 10.44
C8 PGW I . -33.78 -5.80 11.82
C09 PGW I . -40.14 -2.45 11.01
C9 PGW I . -34.85 -5.17 10.93
C10 PGW I . -35.98 -4.74 11.46
C11 PGW I . -40.17 -2.17 12.52
O11 PGW I . -25.22 -10.31 13.62
C12 PGW I . -41.38 -1.29 12.85
O12 PGW I . -24.52 -12.10 15.51
C13 PGW I . -41.75 -1.48 14.31
O13 PGW I . -24.67 -12.73 12.99
C14 PGW I . -42.15 -2.94 14.56
O14 PGW I . -22.84 -11.28 13.76
C15 PGW I . -38.28 -8.06 6.25
C16 PGW I . -39.40 -7.09 6.65
C17 PGW I . -40.45 -7.82 7.47
C18 PGW I . -41.76 -7.86 6.68
C19 PGW I . -30.18 -9.79 11.30
C20 PGW I . -30.97 -10.40 10.16
C21 PGW I . -32.43 -9.98 10.30
C22 PGW I . -33.00 -9.65 8.93
C23 PGW I . -32.63 -8.22 8.54
C24 PGW I . -33.58 -7.73 7.46
C25 PGW I . -34.95 -7.48 8.08
C26 PGW I . -36.01 -7.33 6.98
C27 PGW I . -37.25 -8.13 7.37
C28 PGW I . -42.84 -8.52 7.54
C29 PGW I . -44.39 -10.47 7.68
C30 PGW I . -43.14 -9.92 6.99
N DHL J . 10.85 -14.16 26.37
CA DHL J . 10.76 -15.43 25.67
CB DHL J . 11.59 -16.47 26.41
SG DHL J . 11.61 -18.01 25.46
CAD PGW K . -14.06 -25.23 -11.47
OAE PGW K . -12.78 -24.87 -11.90
OAF PGW K . -16.33 -24.44 -11.33
P PGW K . -16.35 -21.59 -13.74
C01 PGW K . -21.02 -21.09 -14.36
C1 PGW K . -21.23 -21.40 -11.56
O01 PGW K . -20.00 -21.14 -12.18
C02 PGW K . -20.06 -20.42 -13.38
C2 PGW K . -22.06 -20.28 -10.96
O02 PGW K . -21.62 -22.52 -11.47
C03 PGW K . -18.67 -20.42 -14.00
C3 PGW K . -23.52 -20.53 -11.34
O03 PGW K . -21.25 -20.24 -15.45
C04 PGW K . -15.08 -23.82 -13.27
C4 PGW K . -24.39 -20.61 -10.09
O04 PGW K . -23.25 -19.78 -14.55
C05 PGW K . -15.04 -24.09 -11.77
C5 PGW K . -25.82 -20.23 -10.42
C06 PGW K . -31.22 -18.50 -13.65
C6 PGW K . -26.31 -20.99 -11.66
C07 PGW K . -32.26 -18.93 -12.63
C7 PGW K . -27.66 -20.44 -12.09
C08 PGW K . -33.53 -18.10 -12.82
C8 PGW K . -27.49 -19.57 -13.34
C09 PGW K . -34.70 -18.96 -13.29
C9 PGW K . -28.76 -18.75 -13.57
C10 PGW K . -29.95 -19.32 -13.43
C11 PGW K . -34.79 -20.27 -12.49
O11 PGW K . -17.77 -21.03 -13.12
C12 PGW K . -36.25 -20.52 -12.09
O12 PGW K . -16.29 -23.22 -13.63
C13 PGW K . -36.44 -22.00 -11.83
O13 PGW K . -16.25 -21.15 -15.19
C14 PGW K . -36.16 -22.81 -13.10
O14 PGW K . -15.19 -21.01 -12.98
C15 PGW K . -30.78 -16.08 -19.12
C16 PGW K . -32.19 -16.35 -18.58
C17 PGW K . -32.80 -17.56 -19.29
C18 PGW K . -33.99 -17.11 -20.13
C19 PGW K . -22.53 -19.70 -15.49
C20 PGW K . -23.04 -19.02 -16.76
C21 PGW K . -24.53 -19.30 -16.91
C22 PGW K . -25.24 -18.04 -17.39
C23 PGW K . -25.53 -17.13 -16.19
C24 PGW K . -26.65 -16.15 -16.57
C25 PGW K . -27.98 -16.91 -16.64
C26 PGW K . -29.03 -16.07 -17.35
C27 PGW K . -29.78 -16.94 -18.35
C28 PGW K . -34.64 -18.33 -20.77
C29 PGW K . -35.19 -19.43 -22.94
C30 PGW K . -34.33 -18.36 -22.26
N DHL L . 16.89 -26.88 2.46
CA DHL L . 17.33 -26.68 1.10
CB DHL L . 18.56 -27.54 0.83
SG DHL L . 19.20 -27.18 -0.82
CAD PGW M . -2.23 -0.56 -30.96
OAE PGW M . -1.24 0.21 -30.34
OAF PGW M . -4.60 -0.87 -31.13
P PGW M . -5.94 2.29 -29.67
C01 PGW M . -10.38 2.10 -31.29
C1 PGW M . -10.33 -0.64 -30.56
O01 PGW M . -9.36 0.27 -30.10
C02 PGW M . -9.77 1.60 -29.99
C2 PGW M . -11.55 -0.97 -29.71
O02 PGW M . -10.20 -1.16 -31.62
C03 PGW M . -8.54 2.46 -29.68
C3 PGW M . -12.76 -1.00 -30.62
O03 PGW M . -11.00 3.33 -31.08
C04 PGW M . -3.80 1.37 -30.87
C4 PGW M . -13.47 -2.36 -30.55
O04 PGW M . -12.97 2.27 -31.13
C05 PGW M . -3.61 -0.10 -30.50
C5 PGW M . -14.94 -2.20 -30.92
C06 PGW M . -20.66 0.29 -32.78
C6 PGW M . -15.10 -1.39 -32.20
C07 PGW M . -21.39 -1.00 -33.16
C7 PGW M . -16.57 -1.09 -32.45
C08 PGW M . -22.89 -0.82 -33.02
C8 PGW M . -16.84 0.38 -32.12
C09 PGW M . -23.59 -0.89 -34.39
C9 PGW M . -18.34 0.61 -32.02
C10 PGW M . -19.16 0.06 -32.89
C11 PGW M . -23.08 -2.08 -35.20
O11 PGW M . -7.44 1.62 -29.51
C12 PGW M . -24.26 -2.82 -35.81
O12 PGW M . -5.18 1.65 -30.98
C13 PGW M . -23.78 -3.60 -37.04
O13 PGW M . -6.09 3.79 -29.81
C14 PGW M . -23.24 -2.64 -38.09
O14 PGW M . -5.12 2.00 -28.44
C15 PGW M . -21.53 6.21 -32.69
C16 PGW M . -22.66 5.35 -33.25
C17 PGW M . -22.72 5.48 -34.77
C18 PGW M . -24.01 6.17 -35.17
C19 PGW M . -12.40 3.30 -31.15
C20 PGW M . -13.19 4.60 -31.25
C21 PGW M . -14.42 4.35 -32.12
C22 PGW M . -15.62 5.07 -31.52
C23 PGW M . -16.24 4.21 -30.42
C24 PGW M . -17.67 4.66 -30.17
C25 PGW M . -18.54 4.21 -31.35
C26 PGW M . -19.89 4.93 -31.31
C27 PGW M . -20.23 5.43 -32.71
C28 PGW M . -24.11 6.23 -36.69
C29 PGW M . -24.20 7.76 -38.65
C30 PGW M . -23.87 7.66 -37.16
N DHL N . 26.93 -7.83 -15.07
CA DHL N . 27.18 -6.42 -15.25
CB DHL N . 28.65 -6.22 -15.60
SG DHL N . 29.01 -4.44 -15.69
N DHL O . 27.07 16.62 -1.99
CA DHL O . 26.69 17.31 -0.78
CB DHL O . 27.91 17.99 -0.18
SG DHL O . 27.47 18.72 1.41
#